data_6BW6
#
_entry.id   6BW6
#
_cell.length_a   210.615
_cell.length_b   105.363
_cell.length_c   148.080
_cell.angle_alpha   90.00
_cell.angle_beta   103.49
_cell.angle_gamma   90.00
#
_symmetry.space_group_name_H-M   'C 1 2 1'
#
loop_
_entity.id
_entity.type
_entity.pdbx_description
1 polymer 'UDP-N-acetylglucosamine--dolichyl-phosphate N-acetylglucosaminephosphotransferase'
2 non-polymer Tunicamycin
3 non-polymer '(1R)-2-{[(S)-{[(2S)-2,3-dihydroxypropyl]oxy}(hydroxy)phosphoryl]oxy}-1-[(hexadecanoyloxy)methyl]ethyl (9Z)-octadec-9-enoate'
#
_entity_poly.entity_id   1
_entity_poly.type   'polypeptide(L)'
_entity_poly.pdbx_seq_one_letter_code
;MWAFSELPMPLLINLIVSLLGFVATVTLIPAFRGHFIAARLCGQDLNKTSRQQIPESQGVISGAVFLIILFCFIPFPFLN
CFVKEQCKAFPHHEFVALIGALLAICCMIFLGFADDVLNLRWRHKLLLHTAASLPLLMVYFTNFGNTTIVVPKPFRPILG
LHLDLGILYYVYMGLLAVFCTNAINILAGINGLEAGQSLVISASIIVFNLVELEGDCRDDHVFSLYFMIPFFFTTLGLLY
HNWYPSRVFVGDTFCYFAGMTFAVVGILGHFSKTMLLFFMPQVFNFLYSLPQLLHIIPCPRHRIPRLNIKTGKLEMSYSK
FKTKSLSFLGTFILKVAESLQLVTVHQSETEDGEFTECNNMTLINLLLKVLGPIHERNLTLLLLLLQILGSAITFSIRYQ
LVRLFYDVTNSLEVLFQ
;
_entity_poly.pdbx_strand_id   A,B,C,D
#
# COMPACT_ATOMS: atom_id res chain seq x y z
N PRO A 8 -52.72 9.22 -13.12
CA PRO A 8 -52.11 9.66 -14.38
C PRO A 8 -51.04 8.69 -14.90
N MET A 9 -50.73 8.77 -16.20
CA MET A 9 -49.67 7.93 -16.74
C MET A 9 -48.30 8.31 -16.21
N PRO A 10 -47.93 9.60 -16.14
CA PRO A 10 -46.60 9.94 -15.63
C PRO A 10 -46.33 9.38 -14.24
N LEU A 11 -47.26 9.56 -13.31
CA LEU A 11 -47.06 9.05 -11.95
C LEU A 11 -46.98 7.53 -11.93
N LEU A 12 -47.79 6.87 -12.75
CA LEU A 12 -47.76 5.40 -12.81
C LEU A 12 -46.39 4.91 -13.28
N ILE A 13 -45.91 5.44 -14.40
CA ILE A 13 -44.59 5.08 -14.90
C ILE A 13 -43.53 5.37 -13.84
N ASN A 14 -43.65 6.53 -13.18
CA ASN A 14 -42.73 6.90 -12.13
C ASN A 14 -42.67 5.81 -11.07
N LEU A 15 -43.84 5.35 -10.61
CA LEU A 15 -43.90 4.30 -9.59
C LEU A 15 -43.25 3.02 -10.10
N ILE A 16 -43.50 2.65 -11.35
CA ILE A 16 -42.90 1.43 -11.91
C ILE A 16 -41.38 1.51 -11.84
N VAL A 17 -40.81 2.54 -12.46
CA VAL A 17 -39.36 2.67 -12.50
C VAL A 17 -38.81 2.81 -11.08
N SER A 18 -39.59 3.37 -10.15
CA SER A 18 -39.13 3.51 -8.78
C SER A 18 -38.98 2.15 -8.10
N LEU A 19 -39.98 1.28 -8.27
CA LEU A 19 -39.86 -0.08 -7.72
C LEU A 19 -38.68 -0.82 -8.34
N LEU A 20 -38.56 -0.74 -9.66
CA LEU A 20 -37.42 -1.38 -10.32
C LEU A 20 -36.10 -0.84 -9.77
N GLY A 21 -36.04 0.46 -9.48
CA GLY A 21 -34.83 1.03 -8.91
C GLY A 21 -34.56 0.54 -7.50
N PHE A 22 -35.61 0.35 -6.70
CA PHE A 22 -35.45 -0.27 -5.39
C PHE A 22 -34.78 -1.63 -5.52
N VAL A 23 -35.31 -2.47 -6.42
CA VAL A 23 -34.69 -3.77 -6.66
C VAL A 23 -33.23 -3.58 -7.07
N ALA A 24 -32.96 -2.63 -7.97
CA ALA A 24 -31.60 -2.40 -8.44
C ALA A 24 -30.66 -2.07 -7.29
N THR A 25 -31.11 -1.22 -6.35
CA THR A 25 -30.27 -0.83 -5.22
C THR A 25 -29.99 -2.03 -4.32
N VAL A 26 -31.04 -2.74 -3.92
CA VAL A 26 -30.87 -3.88 -3.02
C VAL A 26 -29.93 -4.90 -3.66
N THR A 27 -30.01 -5.06 -4.97
CA THR A 27 -29.13 -6.02 -5.64
C THR A 27 -27.70 -5.51 -5.75
N LEU A 28 -27.53 -4.22 -6.04
CA LEU A 28 -26.21 -3.69 -6.35
C LEU A 28 -25.35 -3.50 -5.11
N ILE A 29 -25.94 -3.22 -3.95
CA ILE A 29 -25.12 -2.96 -2.77
C ILE A 29 -24.16 -4.11 -2.52
N PRO A 30 -24.62 -5.36 -2.39
CA PRO A 30 -23.67 -6.44 -2.12
C PRO A 30 -22.73 -6.73 -3.29
N ALA A 31 -23.16 -6.48 -4.53
CA ALA A 31 -22.32 -6.77 -5.67
C ALA A 31 -21.04 -5.94 -5.65
N PHE A 32 -21.12 -4.69 -5.19
CA PHE A 32 -19.99 -3.78 -5.18
C PHE A 32 -19.26 -3.74 -3.84
N ARG A 33 -19.65 -4.57 -2.87
CA ARG A 33 -19.02 -4.53 -1.56
C ARG A 33 -17.51 -4.70 -1.67
N GLY A 34 -17.06 -5.65 -2.48
CA GLY A 34 -15.64 -5.87 -2.64
C GLY A 34 -14.91 -4.62 -3.13
N HIS A 35 -15.53 -3.90 -4.07
CA HIS A 35 -14.93 -2.67 -4.56
C HIS A 35 -14.69 -1.69 -3.42
N PHE A 36 -15.74 -1.36 -2.68
CA PHE A 36 -15.61 -0.40 -1.58
C PHE A 36 -14.55 -0.86 -0.57
N ILE A 37 -14.61 -2.14 -0.17
CA ILE A 37 -13.65 -2.65 0.81
C ILE A 37 -12.23 -2.49 0.30
N ALA A 38 -12.00 -2.81 -0.97
CA ALA A 38 -10.67 -2.68 -1.54
C ALA A 38 -10.21 -1.23 -1.58
N ALA A 39 -11.15 -0.29 -1.69
CA ALA A 39 -10.82 1.13 -1.78
C ALA A 39 -10.62 1.80 -0.42
N ARG A 40 -10.70 1.04 0.67
CA ARG A 40 -10.57 1.59 2.01
C ARG A 40 -11.68 2.58 2.35
N LEU A 41 -12.82 2.48 1.68
CA LEU A 41 -13.99 3.31 1.97
C LEU A 41 -14.86 2.54 2.98
N CYS A 42 -14.45 2.58 4.24
CA CYS A 42 -15.14 1.82 5.27
C CYS A 42 -14.88 2.44 6.63
N GLY A 43 -15.73 2.09 7.57
CA GLY A 43 -15.62 2.58 8.94
C GLY A 43 -16.11 1.55 9.92
N GLN A 44 -15.62 1.65 11.15
CA GLN A 44 -15.99 0.70 12.20
C GLN A 44 -17.27 1.14 12.91
N ASP A 45 -18.04 0.16 13.37
CA ASP A 45 -19.27 0.43 14.10
C ASP A 45 -18.90 0.90 15.50
N LEU A 46 -18.93 2.22 15.71
CA LEU A 46 -18.49 2.78 16.98
C LEU A 46 -19.40 2.38 18.14
N ASN A 47 -20.68 2.10 17.86
CA ASN A 47 -21.64 1.73 18.88
C ASN A 47 -21.85 0.22 18.97
N LYS A 48 -20.81 -0.56 18.65
CA LYS A 48 -20.87 -2.00 18.75
C LYS A 48 -19.52 -2.52 19.22
N THR A 49 -19.53 -3.73 19.79
CA THR A 49 -18.31 -4.30 20.34
C THR A 49 -17.33 -4.66 19.23
N SER A 50 -17.80 -5.34 18.19
CA SER A 50 -16.93 -5.75 17.10
C SER A 50 -16.24 -4.54 16.49
N ARG A 51 -15.02 -4.76 15.99
CA ARG A 51 -14.18 -3.70 15.45
C ARG A 51 -13.92 -3.87 13.96
N GLN A 52 -14.70 -4.70 13.28
CA GLN A 52 -14.53 -4.88 11.84
C GLN A 52 -14.85 -3.59 11.11
N GLN A 53 -14.47 -3.55 9.83
CA GLN A 53 -14.80 -2.44 8.96
C GLN A 53 -16.12 -2.71 8.26
N ILE A 54 -16.83 -1.63 7.94
CA ILE A 54 -18.14 -1.71 7.29
C ILE A 54 -18.15 -0.76 6.10
N PRO A 55 -18.64 -1.17 4.95
CA PRO A 55 -18.67 -0.28 3.77
C PRO A 55 -19.23 1.10 4.11
N GLU A 56 -18.46 2.12 3.74
CA GLU A 56 -18.85 3.51 3.96
C GLU A 56 -19.32 4.14 2.66
N SER A 57 -20.06 5.23 2.78
CA SER A 57 -20.57 5.97 1.62
C SER A 57 -21.30 5.05 0.65
N GLN A 58 -22.13 4.16 1.20
CA GLN A 58 -22.94 3.30 0.33
C GLN A 58 -24.00 4.09 -0.41
N GLY A 59 -24.43 5.21 0.15
CA GLY A 59 -25.40 6.06 -0.50
C GLY A 59 -25.10 6.24 -1.98
N VAL A 60 -23.81 6.32 -2.32
CA VAL A 60 -23.41 6.55 -3.71
C VAL A 60 -24.19 5.63 -4.63
N ILE A 61 -24.16 4.32 -4.36
CA ILE A 61 -24.89 3.37 -5.21
C ILE A 61 -26.33 3.83 -5.34
N SER A 62 -27.04 3.90 -4.21
CA SER A 62 -28.41 4.40 -4.24
C SER A 62 -28.48 5.70 -5.01
N GLY A 63 -27.67 6.68 -4.61
CA GLY A 63 -27.65 7.94 -5.32
C GLY A 63 -27.53 7.75 -6.82
N ALA A 64 -26.52 6.99 -7.25
CA ALA A 64 -26.36 6.71 -8.67
C ALA A 64 -27.68 6.22 -9.26
N VAL A 65 -28.21 5.14 -8.68
CA VAL A 65 -29.47 4.58 -9.18
C VAL A 65 -30.52 5.68 -9.30
N PHE A 66 -30.67 6.49 -8.24
CA PHE A 66 -31.63 7.58 -8.28
C PHE A 66 -31.49 8.37 -9.57
N LEU A 67 -30.30 8.92 -9.81
CA LEU A 67 -30.07 9.69 -11.03
C LEU A 67 -30.53 8.89 -12.24
N ILE A 68 -30.04 7.65 -12.37
CA ILE A 68 -30.39 6.78 -13.50
C ILE A 68 -31.89 6.90 -13.72
N ILE A 69 -32.65 6.61 -12.68
CA ILE A 69 -34.11 6.59 -12.79
C ILE A 69 -34.60 7.88 -13.43
N LEU A 70 -34.28 9.02 -12.82
CA LEU A 70 -34.78 10.28 -13.34
C LEU A 70 -34.29 10.52 -14.76
N PHE A 71 -33.03 10.20 -15.04
CA PHE A 71 -32.52 10.39 -16.39
C PHE A 71 -33.39 9.66 -17.40
N CYS A 72 -33.91 8.49 -17.03
CA CYS A 72 -34.76 7.73 -17.95
C CYS A 72 -36.21 8.19 -17.91
N PHE A 73 -36.64 8.85 -16.83
CA PHE A 73 -38.04 9.19 -16.65
C PHE A 73 -38.39 10.58 -17.17
N ILE A 74 -37.41 11.42 -17.47
CA ILE A 74 -37.63 12.78 -17.93
C ILE A 74 -38.65 12.83 -19.07
N PRO A 75 -38.59 11.92 -20.06
CA PRO A 75 -39.44 12.11 -21.25
C PRO A 75 -40.91 11.85 -21.00
N PHE A 76 -41.24 10.90 -20.14
CA PHE A 76 -42.63 10.45 -20.04
C PHE A 76 -43.61 11.57 -19.70
N PRO A 77 -43.30 12.50 -18.81
CA PRO A 77 -44.23 13.63 -18.59
C PRO A 77 -44.49 14.47 -19.84
N PHE A 78 -43.62 14.42 -20.85
CA PHE A 78 -43.72 15.29 -22.01
C PHE A 78 -44.15 14.56 -23.28
N LEU A 79 -44.77 13.39 -23.15
CA LEU A 79 -45.24 12.65 -24.32
C LEU A 79 -46.28 13.46 -25.07
N ASN A 80 -45.95 13.90 -26.28
CA ASN A 80 -46.81 14.78 -27.07
C ASN A 80 -47.26 15.98 -26.25
N CYS A 81 -46.25 16.70 -25.74
CA CYS A 81 -46.49 17.90 -24.93
C CYS A 81 -45.68 19.06 -25.46
N ALA A 89 -44.28 23.92 -30.00
CA ALA A 89 -43.84 24.81 -28.93
C ALA A 89 -43.60 24.04 -27.63
N PHE A 90 -42.46 23.37 -27.55
CA PHE A 90 -42.13 22.57 -26.38
C PHE A 90 -42.08 23.45 -25.14
N PRO A 91 -42.55 22.96 -23.97
CA PRO A 91 -42.46 23.75 -22.73
C PRO A 91 -41.10 23.63 -22.05
N HIS A 92 -40.15 24.43 -22.54
CA HIS A 92 -38.77 24.30 -22.08
C HIS A 92 -38.61 24.63 -20.59
N HIS A 93 -39.57 25.32 -19.97
CA HIS A 93 -39.38 25.78 -18.60
C HIS A 93 -39.56 24.65 -17.58
N GLU A 94 -40.57 23.79 -17.75
CA GLU A 94 -40.71 22.63 -16.88
C GLU A 94 -39.51 21.70 -17.02
N PHE A 95 -39.09 21.45 -18.26
CA PHE A 95 -37.90 20.64 -18.51
C PHE A 95 -36.66 21.28 -17.88
N VAL A 96 -36.58 22.61 -17.90
CA VAL A 96 -35.50 23.32 -17.23
C VAL A 96 -35.53 23.03 -15.74
N ALA A 97 -36.72 23.10 -15.13
CA ALA A 97 -36.84 22.78 -13.72
C ALA A 97 -36.31 21.39 -13.43
N LEU A 98 -36.74 20.40 -14.21
CA LEU A 98 -36.28 19.03 -14.01
C LEU A 98 -34.76 18.92 -14.11
N ILE A 99 -34.19 19.43 -15.19
CA ILE A 99 -32.75 19.26 -15.42
C ILE A 99 -31.94 20.02 -14.38
N GLY A 100 -32.37 21.23 -14.00
CA GLY A 100 -31.66 21.97 -12.98
C GLY A 100 -31.69 21.29 -11.63
N ALA A 101 -32.85 20.76 -11.25
CA ALA A 101 -32.94 20.01 -10.01
C ALA A 101 -32.05 18.79 -10.04
N LEU A 102 -32.03 18.06 -11.16
CA LEU A 102 -31.14 16.92 -11.29
C LEU A 102 -29.68 17.33 -11.18
N LEU A 103 -29.32 18.49 -11.74
CA LEU A 103 -27.96 18.99 -11.61
C LEU A 103 -27.61 19.23 -10.16
N ALA A 104 -28.50 19.90 -9.43
CA ALA A 104 -28.22 20.15 -8.02
C ALA A 104 -28.03 18.84 -7.26
N ILE A 105 -28.95 17.89 -7.44
CA ILE A 105 -28.88 16.62 -6.72
C ILE A 105 -27.59 15.85 -7.07
N CYS A 106 -27.31 15.71 -8.37
CA CYS A 106 -26.10 15.02 -8.80
C CYS A 106 -24.86 15.67 -8.20
N CYS A 107 -24.77 16.99 -8.31
CA CYS A 107 -23.65 17.71 -7.72
C CYS A 107 -23.53 17.39 -6.24
N MET A 108 -24.67 17.26 -5.55
CA MET A 108 -24.61 17.04 -4.11
C MET A 108 -24.18 15.62 -3.77
N ILE A 109 -24.70 14.62 -4.48
CA ILE A 109 -24.24 13.23 -4.30
C ILE A 109 -22.74 13.15 -4.52
N PHE A 110 -22.30 13.69 -5.65
CA PHE A 110 -20.88 13.70 -5.99
C PHE A 110 -20.06 14.37 -4.89
N LEU A 111 -20.53 15.52 -4.38
CA LEU A 111 -19.80 16.20 -3.32
C LEU A 111 -19.74 15.37 -2.06
N GLY A 112 -20.83 14.69 -1.70
CA GLY A 112 -20.82 13.88 -0.50
C GLY A 112 -19.83 12.73 -0.60
N PHE A 113 -19.87 12.01 -1.71
CA PHE A 113 -18.93 10.91 -1.94
C PHE A 113 -17.48 11.42 -1.90
N ALA A 114 -17.20 12.50 -2.63
CA ALA A 114 -15.89 13.13 -2.56
C ALA A 114 -15.51 13.44 -1.11
N ASP A 115 -16.39 14.12 -0.39
CA ASP A 115 -16.10 14.53 0.98
C ASP A 115 -15.74 13.33 1.85
N ASP A 116 -16.51 12.25 1.73
CA ASP A 116 -16.24 11.07 2.54
C ASP A 116 -14.87 10.50 2.24
N VAL A 117 -14.50 10.42 0.96
CA VAL A 117 -13.17 9.88 0.64
C VAL A 117 -12.07 10.82 1.12
N LEU A 118 -12.27 12.14 0.96
CA LEU A 118 -11.22 13.11 1.21
C LEU A 118 -11.24 13.66 2.63
N ASN A 119 -12.39 13.65 3.31
CA ASN A 119 -12.52 14.20 4.65
C ASN A 119 -12.16 15.69 4.67
N LEU A 120 -13.01 16.46 3.98
CA LEU A 120 -12.81 17.89 3.83
C LEU A 120 -13.19 18.64 5.10
N ARG A 121 -12.54 19.78 5.32
CA ARG A 121 -12.85 20.62 6.46
C ARG A 121 -14.21 21.29 6.27
N TRP A 122 -14.75 21.81 7.36
CA TRP A 122 -16.09 22.38 7.33
C TRP A 122 -16.20 23.53 6.33
N ARG A 123 -15.16 24.38 6.25
CA ARG A 123 -15.17 25.50 5.31
C ARG A 123 -15.34 25.02 3.87
N HIS A 124 -14.51 24.06 3.44
CA HIS A 124 -14.68 23.45 2.12
C HIS A 124 -16.12 23.00 1.92
N LYS A 125 -16.62 22.23 2.87
CA LYS A 125 -17.99 21.72 2.79
C LYS A 125 -18.97 22.84 2.48
N LEU A 126 -18.93 23.91 3.27
CA LEU A 126 -19.91 24.99 3.13
C LEU A 126 -19.80 25.65 1.77
N LEU A 127 -18.57 25.96 1.33
CA LEU A 127 -18.42 26.62 0.04
C LEU A 127 -19.02 25.76 -1.07
N LEU A 128 -18.66 24.47 -1.09
CA LEU A 128 -19.17 23.60 -2.15
C LEU A 128 -20.68 23.43 -2.04
N HIS A 129 -21.22 23.41 -0.82
CA HIS A 129 -22.67 23.36 -0.65
C HIS A 129 -23.34 24.56 -1.33
N THR A 130 -22.83 25.76 -1.08
CA THR A 130 -23.40 26.96 -1.68
C THR A 130 -23.30 26.93 -3.20
N ALA A 131 -22.10 26.63 -3.72
CA ALA A 131 -21.91 26.60 -5.16
C ALA A 131 -22.83 25.59 -5.82
N ALA A 132 -22.99 24.41 -5.21
CA ALA A 132 -23.88 23.40 -5.77
C ALA A 132 -25.34 23.75 -5.54
N SER A 133 -25.64 24.68 -4.64
CA SER A 133 -27.03 25.09 -4.43
C SER A 133 -27.47 26.14 -5.44
N LEU A 134 -26.54 26.91 -5.98
CA LEU A 134 -26.90 27.95 -6.96
C LEU A 134 -27.90 27.49 -8.02
N PRO A 135 -27.78 26.31 -8.65
CA PRO A 135 -28.76 25.90 -9.67
C PRO A 135 -30.21 26.00 -9.24
N LEU A 136 -30.51 25.69 -7.98
CA LEU A 136 -31.88 25.84 -7.49
C LEU A 136 -32.33 27.29 -7.61
N LEU A 137 -31.46 28.23 -7.26
CA LEU A 137 -31.79 29.65 -7.38
C LEU A 137 -31.97 30.04 -8.85
N MET A 138 -31.10 29.50 -9.73
CA MET A 138 -31.27 29.73 -11.16
C MET A 138 -32.66 29.35 -11.62
N VAL A 139 -33.04 28.09 -11.39
CA VAL A 139 -34.33 27.59 -11.83
C VAL A 139 -35.46 28.40 -11.21
N TYR A 140 -35.37 28.64 -9.89
CA TYR A 140 -36.43 29.39 -9.21
C TYR A 140 -36.63 30.76 -9.83
N PHE A 141 -35.53 31.46 -10.15
CA PHE A 141 -35.66 32.79 -10.73
C PHE A 141 -36.24 32.73 -12.13
N THR A 142 -35.73 31.83 -12.97
CA THR A 142 -36.16 31.81 -14.37
C THR A 142 -37.59 31.35 -14.51
N ASN A 143 -38.03 30.39 -13.69
CA ASN A 143 -39.36 29.81 -13.84
C ASN A 143 -40.41 30.51 -12.97
N PHE A 144 -40.13 30.70 -11.68
CA PHE A 144 -41.12 31.25 -10.76
C PHE A 144 -40.78 32.66 -10.27
N GLY A 145 -39.63 32.82 -9.61
CA GLY A 145 -39.11 34.13 -9.28
C GLY A 145 -39.99 35.01 -8.42
N ASN A 146 -40.70 34.43 -7.45
CA ASN A 146 -41.51 35.20 -6.51
C ASN A 146 -40.74 35.36 -5.20
N THR A 147 -40.67 36.58 -4.70
CA THR A 147 -39.88 36.91 -3.52
C THR A 147 -40.68 37.73 -2.51
N THR A 148 -41.97 37.40 -2.34
CA THR A 148 -42.83 38.11 -1.41
C THR A 148 -43.39 37.14 -0.38
N ILE A 149 -43.37 37.55 0.89
CA ILE A 149 -43.95 36.78 1.97
C ILE A 149 -44.97 37.65 2.67
N VAL A 150 -45.99 37.02 3.25
CA VAL A 150 -47.06 37.74 3.93
C VAL A 150 -46.50 38.37 5.20
N VAL A 151 -46.77 39.66 5.38
CA VAL A 151 -46.30 40.39 6.55
C VAL A 151 -47.04 41.72 6.68
N HIS A 162 -47.96 41.98 3.52
CA HIS A 162 -47.16 41.46 2.42
C HIS A 162 -45.92 42.32 2.20
N LEU A 163 -44.75 41.76 2.52
CA LEU A 163 -43.47 42.40 2.30
C LEU A 163 -42.70 41.66 1.20
N ASP A 164 -42.05 42.43 0.33
CA ASP A 164 -41.23 41.87 -0.73
C ASP A 164 -39.81 41.71 -0.21
N LEU A 165 -39.39 40.46 0.02
CA LEU A 165 -38.09 40.20 0.62
C LEU A 165 -36.96 40.58 -0.32
N GLY A 166 -37.13 40.35 -1.61
CA GLY A 166 -36.08 40.66 -2.57
C GLY A 166 -34.94 39.66 -2.53
N ILE A 167 -33.71 40.15 -2.72
CA ILE A 167 -32.56 39.27 -2.80
C ILE A 167 -32.48 38.36 -1.58
N LEU A 168 -32.85 38.87 -0.41
CA LEU A 168 -32.75 38.08 0.82
C LEU A 168 -33.51 36.77 0.69
N TYR A 169 -34.66 36.78 0.01
CA TYR A 169 -35.40 35.54 -0.22
C TYR A 169 -34.47 34.48 -0.76
N TYR A 170 -33.75 34.79 -1.84
CA TYR A 170 -32.79 33.84 -2.39
C TYR A 170 -31.83 33.36 -1.31
N VAL A 171 -31.21 34.29 -0.59
CA VAL A 171 -30.34 33.90 0.53
C VAL A 171 -31.03 32.86 1.39
N TYR A 172 -32.25 33.16 1.83
CA TYR A 172 -33.01 32.21 2.63
C TYR A 172 -32.97 30.83 2.01
N MET A 173 -33.45 30.71 0.76
CA MET A 173 -33.43 29.42 0.08
C MET A 173 -32.03 28.81 0.14
N GLY A 174 -31.02 29.58 -0.26
CA GLY A 174 -29.65 29.13 -0.15
C GLY A 174 -29.41 28.50 1.20
N LEU A 175 -29.56 29.29 2.27
CA LEU A 175 -29.37 28.76 3.61
C LEU A 175 -30.19 27.49 3.81
N LEU A 176 -31.48 27.56 3.47
CA LEU A 176 -32.34 26.39 3.59
C LEU A 176 -31.66 25.17 2.98
N ALA A 177 -31.24 25.28 1.72
CA ALA A 177 -30.52 24.20 1.06
C ALA A 177 -29.39 23.69 1.95
N VAL A 178 -28.45 24.57 2.31
CA VAL A 178 -27.36 24.19 3.18
C VAL A 178 -27.90 23.45 4.40
N PHE A 179 -28.86 24.06 5.08
CA PHE A 179 -29.46 23.44 6.26
C PHE A 179 -29.86 22.00 5.97
N CYS A 180 -30.68 21.80 4.93
CA CYS A 180 -31.19 20.47 4.64
C CYS A 180 -30.05 19.47 4.44
N THR A 181 -28.96 19.92 3.82
CA THR A 181 -27.85 19.01 3.57
C THR A 181 -27.14 18.64 4.87
N ASN A 182 -26.97 19.61 5.78
CA ASN A 182 -26.20 19.39 6.98
C ASN A 182 -27.04 18.95 8.16
N ALA A 183 -28.28 19.43 8.27
CA ALA A 183 -29.14 19.04 9.38
C ALA A 183 -29.22 17.53 9.49
N ILE A 184 -29.73 16.87 8.45
CA ILE A 184 -29.83 15.41 8.47
C ILE A 184 -28.48 14.80 8.80
N ASN A 185 -27.40 15.43 8.36
CA ASN A 185 -26.06 14.87 8.61
C ASN A 185 -25.75 14.83 10.10
N ILE A 186 -26.06 15.90 10.83
CA ILE A 186 -25.65 15.96 12.23
C ILE A 186 -26.52 15.06 13.09
N LEU A 187 -27.77 14.82 12.68
CA LEU A 187 -28.64 13.88 13.40
C LEU A 187 -28.36 12.48 12.85
N ALA A 188 -27.23 11.92 13.27
CA ALA A 188 -26.81 10.61 12.83
C ALA A 188 -26.01 9.96 13.95
N GLY A 189 -25.49 8.77 13.68
CA GLY A 189 -24.61 8.10 14.63
C GLY A 189 -25.07 6.73 15.06
N ILE A 190 -26.37 6.57 15.29
CA ILE A 190 -26.93 5.28 15.69
C ILE A 190 -27.37 4.53 14.45
N ASN A 191 -27.36 3.21 14.54
CA ASN A 191 -27.57 2.35 13.39
C ASN A 191 -28.96 2.55 12.79
N GLY A 192 -29.00 2.91 11.51
CA GLY A 192 -30.24 2.97 10.75
C GLY A 192 -31.02 4.26 10.86
N LEU A 193 -30.52 5.25 11.59
CA LEU A 193 -31.30 6.46 11.84
C LEU A 193 -31.41 7.33 10.59
N GLU A 194 -30.27 7.60 9.94
CA GLU A 194 -30.24 8.58 8.86
C GLU A 194 -31.30 8.27 7.80
N ALA A 195 -31.16 7.11 7.15
CA ALA A 195 -32.10 6.73 6.11
C ALA A 195 -33.52 6.62 6.66
N GLY A 196 -33.67 6.26 7.93
CA GLY A 196 -34.97 6.14 8.55
C GLY A 196 -35.75 7.44 8.61
N GLN A 197 -35.15 8.46 9.25
CA GLN A 197 -35.77 9.78 9.28
C GLN A 197 -35.94 10.33 7.87
N SER A 198 -34.97 10.09 6.98
CA SER A 198 -35.12 10.55 5.61
C SER A 198 -36.38 9.95 4.98
N LEU A 199 -36.62 8.65 5.20
CA LEU A 199 -37.79 8.00 4.63
C LEU A 199 -39.08 8.53 5.23
N VAL A 200 -39.10 8.73 6.55
CA VAL A 200 -40.30 9.27 7.19
C VAL A 200 -40.64 10.63 6.59
N ILE A 201 -39.64 11.50 6.47
CA ILE A 201 -39.87 12.84 5.92
C ILE A 201 -40.35 12.75 4.47
N SER A 202 -39.69 11.93 3.67
CA SER A 202 -40.09 11.79 2.28
C SER A 202 -41.53 11.31 2.16
N ALA A 203 -41.92 10.34 2.98
CA ALA A 203 -43.29 9.83 2.94
C ALA A 203 -44.29 10.91 3.34
N SER A 204 -43.98 11.68 4.39
CA SER A 204 -44.87 12.76 4.79
C SER A 204 -45.05 13.77 3.66
N ILE A 205 -43.95 14.16 3.01
CA ILE A 205 -44.04 15.10 1.91
C ILE A 205 -44.84 14.52 0.75
N ILE A 206 -44.71 13.20 0.52
CA ILE A 206 -45.49 12.54 -0.53
C ILE A 206 -46.97 12.65 -0.24
N VAL A 207 -47.37 12.33 1.00
CA VAL A 207 -48.77 12.43 1.38
C VAL A 207 -49.28 13.85 1.20
N PHE A 208 -48.50 14.83 1.68
CA PHE A 208 -48.88 16.23 1.53
C PHE A 208 -49.07 16.59 0.06
N ASN A 209 -48.17 16.11 -0.80
CA ASN A 209 -48.30 16.38 -2.24
C ASN A 209 -49.58 15.80 -2.79
N LEU A 210 -49.89 14.55 -2.42
CA LEU A 210 -51.09 13.91 -2.94
C LEU A 210 -52.35 14.64 -2.47
N VAL A 211 -52.37 15.07 -1.21
CA VAL A 211 -53.51 15.82 -0.71
C VAL A 211 -53.68 17.12 -1.50
N GLU A 212 -52.60 17.90 -1.60
CA GLU A 212 -52.67 19.18 -2.29
C GLU A 212 -52.83 19.05 -3.80
N LEU A 213 -52.70 17.84 -4.34
CA LEU A 213 -52.88 17.65 -5.78
C LEU A 213 -54.27 18.07 -6.22
N GLU A 214 -55.30 17.67 -5.49
CA GLU A 214 -56.66 18.04 -5.83
C GLU A 214 -56.93 19.53 -5.60
N GLY A 215 -56.08 20.20 -4.83
CA GLY A 215 -56.28 21.61 -4.54
C GLY A 215 -55.95 22.52 -5.71
N ASP A 216 -55.72 23.80 -5.41
CA ASP A 216 -55.41 24.77 -6.46
C ASP A 216 -54.03 24.53 -7.05
N CYS A 217 -53.02 24.40 -6.19
CA CYS A 217 -51.64 24.18 -6.63
C CYS A 217 -51.43 22.69 -6.84
N ARG A 218 -51.40 22.26 -8.11
CA ARG A 218 -51.25 20.85 -8.46
C ARG A 218 -49.94 20.54 -9.16
N ASP A 219 -49.46 21.41 -10.05
CA ASP A 219 -48.24 21.12 -10.78
C ASP A 219 -47.02 21.08 -9.87
N ASP A 220 -46.95 22.02 -8.91
CA ASP A 220 -45.84 22.02 -7.96
C ASP A 220 -45.77 20.71 -7.19
N HIS A 221 -46.92 20.21 -6.73
CA HIS A 221 -46.92 19.02 -5.90
C HIS A 221 -46.71 17.75 -6.72
N VAL A 222 -47.12 17.73 -7.99
CA VAL A 222 -46.80 16.58 -8.83
C VAL A 222 -45.31 16.58 -9.18
N PHE A 223 -44.70 17.77 -9.27
CA PHE A 223 -43.24 17.85 -9.40
C PHE A 223 -42.56 17.27 -8.16
N SER A 224 -43.00 17.72 -6.98
CA SER A 224 -42.48 17.17 -5.73
C SER A 224 -42.62 15.65 -5.71
N LEU A 225 -43.75 15.13 -6.21
CA LEU A 225 -43.94 13.68 -6.29
C LEU A 225 -42.92 13.04 -7.23
N TYR A 226 -42.79 13.60 -8.44
CA TYR A 226 -41.79 13.12 -9.40
C TYR A 226 -40.45 12.90 -8.72
N PHE A 227 -40.03 13.86 -7.89
CA PHE A 227 -38.72 13.72 -7.25
C PHE A 227 -38.75 12.91 -5.96
N MET A 228 -39.91 12.75 -5.32
CA MET A 228 -39.98 12.11 -4.02
C MET A 228 -40.17 10.60 -4.09
N ILE A 229 -40.98 10.10 -5.03
CA ILE A 229 -41.28 8.67 -5.06
C ILE A 229 -39.99 7.88 -5.28
N PRO A 230 -39.20 8.18 -6.33
CA PRO A 230 -37.96 7.41 -6.52
C PRO A 230 -36.99 7.56 -5.38
N PHE A 231 -36.86 8.76 -4.82
CA PHE A 231 -36.04 8.94 -3.64
C PHE A 231 -36.50 8.03 -2.52
N PHE A 232 -37.81 7.99 -2.27
CA PHE A 232 -38.32 7.13 -1.21
C PHE A 232 -37.90 5.68 -1.43
N PHE A 233 -38.16 5.14 -2.62
CA PHE A 233 -37.91 3.71 -2.83
C PHE A 233 -36.42 3.39 -2.82
N THR A 234 -35.58 4.25 -3.41
CA THR A 234 -34.14 4.00 -3.39
C THR A 234 -33.57 4.08 -1.98
N THR A 235 -33.94 5.14 -1.24
CA THR A 235 -33.54 5.23 0.16
C THR A 235 -34.02 4.03 0.96
N LEU A 236 -35.18 3.46 0.58
CA LEU A 236 -35.64 2.23 1.22
C LEU A 236 -34.69 1.08 0.94
N GLY A 237 -34.29 0.93 -0.33
CA GLY A 237 -33.31 -0.08 -0.67
C GLY A 237 -32.03 0.06 0.15
N LEU A 238 -31.60 1.29 0.38
CA LEU A 238 -30.40 1.51 1.18
C LEU A 238 -30.63 1.18 2.65
N LEU A 239 -31.78 1.57 3.19
CA LEU A 239 -32.08 1.26 4.59
C LEU A 239 -32.18 -0.23 4.81
N TYR A 240 -32.56 -0.99 3.78
CA TYR A 240 -32.62 -2.45 3.93
C TYR A 240 -31.31 -2.99 4.49
N HIS A 241 -30.18 -2.52 3.94
CA HIS A 241 -28.88 -2.93 4.45
C HIS A 241 -28.46 -2.13 5.68
N ASN A 242 -28.90 -0.88 5.79
CA ASN A 242 -28.42 -0.03 6.89
C ASN A 242 -29.11 -0.29 8.23
N TRP A 243 -30.12 -1.16 8.28
CA TRP A 243 -30.85 -1.36 9.53
C TRP A 243 -30.09 -2.27 10.48
N TYR A 244 -30.30 -2.02 11.77
CA TYR A 244 -29.57 -2.74 12.81
C TYR A 244 -29.75 -4.25 12.65
N PRO A 245 -28.68 -5.05 12.66
CA PRO A 245 -27.26 -4.66 12.64
C PRO A 245 -26.84 -4.03 11.31
N SER A 246 -26.21 -2.86 11.37
CA SER A 246 -25.82 -2.13 10.18
C SER A 246 -24.73 -2.89 9.44
N ARG A 247 -25.08 -3.47 8.29
CA ARG A 247 -24.07 -4.06 7.42
C ARG A 247 -23.39 -3.03 6.53
N VAL A 248 -23.95 -1.83 6.42
CA VAL A 248 -23.40 -0.76 5.61
C VAL A 248 -23.61 0.57 6.32
N PHE A 249 -22.91 1.60 5.84
CA PHE A 249 -23.07 2.97 6.30
C PHE A 249 -23.31 3.88 5.12
N VAL A 250 -24.22 4.84 5.28
CA VAL A 250 -24.69 5.64 4.15
C VAL A 250 -23.75 6.82 3.90
N GLY A 251 -23.37 7.53 4.94
CA GLY A 251 -22.36 8.57 4.82
C GLY A 251 -22.86 9.90 4.28
N ASP A 252 -21.91 10.83 4.15
CA ASP A 252 -22.22 12.18 3.69
C ASP A 252 -22.85 12.15 2.30
N THR A 253 -22.45 11.20 1.46
CA THR A 253 -23.09 11.04 0.17
C THR A 253 -24.60 11.11 0.33
N PHE A 254 -25.16 10.18 1.12
CA PHE A 254 -26.60 10.13 1.30
C PHE A 254 -27.12 11.33 2.07
N CYS A 255 -26.43 11.72 3.15
CA CYS A 255 -26.92 12.84 3.95
C CYS A 255 -27.18 14.06 3.06
N TYR A 256 -26.15 14.51 2.34
CA TYR A 256 -26.28 15.68 1.48
C TYR A 256 -27.26 15.42 0.35
N PHE A 257 -27.23 14.23 -0.23
CA PHE A 257 -28.17 13.87 -1.29
C PHE A 257 -29.62 14.13 -0.85
N ALA A 258 -30.03 13.49 0.24
CA ALA A 258 -31.39 13.63 0.74
C ALA A 258 -31.69 15.07 1.12
N GLY A 259 -30.78 15.72 1.84
CA GLY A 259 -31.01 17.11 2.20
C GLY A 259 -31.32 17.98 1.00
N MET A 260 -30.52 17.84 -0.05
CA MET A 260 -30.71 18.70 -1.22
C MET A 260 -31.97 18.33 -1.99
N THR A 261 -32.29 17.04 -2.08
CA THR A 261 -33.54 16.65 -2.73
C THR A 261 -34.74 17.27 -2.02
N PHE A 262 -34.74 17.22 -0.69
CA PHE A 262 -35.80 17.83 0.08
C PHE A 262 -35.86 19.33 -0.17
N ALA A 263 -34.69 20.00 -0.12
CA ALA A 263 -34.66 21.43 -0.39
C ALA A 263 -35.26 21.73 -1.76
N VAL A 264 -34.96 20.90 -2.76
CA VAL A 264 -35.47 21.11 -4.11
C VAL A 264 -36.98 21.03 -4.11
N VAL A 265 -37.52 19.90 -3.68
CA VAL A 265 -38.97 19.74 -3.76
C VAL A 265 -39.67 20.83 -2.95
N GLY A 266 -39.09 21.21 -1.82
CA GLY A 266 -39.72 22.22 -0.98
C GLY A 266 -39.69 23.60 -1.60
N ILE A 267 -38.56 23.97 -2.21
CA ILE A 267 -38.42 25.30 -2.80
C ILE A 267 -39.24 25.40 -4.08
N LEU A 268 -38.92 24.56 -5.07
CA LEU A 268 -39.65 24.62 -6.34
C LEU A 268 -41.11 24.25 -6.17
N GLY A 269 -41.48 23.54 -5.10
CA GLY A 269 -42.86 23.23 -4.84
C GLY A 269 -43.63 24.32 -4.12
N HIS A 270 -42.94 25.32 -3.58
CA HIS A 270 -43.56 26.46 -2.93
C HIS A 270 -44.26 26.07 -1.63
N PHE A 271 -43.68 25.12 -0.91
CA PHE A 271 -44.15 24.75 0.43
C PHE A 271 -42.96 24.56 1.37
N SER A 272 -41.99 25.46 1.31
CA SER A 272 -40.82 25.36 2.19
C SER A 272 -41.21 25.46 3.66
N LYS A 273 -42.28 26.19 3.97
CA LYS A 273 -42.72 26.30 5.36
C LYS A 273 -43.23 24.96 5.88
N THR A 274 -44.11 24.31 5.10
CA THR A 274 -44.59 22.98 5.47
C THR A 274 -43.44 22.00 5.62
N MET A 275 -42.46 22.07 4.72
CA MET A 275 -41.30 21.18 4.81
C MET A 275 -40.51 21.43 6.09
N LEU A 276 -40.17 22.69 6.36
CA LEU A 276 -39.46 23.00 7.61
C LEU A 276 -40.25 22.49 8.81
N LEU A 277 -41.57 22.57 8.75
CA LEU A 277 -42.38 21.99 9.82
C LEU A 277 -42.21 20.49 9.89
N PHE A 278 -42.02 19.82 8.74
CA PHE A 278 -41.69 18.40 8.74
C PHE A 278 -40.30 18.15 9.31
N PHE A 279 -39.45 19.17 9.35
CA PHE A 279 -38.08 19.06 9.83
C PHE A 279 -37.97 19.36 11.33
N MET A 280 -39.01 19.04 12.13
CA MET A 280 -39.03 19.48 13.52
C MET A 280 -37.91 18.86 14.34
N PRO A 281 -37.79 17.53 14.44
CA PRO A 281 -36.66 16.98 15.21
C PRO A 281 -35.32 17.43 14.67
N GLN A 282 -35.20 17.59 13.34
CA GLN A 282 -33.94 18.06 12.76
C GLN A 282 -33.64 19.48 13.19
N VAL A 283 -34.63 20.38 13.11
CA VAL A 283 -34.44 21.76 13.53
C VAL A 283 -34.08 21.82 15.01
N PHE A 284 -34.79 21.05 15.83
CA PHE A 284 -34.55 21.09 17.26
C PHE A 284 -33.15 20.58 17.59
N ASN A 285 -32.73 19.48 16.96
CA ASN A 285 -31.39 18.96 17.16
C ASN A 285 -30.35 19.99 16.74
N PHE A 286 -30.54 20.59 15.56
CA PHE A 286 -29.58 21.57 15.06
C PHE A 286 -29.43 22.73 16.05
N LEU A 287 -30.54 23.37 16.42
CA LEU A 287 -30.47 24.48 17.35
C LEU A 287 -29.85 24.04 18.68
N TYR A 288 -30.24 22.87 19.18
CA TYR A 288 -29.70 22.37 20.44
C TYR A 288 -28.19 22.19 20.36
N SER A 289 -27.69 21.77 19.20
CA SER A 289 -26.26 21.58 18.98
C SER A 289 -25.54 22.87 18.59
N LEU A 290 -26.27 23.98 18.46
CA LEU A 290 -25.67 25.20 17.93
C LEU A 290 -24.51 25.72 18.76
N PRO A 291 -24.53 25.66 20.10
CA PRO A 291 -23.36 26.14 20.85
C PRO A 291 -22.08 25.40 20.50
N GLN A 292 -22.15 24.08 20.32
CA GLN A 292 -20.97 23.31 19.95
C GLN A 292 -20.54 23.60 18.52
N LEU A 293 -21.50 23.68 17.60
CA LEU A 293 -21.17 23.95 16.20
C LEU A 293 -20.40 25.26 16.06
N LEU A 294 -20.77 26.28 16.84
CA LEU A 294 -20.10 27.57 16.80
C LEU A 294 -18.91 27.65 17.75
N HIS A 295 -18.55 26.56 18.43
CA HIS A 295 -17.40 26.49 19.32
C HIS A 295 -17.63 27.23 20.63
N ILE A 296 -18.88 27.53 20.98
CA ILE A 296 -19.17 28.11 22.29
C ILE A 296 -18.83 27.10 23.38
N ILE A 297 -19.43 25.92 23.29
CA ILE A 297 -19.06 24.78 24.12
C ILE A 297 -18.18 23.87 23.28
N PRO A 298 -17.02 23.42 23.77
CA PRO A 298 -16.15 22.56 22.95
C PRO A 298 -16.91 21.43 22.29
N CYS A 299 -16.62 21.21 21.01
CA CYS A 299 -17.33 20.24 20.19
C CYS A 299 -16.42 19.05 19.87
N PRO A 300 -16.61 17.89 20.49
CA PRO A 300 -15.79 16.73 20.16
C PRO A 300 -16.00 16.29 18.71
N ARG A 301 -15.07 15.46 18.22
CA ARG A 301 -15.18 14.94 16.88
C ARG A 301 -16.40 14.03 16.73
N HIS A 302 -16.66 13.18 17.72
CA HIS A 302 -17.84 12.34 17.75
C HIS A 302 -18.66 12.68 18.99
N ARG A 303 -19.96 12.92 18.78
CA ARG A 303 -20.87 13.34 19.84
C ARG A 303 -22.07 12.42 19.91
N ILE A 304 -21.81 11.12 19.90
CA ILE A 304 -22.86 10.10 19.90
C ILE A 304 -22.87 9.40 21.25
N PRO A 305 -23.92 8.65 21.59
CA PRO A 305 -23.93 7.93 22.86
C PRO A 305 -22.78 6.94 22.96
N ARG A 306 -22.45 6.59 24.20
CA ARG A 306 -21.42 5.60 24.50
C ARG A 306 -22.11 4.31 24.93
N LEU A 307 -21.89 3.23 24.19
CA LEU A 307 -22.38 1.93 24.60
C LEU A 307 -21.67 1.50 25.87
N ASN A 308 -22.42 1.19 26.92
CA ASN A 308 -21.82 0.62 28.11
C ASN A 308 -21.66 -0.89 27.91
N ILE A 309 -20.43 -1.38 28.04
CA ILE A 309 -20.15 -2.78 27.75
C ILE A 309 -21.03 -3.68 28.61
N LYS A 310 -21.17 -3.35 29.89
CA LYS A 310 -21.94 -4.20 30.80
C LYS A 310 -23.44 -4.10 30.51
N THR A 311 -23.97 -2.89 30.41
CA THR A 311 -25.41 -2.71 30.23
C THR A 311 -25.90 -3.41 28.97
N GLY A 312 -25.15 -3.28 27.87
CA GLY A 312 -25.68 -3.65 26.57
C GLY A 312 -26.59 -2.60 26.01
N LYS A 313 -26.42 -1.34 26.41
CA LYS A 313 -27.28 -0.26 25.99
C LYS A 313 -26.46 1.03 25.89
N LEU A 314 -27.08 2.03 25.27
CA LEU A 314 -26.42 3.29 24.97
C LEU A 314 -26.68 4.28 26.11
N GLU A 315 -25.60 4.76 26.73
CA GLU A 315 -25.68 5.85 27.67
C GLU A 315 -25.26 7.15 26.98
N MET A 316 -25.39 8.25 27.70
CA MET A 316 -25.06 9.54 27.15
C MET A 316 -23.54 9.69 27.00
N SER A 317 -23.12 10.80 26.40
CA SER A 317 -21.72 11.14 26.22
C SER A 317 -21.49 12.56 26.70
N TYR A 318 -20.24 12.87 27.04
CA TYR A 318 -19.90 14.15 27.64
C TYR A 318 -18.67 14.75 26.95
N SER A 319 -18.59 16.08 27.05
CA SER A 319 -17.44 16.87 26.63
C SER A 319 -16.69 17.31 27.88
N LYS A 320 -15.43 16.92 27.99
CA LYS A 320 -14.59 17.27 29.12
C LYS A 320 -13.66 18.40 28.70
N PHE A 321 -13.61 19.47 29.49
CA PHE A 321 -12.81 20.63 29.12
C PHE A 321 -12.45 21.43 30.37
N LYS A 322 -11.29 22.08 30.30
CA LYS A 322 -10.86 22.95 31.39
C LYS A 322 -11.85 24.10 31.56
N THR A 323 -12.29 24.31 32.80
CA THR A 323 -13.37 25.25 33.06
C THR A 323 -12.94 26.69 32.83
N LYS A 324 -11.83 27.10 33.47
CA LYS A 324 -11.47 28.52 33.49
C LYS A 324 -11.24 29.07 32.09
N SER A 325 -10.66 28.26 31.19
CA SER A 325 -10.29 28.76 29.88
C SER A 325 -11.51 29.19 29.07
N LEU A 326 -12.65 28.51 29.24
CA LEU A 326 -13.84 28.78 28.44
C LEU A 326 -14.20 30.26 28.47
N SER A 327 -14.66 30.77 27.33
CA SER A 327 -15.05 32.16 27.20
C SER A 327 -16.26 32.46 28.09
N PHE A 328 -16.40 33.74 28.45
CA PHE A 328 -17.46 34.15 29.36
C PHE A 328 -18.84 33.83 28.78
N LEU A 329 -19.07 34.19 27.52
CA LEU A 329 -20.35 33.91 26.88
C LEU A 329 -20.67 32.42 26.94
N GLY A 330 -19.67 31.57 26.71
CA GLY A 330 -19.90 30.13 26.78
C GLY A 330 -20.33 29.69 28.17
N THR A 331 -19.64 30.19 29.20
CA THR A 331 -20.03 29.86 30.57
C THR A 331 -21.46 30.30 30.85
N PHE A 332 -21.84 31.50 30.39
CA PHE A 332 -23.19 31.99 30.61
C PHE A 332 -24.22 31.09 29.95
N ILE A 333 -23.98 30.73 28.69
CA ILE A 333 -24.92 29.86 27.97
C ILE A 333 -25.04 28.50 28.66
N LEU A 334 -23.90 27.95 29.09
CA LEU A 334 -23.92 26.67 29.79
C LEU A 334 -24.70 26.76 31.10
N LYS A 335 -24.55 27.88 31.82
CA LYS A 335 -25.32 28.07 33.04
C LYS A 335 -26.81 28.14 32.74
N VAL A 336 -27.19 28.88 31.69
CA VAL A 336 -28.60 28.93 31.30
C VAL A 336 -29.13 27.53 31.02
N ALA A 337 -28.38 26.74 30.24
CA ALA A 337 -28.82 25.39 29.92
C ALA A 337 -28.97 24.54 31.18
N GLU A 338 -28.03 24.65 32.11
CA GLU A 338 -28.13 23.91 33.36
C GLU A 338 -29.38 24.34 34.13
N SER A 339 -29.73 25.64 34.06
CA SER A 339 -30.93 26.12 34.74
C SER A 339 -32.19 25.52 34.12
N LEU A 340 -32.20 25.35 32.79
CA LEU A 340 -33.38 24.83 32.10
C LEU A 340 -33.48 23.31 32.16
N GLN A 341 -32.54 22.63 32.83
CA GLN A 341 -32.58 21.18 32.96
C GLN A 341 -32.38 20.49 31.62
N LEU A 342 -31.46 21.02 30.81
CA LEU A 342 -31.11 20.45 29.51
C LEU A 342 -29.77 19.74 29.50
N VAL A 343 -28.79 20.26 30.24
CA VAL A 343 -27.45 19.70 30.28
C VAL A 343 -27.20 19.14 31.67
N THR A 344 -26.69 17.90 31.74
CA THR A 344 -26.36 17.26 33.00
C THR A 344 -24.86 17.45 33.24
N VAL A 345 -24.51 18.65 33.69
CA VAL A 345 -23.11 18.98 33.94
C VAL A 345 -22.63 18.22 35.18
N HIS A 346 -21.37 17.80 35.16
CA HIS A 346 -20.72 17.21 36.32
C HIS A 346 -19.44 18.02 36.54
N GLN A 347 -19.57 19.14 37.23
CA GLN A 347 -18.43 20.01 37.50
C GLN A 347 -17.46 19.37 38.49
N PHE A 355 -12.28 20.96 36.29
CA PHE A 355 -12.74 20.54 34.97
C PHE A 355 -14.26 20.50 34.88
N THR A 356 -14.78 20.61 33.66
CA THR A 356 -16.21 20.55 33.39
C THR A 356 -16.47 19.38 32.44
N GLU A 357 -17.54 18.64 32.71
CA GLU A 357 -17.96 17.50 31.89
C GLU A 357 -19.41 17.75 31.52
N CYS A 358 -19.62 18.60 30.51
CA CYS A 358 -20.95 18.91 30.02
C CYS A 358 -21.51 17.76 29.19
N ASN A 359 -22.82 17.57 29.20
CA ASN A 359 -23.42 16.50 28.41
C ASN A 359 -23.43 16.89 26.93
N ASN A 360 -22.90 16.01 26.09
CA ASN A 360 -22.89 16.26 24.65
C ASN A 360 -24.30 16.51 24.16
N MET A 361 -24.49 17.62 23.45
CA MET A 361 -25.82 18.13 23.12
C MET A 361 -26.20 17.69 21.72
N THR A 362 -26.82 16.51 21.62
CA THR A 362 -27.49 16.06 20.41
C THR A 362 -28.79 15.37 20.82
N LEU A 363 -29.75 15.37 19.90
CA LEU A 363 -31.08 14.86 20.23
C LEU A 363 -31.00 13.44 20.78
N ILE A 364 -30.09 12.63 20.25
CA ILE A 364 -29.91 11.26 20.74
C ILE A 364 -29.59 11.27 22.23
N ASN A 365 -28.57 12.05 22.61
CA ASN A 365 -28.18 12.12 24.02
C ASN A 365 -29.29 12.71 24.87
N LEU A 366 -30.11 13.60 24.31
CA LEU A 366 -31.19 14.20 25.11
C LEU A 366 -32.29 13.19 25.38
N LEU A 367 -32.67 12.41 24.37
CA LEU A 367 -33.60 11.30 24.60
C LEU A 367 -33.04 10.34 25.65
N LEU A 368 -31.72 10.07 25.60
CA LEU A 368 -31.14 9.17 26.59
C LEU A 368 -31.17 9.78 27.99
N LYS A 369 -30.94 11.09 28.10
CA LYS A 369 -30.99 11.75 29.39
C LYS A 369 -32.40 11.71 29.97
N VAL A 370 -33.41 11.92 29.12
CA VAL A 370 -34.79 11.92 29.61
C VAL A 370 -35.23 10.51 29.99
N LEU A 371 -34.84 9.50 29.20
CA LEU A 371 -35.31 8.13 29.39
C LEU A 371 -34.19 7.17 29.77
N GLY A 372 -33.04 7.68 30.18
CA GLY A 372 -31.97 6.82 30.63
C GLY A 372 -31.34 6.02 29.51
N PRO A 373 -30.73 4.88 29.83
CA PRO A 373 -30.08 4.07 28.79
C PRO A 373 -31.10 3.34 27.94
N ILE A 374 -30.91 3.37 26.62
CA ILE A 374 -31.78 2.71 25.66
C ILE A 374 -30.92 1.92 24.70
N HIS A 375 -31.43 0.77 24.26
CA HIS A 375 -30.73 -0.03 23.26
C HIS A 375 -30.65 0.73 21.94
N GLU A 376 -29.60 0.45 21.16
CA GLU A 376 -29.39 1.18 19.91
C GLU A 376 -30.60 1.04 18.98
N ARG A 377 -31.01 -0.20 18.72
CA ARG A 377 -32.17 -0.43 17.85
C ARG A 377 -33.41 0.26 18.42
N ASN A 378 -33.68 0.06 19.71
CA ASN A 378 -34.85 0.68 20.32
C ASN A 378 -34.77 2.19 20.26
N LEU A 379 -33.59 2.76 20.46
CA LEU A 379 -33.44 4.22 20.41
C LEU A 379 -33.72 4.74 19.01
N THR A 380 -33.18 4.07 17.99
CA THR A 380 -33.48 4.46 16.60
C THR A 380 -34.98 4.41 16.34
N LEU A 381 -35.64 3.34 16.78
CA LEU A 381 -37.08 3.21 16.58
C LEU A 381 -37.84 4.35 17.26
N LEU A 382 -37.47 4.66 18.51
CA LEU A 382 -38.09 5.77 19.22
C LEU A 382 -37.93 7.07 18.44
N LEU A 383 -36.73 7.31 17.90
CA LEU A 383 -36.51 8.55 17.15
C LEU A 383 -37.40 8.61 15.91
N LEU A 384 -37.52 7.50 15.18
CA LEU A 384 -38.41 7.48 14.02
C LEU A 384 -39.86 7.76 14.43
N LEU A 385 -40.30 7.16 15.54
CA LEU A 385 -41.66 7.38 15.99
C LEU A 385 -41.89 8.85 16.35
N LEU A 386 -40.92 9.48 17.01
CA LEU A 386 -41.03 10.90 17.32
C LEU A 386 -41.11 11.74 16.05
N GLN A 387 -40.32 11.38 15.04
CA GLN A 387 -40.42 12.06 13.75
C GLN A 387 -41.84 11.96 13.18
N ILE A 388 -42.42 10.76 13.26
CA ILE A 388 -43.78 10.57 12.76
C ILE A 388 -44.76 11.47 13.52
N LEU A 389 -44.60 11.54 14.84
CA LEU A 389 -45.46 12.42 15.64
C LEU A 389 -45.33 13.88 15.19
N GLY A 390 -44.10 14.32 14.93
CA GLY A 390 -43.92 15.67 14.41
C GLY A 390 -44.64 15.89 13.09
N SER A 391 -44.55 14.91 12.19
CA SER A 391 -45.28 15.00 10.93
C SER A 391 -46.78 15.13 11.15
N ALA A 392 -47.32 14.34 12.08
CA ALA A 392 -48.74 14.43 12.39
C ALA A 392 -49.11 15.81 12.92
N ILE A 393 -48.29 16.36 13.80
CA ILE A 393 -48.52 17.72 14.29
C ILE A 393 -48.57 18.71 13.13
N THR A 394 -47.63 18.60 12.20
CA THR A 394 -47.60 19.51 11.06
C THR A 394 -48.88 19.38 10.24
N PHE A 395 -49.31 18.14 9.98
CA PHE A 395 -50.56 17.94 9.24
C PHE A 395 -51.73 18.58 9.97
N SER A 396 -51.76 18.47 11.30
CA SER A 396 -52.84 19.10 12.06
C SER A 396 -52.80 20.61 11.92
N ILE A 397 -51.61 21.20 11.92
CA ILE A 397 -51.48 22.64 11.75
C ILE A 397 -51.98 23.06 10.38
N ARG A 398 -51.48 22.40 9.32
CA ARG A 398 -51.91 22.74 7.97
C ARG A 398 -53.40 22.51 7.78
N TYR A 399 -53.91 21.41 8.32
CA TYR A 399 -55.32 21.06 8.16
C TYR A 399 -56.04 21.09 9.50
N PRO B 8 -17.55 40.71 -27.05
CA PRO B 8 -18.79 40.63 -26.27
C PRO B 8 -18.54 40.58 -24.77
N MET B 9 -19.51 41.06 -23.98
CA MET B 9 -19.39 41.00 -22.53
C MET B 9 -19.34 39.57 -22.02
N PRO B 10 -20.21 38.65 -22.45
CA PRO B 10 -20.16 37.29 -21.90
C PRO B 10 -18.80 36.62 -22.11
N LEU B 11 -18.20 36.76 -23.29
CA LEU B 11 -16.91 36.11 -23.53
C LEU B 11 -15.81 36.75 -22.70
N LEU B 12 -15.85 38.06 -22.51
CA LEU B 12 -14.86 38.72 -21.67
C LEU B 12 -14.96 38.23 -20.23
N ILE B 13 -16.17 38.24 -19.67
CA ILE B 13 -16.37 37.70 -18.32
C ILE B 13 -15.90 36.26 -18.25
N ASN B 14 -16.20 35.48 -19.30
CA ASN B 14 -15.78 34.09 -19.33
C ASN B 14 -14.27 33.97 -19.22
N LEU B 15 -13.55 34.80 -19.99
CA LEU B 15 -12.09 34.77 -19.94
C LEU B 15 -11.59 35.14 -18.55
N ILE B 16 -12.20 36.16 -17.93
CA ILE B 16 -11.78 36.59 -16.59
C ILE B 16 -11.93 35.43 -15.61
N VAL B 17 -13.15 34.88 -15.50
CA VAL B 17 -13.39 33.82 -14.55
C VAL B 17 -12.58 32.58 -14.90
N SER B 18 -12.23 32.41 -16.18
CA SER B 18 -11.42 31.27 -16.57
C SER B 18 -10.00 31.40 -16.05
N LEU B 19 -9.42 32.59 -16.15
CA LEU B 19 -8.09 32.81 -15.59
C LEU B 19 -8.10 32.69 -14.07
N LEU B 20 -9.14 33.25 -13.43
CA LEU B 20 -9.29 33.07 -11.99
C LEU B 20 -9.36 31.60 -11.62
N GLY B 21 -10.08 30.81 -12.42
CA GLY B 21 -10.16 29.37 -12.17
C GLY B 21 -8.85 28.65 -12.41
N PHE B 22 -8.06 29.11 -13.38
CA PHE B 22 -6.72 28.57 -13.57
C PHE B 22 -5.87 28.78 -12.33
N VAL B 23 -5.88 30.00 -11.80
CA VAL B 23 -5.16 30.26 -10.55
C VAL B 23 -5.70 29.38 -9.44
N ALA B 24 -7.03 29.27 -9.34
CA ALA B 24 -7.64 28.46 -8.29
C ALA B 24 -7.17 27.02 -8.39
N THR B 25 -7.05 26.49 -9.61
CA THR B 25 -6.62 25.10 -9.79
C THR B 25 -5.17 24.93 -9.40
N VAL B 26 -4.29 25.77 -9.96
CA VAL B 26 -2.87 25.66 -9.63
C VAL B 26 -2.66 25.79 -8.13
N THR B 27 -3.50 26.57 -7.44
CA THR B 27 -3.35 26.75 -6.01
C THR B 27 -3.91 25.56 -5.23
N LEU B 28 -5.11 25.11 -5.57
CA LEU B 28 -5.81 24.11 -4.78
C LEU B 28 -5.23 22.72 -4.97
N ILE B 29 -4.66 22.43 -6.14
CA ILE B 29 -4.11 21.10 -6.40
C ILE B 29 -3.16 20.69 -5.29
N PRO B 30 -2.10 21.46 -5.02
CA PRO B 30 -1.17 21.04 -3.95
C PRO B 30 -1.77 21.14 -2.56
N ALA B 31 -2.75 22.04 -2.36
CA ALA B 31 -3.32 22.24 -1.04
C ALA B 31 -4.04 20.98 -0.56
N PHE B 32 -4.71 20.27 -1.45
CA PHE B 32 -5.49 19.09 -1.09
C PHE B 32 -4.68 17.80 -1.15
N ARG B 33 -3.36 17.87 -1.37
CA ARG B 33 -2.57 16.65 -1.49
C ARG B 33 -2.69 15.78 -0.24
N GLY B 34 -2.71 16.40 0.94
CA GLY B 34 -2.83 15.63 2.17
C GLY B 34 -4.10 14.80 2.21
N HIS B 35 -5.22 15.38 1.75
CA HIS B 35 -6.47 14.64 1.72
C HIS B 35 -6.36 13.40 0.85
N PHE B 36 -5.81 13.56 -0.36
CA PHE B 36 -5.68 12.43 -1.29
C PHE B 36 -4.76 11.36 -0.73
N ILE B 37 -3.59 11.76 -0.23
CA ILE B 37 -2.65 10.78 0.33
C ILE B 37 -3.30 10.04 1.49
N ALA B 38 -3.87 10.78 2.45
CA ALA B 38 -4.49 10.15 3.61
C ALA B 38 -5.57 9.15 3.20
N ALA B 39 -6.32 9.48 2.14
CA ALA B 39 -7.37 8.59 1.64
C ALA B 39 -6.82 7.42 0.84
N ARG B 40 -5.50 7.38 0.58
CA ARG B 40 -4.89 6.30 -0.17
C ARG B 40 -5.27 6.33 -1.64
N LEU B 41 -5.63 7.51 -2.17
CA LEU B 41 -5.94 7.66 -3.60
C LEU B 41 -4.66 8.09 -4.30
N CYS B 42 -3.87 7.11 -4.70
CA CYS B 42 -2.60 7.39 -5.34
C CYS B 42 -2.20 6.18 -6.18
N GLY B 43 -1.31 6.45 -7.15
CA GLY B 43 -0.80 5.42 -8.01
C GLY B 43 0.72 5.49 -8.08
N GLN B 44 1.31 4.35 -8.45
CA GLN B 44 2.75 4.26 -8.60
C GLN B 44 3.16 4.67 -10.00
N ASP B 45 4.16 5.54 -10.10
CA ASP B 45 4.65 6.00 -11.40
C ASP B 45 5.36 4.86 -12.09
N LEU B 46 4.67 4.18 -13.00
CA LEU B 46 5.17 2.95 -13.59
C LEU B 46 6.35 3.17 -14.53
N ASN B 47 6.63 4.41 -14.92
CA ASN B 47 7.68 4.70 -15.91
C ASN B 47 8.93 5.33 -15.28
N LYS B 48 9.16 5.10 -13.99
CA LYS B 48 10.34 5.59 -13.32
C LYS B 48 10.81 4.55 -12.31
N THR B 49 12.09 4.63 -11.96
CA THR B 49 12.68 3.69 -11.02
C THR B 49 12.17 3.92 -9.59
N SER B 50 11.70 5.12 -9.28
CA SER B 50 11.18 5.39 -7.94
C SER B 50 9.91 4.58 -7.69
N ARG B 51 9.69 4.27 -6.41
CA ARG B 51 8.53 3.48 -5.98
C ARG B 51 7.52 4.30 -5.19
N GLN B 52 7.73 5.61 -5.05
CA GLN B 52 6.82 6.44 -4.27
C GLN B 52 5.43 6.45 -4.90
N GLN B 53 4.46 6.91 -4.14
CA GLN B 53 3.09 7.07 -4.58
C GLN B 53 2.84 8.51 -5.00
N ILE B 54 1.97 8.69 -6.00
CA ILE B 54 1.60 10.00 -6.50
C ILE B 54 0.09 10.16 -6.34
N PRO B 55 -0.42 11.30 -5.88
CA PRO B 55 -1.87 11.46 -5.76
C PRO B 55 -2.58 11.26 -7.10
N GLU B 56 -3.66 10.49 -7.06
CA GLU B 56 -4.44 10.14 -8.24
C GLU B 56 -5.72 10.96 -8.32
N SER B 57 -6.34 10.95 -9.50
CA SER B 57 -7.66 11.56 -9.72
C SER B 57 -7.67 13.04 -9.33
N GLN B 58 -6.50 13.68 -9.33
CA GLN B 58 -6.46 15.12 -9.06
C GLN B 58 -7.32 15.91 -10.03
N GLY B 59 -7.61 15.35 -11.20
CA GLY B 59 -8.50 16.02 -12.13
C GLY B 59 -9.79 16.48 -11.50
N VAL B 60 -10.30 15.72 -10.52
CA VAL B 60 -11.55 16.11 -9.86
C VAL B 60 -11.47 17.57 -9.43
N ILE B 61 -10.35 17.96 -8.80
CA ILE B 61 -10.17 19.34 -8.39
C ILE B 61 -10.45 20.28 -9.56
N SER B 62 -9.69 20.12 -10.65
CA SER B 62 -9.98 20.87 -11.86
C SER B 62 -11.47 20.80 -12.17
N GLY B 63 -11.98 19.57 -12.33
CA GLY B 63 -13.39 19.38 -12.56
C GLY B 63 -14.21 20.24 -11.62
N ALA B 64 -13.98 20.07 -10.32
CA ALA B 64 -14.69 20.89 -9.34
C ALA B 64 -14.63 22.36 -9.73
N VAL B 65 -13.43 22.91 -9.81
CA VAL B 65 -13.27 24.32 -10.19
C VAL B 65 -14.07 24.60 -11.45
N PHE B 66 -13.89 23.77 -12.48
CA PHE B 66 -14.63 23.94 -13.72
C PHE B 66 -16.11 24.17 -13.43
N LEU B 67 -16.75 23.20 -12.78
CA LEU B 67 -18.16 23.36 -12.45
C LEU B 67 -18.42 24.72 -11.80
N ILE B 68 -17.67 25.01 -10.73
CA ILE B 68 -17.82 26.28 -10.04
C ILE B 68 -17.92 27.41 -11.05
N ILE B 69 -16.88 27.53 -11.89
CA ILE B 69 -16.82 28.63 -12.85
C ILE B 69 -18.14 28.75 -13.60
N LEU B 70 -18.58 27.65 -14.21
CA LEU B 70 -19.77 27.73 -15.06
C LEU B 70 -21.01 27.97 -14.22
N PHE B 71 -21.08 27.37 -13.03
CA PHE B 71 -22.20 27.69 -12.14
C PHE B 71 -22.28 29.19 -11.90
N CYS B 72 -21.13 29.87 -11.85
CA CYS B 72 -21.10 31.30 -11.62
C CYS B 72 -21.22 32.11 -12.91
N PHE B 73 -21.02 31.49 -14.07
CA PHE B 73 -21.04 32.22 -15.34
C PHE B 73 -22.38 32.13 -16.07
N ILE B 74 -23.26 31.21 -15.68
CA ILE B 74 -24.54 31.00 -16.36
C ILE B 74 -25.32 32.30 -16.50
N PRO B 75 -25.35 33.18 -15.48
CA PRO B 75 -26.20 34.37 -15.61
C PRO B 75 -25.74 35.35 -16.67
N PHE B 76 -24.42 35.50 -16.84
CA PHE B 76 -23.92 36.64 -17.61
C PHE B 76 -24.36 36.65 -19.07
N PRO B 77 -24.49 35.52 -19.77
CA PRO B 77 -25.03 35.59 -21.13
C PRO B 77 -26.39 36.28 -21.20
N PHE B 78 -27.32 35.96 -20.30
CA PHE B 78 -28.64 36.56 -20.28
C PHE B 78 -28.62 37.77 -19.35
N LEU B 79 -28.48 38.97 -19.92
CA LEU B 79 -28.65 40.22 -19.19
C LEU B 79 -29.81 40.98 -19.82
N ASN B 80 -30.87 41.20 -19.04
CA ASN B 80 -32.11 41.79 -19.53
C ASN B 80 -32.62 41.05 -20.76
N CYS B 81 -32.67 39.72 -20.65
CA CYS B 81 -33.09 38.85 -21.74
C CYS B 81 -34.16 37.87 -21.26
N CYS B 87 -38.01 42.90 -22.06
CA CYS B 87 -38.74 41.76 -22.59
C CYS B 87 -39.09 40.78 -21.47
N LYS B 88 -40.38 40.48 -21.33
CA LYS B 88 -40.85 39.62 -20.25
C LYS B 88 -40.63 38.13 -20.54
N ALA B 89 -40.35 37.76 -21.78
CA ALA B 89 -40.22 36.35 -22.16
C ALA B 89 -38.74 35.96 -22.11
N PHE B 90 -38.37 35.22 -21.06
CA PHE B 90 -37.02 34.70 -20.91
C PHE B 90 -36.84 33.48 -21.82
N PRO B 91 -35.68 33.36 -22.50
CA PRO B 91 -35.46 32.17 -23.33
C PRO B 91 -35.01 30.99 -22.48
N HIS B 92 -35.91 30.03 -22.26
CA HIS B 92 -35.56 28.87 -21.46
C HIS B 92 -34.75 27.84 -22.24
N HIS B 93 -34.66 27.96 -23.57
CA HIS B 93 -34.03 26.91 -24.37
C HIS B 93 -32.51 27.03 -24.36
N GLU B 94 -31.96 28.23 -24.55
CA GLU B 94 -30.53 28.41 -24.37
C GLU B 94 -30.12 28.03 -22.95
N PHE B 95 -30.93 28.43 -21.97
CA PHE B 95 -30.68 28.09 -20.58
C PHE B 95 -30.65 26.58 -20.37
N VAL B 96 -31.59 25.86 -20.99
CA VAL B 96 -31.63 24.41 -20.77
C VAL B 96 -30.46 23.75 -21.47
N ALA B 97 -30.05 24.26 -22.64
CA ALA B 97 -28.82 23.77 -23.25
C ALA B 97 -27.67 23.83 -22.24
N LEU B 98 -27.45 25.02 -21.68
CA LEU B 98 -26.39 25.20 -20.68
C LEU B 98 -26.52 24.19 -19.53
N ILE B 99 -27.68 24.18 -18.88
CA ILE B 99 -27.86 23.41 -17.66
C ILE B 99 -27.73 21.91 -17.94
N GLY B 100 -28.34 21.42 -19.01
CA GLY B 100 -28.23 20.02 -19.34
C GLY B 100 -26.80 19.61 -19.66
N ALA B 101 -26.10 20.43 -20.44
CA ALA B 101 -24.69 20.15 -20.68
C ALA B 101 -23.91 20.04 -19.38
N LEU B 102 -24.17 20.95 -18.44
CA LEU B 102 -23.46 20.91 -17.17
C LEU B 102 -23.84 19.69 -16.34
N LEU B 103 -25.10 19.26 -16.41
CA LEU B 103 -25.49 18.03 -15.75
C LEU B 103 -24.70 16.86 -16.28
N ALA B 104 -24.58 16.77 -17.61
CA ALA B 104 -23.79 15.70 -18.20
C ALA B 104 -22.35 15.74 -17.74
N ILE B 105 -21.72 16.93 -17.79
CA ILE B 105 -20.31 17.04 -17.43
C ILE B 105 -20.07 16.72 -15.96
N CYS B 106 -20.94 17.24 -15.08
CA CYS B 106 -20.81 16.95 -13.65
C CYS B 106 -20.98 15.47 -13.38
N CYS B 107 -22.01 14.87 -13.98
CA CYS B 107 -22.20 13.44 -13.85
C CYS B 107 -20.95 12.68 -14.28
N MET B 108 -20.28 13.19 -15.32
CA MET B 108 -19.12 12.48 -15.85
C MET B 108 -17.91 12.61 -14.92
N ILE B 109 -17.66 13.82 -14.40
CA ILE B 109 -16.63 14.00 -13.38
C ILE B 109 -16.87 13.04 -12.22
N PHE B 110 -18.11 13.02 -11.73
CA PHE B 110 -18.47 12.16 -10.62
C PHE B 110 -18.21 10.68 -10.95
N LEU B 111 -18.58 10.27 -12.16
CA LEU B 111 -18.36 8.89 -12.57
C LEU B 111 -16.87 8.55 -12.60
N GLY B 112 -16.05 9.46 -13.12
CA GLY B 112 -14.62 9.19 -13.16
C GLY B 112 -14.01 9.10 -11.78
N PHE B 113 -14.39 10.00 -10.88
CA PHE B 113 -13.88 9.96 -9.51
C PHE B 113 -14.27 8.65 -8.82
N ALA B 114 -15.56 8.31 -8.85
CA ALA B 114 -16.02 7.08 -8.21
C ALA B 114 -15.40 5.85 -8.86
N ASP B 115 -15.13 5.91 -10.16
CA ASP B 115 -14.54 4.77 -10.86
C ASP B 115 -13.08 4.58 -10.47
N ASP B 116 -12.34 5.68 -10.30
CA ASP B 116 -10.96 5.57 -9.84
C ASP B 116 -10.90 5.05 -8.41
N VAL B 117 -11.80 5.53 -7.55
CA VAL B 117 -11.83 5.02 -6.17
C VAL B 117 -12.18 3.54 -6.15
N LEU B 118 -13.21 3.15 -6.90
CA LEU B 118 -13.75 1.80 -6.83
C LEU B 118 -13.13 0.84 -7.85
N ASN B 119 -12.49 1.35 -8.90
CA ASN B 119 -11.90 0.52 -9.93
C ASN B 119 -12.95 -0.42 -10.54
N LEU B 120 -13.94 0.22 -11.16
CA LEU B 120 -15.09 -0.51 -11.70
C LEU B 120 -14.71 -1.30 -12.95
N ARG B 121 -15.53 -2.29 -13.27
CA ARG B 121 -15.32 -3.11 -14.45
C ARG B 121 -15.74 -2.34 -15.70
N TRP B 122 -15.32 -2.86 -16.86
CA TRP B 122 -15.58 -2.17 -18.11
C TRP B 122 -17.07 -2.05 -18.39
N ARG B 123 -17.82 -3.13 -18.16
CA ARG B 123 -19.27 -3.10 -18.37
C ARG B 123 -19.92 -1.97 -17.57
N HIS B 124 -19.55 -1.86 -16.31
CA HIS B 124 -20.11 -0.84 -15.44
C HIS B 124 -19.80 0.55 -15.95
N LYS B 125 -18.57 0.75 -16.38
CA LYS B 125 -18.14 2.06 -16.84
C LYS B 125 -18.88 2.47 -18.11
N LEU B 126 -18.99 1.55 -19.07
CA LEU B 126 -19.66 1.86 -20.33
C LEU B 126 -21.15 2.13 -20.11
N LEU B 127 -21.80 1.30 -19.30
CA LEU B 127 -23.21 1.54 -18.99
C LEU B 127 -23.41 2.92 -18.38
N LEU B 128 -22.58 3.28 -17.39
CA LEU B 128 -22.74 4.57 -16.75
C LEU B 128 -22.41 5.71 -17.71
N HIS B 129 -21.49 5.49 -18.64
CA HIS B 129 -21.26 6.50 -19.67
C HIS B 129 -22.53 6.74 -20.47
N THR B 130 -23.23 5.67 -20.86
CA THR B 130 -24.49 5.81 -21.58
C THR B 130 -25.51 6.61 -20.77
N ALA B 131 -25.74 6.17 -19.52
CA ALA B 131 -26.73 6.82 -18.68
C ALA B 131 -26.41 8.30 -18.47
N ALA B 132 -25.14 8.63 -18.24
CA ALA B 132 -24.72 10.01 -18.09
C ALA B 132 -24.71 10.77 -19.42
N SER B 133 -24.76 10.05 -20.55
CA SER B 133 -24.87 10.72 -21.84
C SER B 133 -26.30 11.09 -22.18
N LEU B 134 -27.27 10.41 -21.57
CA LEU B 134 -28.68 10.71 -21.88
C LEU B 134 -29.03 12.20 -21.76
N PRO B 135 -28.58 12.95 -20.76
CA PRO B 135 -28.96 14.38 -20.68
C PRO B 135 -28.58 15.17 -21.93
N LEU B 136 -27.41 14.89 -22.49
CA LEU B 136 -27.00 15.53 -23.75
C LEU B 136 -28.03 15.29 -24.84
N LEU B 137 -28.46 14.04 -25.00
CA LEU B 137 -29.44 13.70 -26.03
C LEU B 137 -30.78 14.38 -25.76
N MET B 138 -31.20 14.44 -24.50
CA MET B 138 -32.42 15.17 -24.15
C MET B 138 -32.35 16.61 -24.62
N VAL B 139 -31.26 17.29 -24.27
CA VAL B 139 -31.07 18.68 -24.69
C VAL B 139 -31.15 18.79 -26.21
N TYR B 140 -30.38 17.95 -26.90
CA TYR B 140 -30.36 18.00 -28.36
C TYR B 140 -31.76 17.88 -28.94
N PHE B 141 -32.54 16.92 -28.45
CA PHE B 141 -33.89 16.72 -28.96
C PHE B 141 -34.77 17.94 -28.71
N THR B 142 -34.83 18.39 -27.45
CA THR B 142 -35.75 19.47 -27.12
C THR B 142 -35.38 20.77 -27.82
N ASN B 143 -34.09 21.00 -28.05
CA ASN B 143 -33.64 22.28 -28.59
C ASN B 143 -33.48 22.28 -30.11
N PHE B 144 -32.81 21.28 -30.68
CA PHE B 144 -32.52 21.28 -32.12
C PHE B 144 -33.28 20.19 -32.86
N GLY B 145 -33.06 18.92 -32.52
CA GLY B 145 -33.86 17.82 -33.04
C GLY B 145 -33.48 17.30 -34.41
N ASN B 146 -32.67 18.02 -35.18
CA ASN B 146 -32.33 17.58 -36.53
C ASN B 146 -31.65 16.22 -36.51
N THR B 147 -32.05 15.33 -37.42
CA THR B 147 -31.51 13.97 -37.50
C THR B 147 -31.19 13.59 -38.93
N THR B 148 -30.64 14.52 -39.71
CA THR B 148 -30.32 14.29 -41.12
C THR B 148 -28.83 14.52 -41.36
N ILE B 149 -28.19 13.52 -41.97
CA ILE B 149 -26.80 13.63 -42.40
C ILE B 149 -26.79 14.00 -43.87
N VAL B 150 -25.93 14.96 -44.23
CA VAL B 150 -25.84 15.42 -45.62
C VAL B 150 -24.81 14.51 -46.28
N VAL B 151 -25.30 13.36 -46.74
CA VAL B 151 -24.48 12.41 -47.46
C VAL B 151 -25.35 11.61 -48.42
N HIS B 162 -28.05 13.24 -48.42
CA HIS B 162 -29.18 13.73 -47.64
C HIS B 162 -30.11 12.60 -47.23
N LEU B 163 -29.86 12.01 -46.07
CA LEU B 163 -30.69 10.95 -45.53
C LEU B 163 -31.07 11.27 -44.09
N ASP B 164 -32.32 11.02 -43.74
CA ASP B 164 -32.80 11.18 -42.37
C ASP B 164 -32.34 9.96 -41.57
N LEU B 165 -31.39 10.17 -40.65
CA LEU B 165 -30.87 9.06 -39.87
C LEU B 165 -31.86 8.54 -38.83
N GLY B 166 -32.83 9.36 -38.44
CA GLY B 166 -33.82 8.91 -37.48
C GLY B 166 -33.20 8.62 -36.13
N ILE B 167 -33.78 7.67 -35.41
CA ILE B 167 -33.29 7.31 -34.08
C ILE B 167 -31.79 7.06 -34.11
N LEU B 168 -31.28 6.56 -35.24
CA LEU B 168 -29.86 6.21 -35.31
C LEU B 168 -28.97 7.43 -35.07
N TYR B 169 -29.38 8.61 -35.52
CA TYR B 169 -28.62 9.80 -35.18
C TYR B 169 -28.43 9.90 -33.67
N TYR B 170 -29.53 9.76 -32.91
CA TYR B 170 -29.42 9.78 -31.47
C TYR B 170 -28.46 8.71 -30.97
N VAL B 171 -28.45 7.54 -31.63
CA VAL B 171 -27.45 6.53 -31.30
C VAL B 171 -26.06 7.09 -31.55
N TYR B 172 -25.82 7.59 -32.76
CA TYR B 172 -24.52 8.11 -33.15
C TYR B 172 -23.97 9.04 -32.08
N MET B 173 -24.67 10.16 -31.85
CA MET B 173 -24.26 11.10 -30.79
C MET B 173 -23.95 10.34 -29.50
N GLY B 174 -24.89 9.53 -29.03
CA GLY B 174 -24.66 8.71 -27.86
C GLY B 174 -23.30 8.04 -27.90
N LEU B 175 -23.10 7.15 -28.88
CA LEU B 175 -21.82 6.46 -28.99
C LEU B 175 -20.68 7.46 -29.05
N LEU B 176 -20.85 8.51 -29.87
CA LEU B 176 -19.82 9.54 -29.96
C LEU B 176 -19.41 10.00 -28.57
N ALA B 177 -20.38 10.37 -27.74
CA ALA B 177 -20.09 10.71 -26.35
C ALA B 177 -19.27 9.61 -25.67
N VAL B 178 -19.83 8.41 -25.63
CA VAL B 178 -19.16 7.28 -24.98
C VAL B 178 -17.78 7.06 -25.58
N PHE B 179 -17.61 7.40 -26.87
CA PHE B 179 -16.29 7.28 -27.47
C PHE B 179 -15.33 8.28 -26.84
N CYS B 180 -15.67 9.57 -26.88
CA CYS B 180 -14.74 10.60 -26.45
C CYS B 180 -14.22 10.31 -25.05
N THR B 181 -15.13 10.16 -24.09
CA THR B 181 -14.73 9.89 -22.71
C THR B 181 -13.65 8.82 -22.65
N ASN B 182 -13.82 7.74 -23.40
CA ASN B 182 -12.87 6.64 -23.38
C ASN B 182 -11.71 6.83 -24.33
N ALA B 183 -11.92 7.56 -25.44
CA ALA B 183 -10.87 7.69 -26.44
C ALA B 183 -9.63 8.34 -25.86
N ILE B 184 -9.81 9.33 -24.98
CA ILE B 184 -8.67 9.97 -24.33
C ILE B 184 -8.10 9.07 -23.24
N ASN B 185 -8.94 8.25 -22.60
CA ASN B 185 -8.50 7.44 -21.48
C ASN B 185 -7.49 6.37 -21.92
N ILE B 186 -7.77 5.70 -23.04
CA ILE B 186 -6.90 4.61 -23.49
C ILE B 186 -5.57 5.14 -23.99
N LEU B 187 -5.54 6.35 -24.57
CA LEU B 187 -4.30 6.97 -25.01
C LEU B 187 -3.71 7.74 -23.82
N ALA B 188 -3.05 6.99 -22.94
CA ALA B 188 -2.49 7.56 -21.72
C ALA B 188 -1.34 6.68 -21.26
N GLY B 189 -0.77 7.05 -20.12
CA GLY B 189 0.28 6.27 -19.50
C GLY B 189 1.57 7.04 -19.30
N ILE B 190 1.93 7.85 -20.29
CA ILE B 190 3.10 8.72 -20.17
C ILE B 190 2.63 10.04 -19.60
N ASN B 191 3.56 10.85 -19.10
CA ASN B 191 3.23 12.03 -18.33
C ASN B 191 2.84 13.19 -19.24
N GLY B 192 1.70 13.82 -18.94
CA GLY B 192 1.22 14.96 -19.68
C GLY B 192 0.49 14.65 -20.96
N LEU B 193 0.30 13.36 -21.29
CA LEU B 193 -0.37 13.01 -22.53
C LEU B 193 -1.87 13.30 -22.47
N GLU B 194 -2.53 12.90 -21.37
CA GLU B 194 -3.96 13.13 -21.23
C GLU B 194 -4.28 14.62 -21.29
N ALA B 195 -3.78 15.37 -20.31
CA ALA B 195 -4.06 16.80 -20.24
C ALA B 195 -3.47 17.54 -21.43
N GLY B 196 -2.30 17.11 -21.91
CA GLY B 196 -1.66 17.74 -23.05
C GLY B 196 -2.45 17.64 -24.34
N GLN B 197 -2.80 16.43 -24.75
CA GLN B 197 -3.63 16.25 -25.94
C GLN B 197 -4.99 16.91 -25.76
N SER B 198 -5.57 16.83 -24.56
CA SER B 198 -6.84 17.49 -24.32
C SER B 198 -6.72 19.00 -24.50
N LEU B 199 -5.60 19.58 -24.08
CA LEU B 199 -5.42 21.02 -24.24
C LEU B 199 -5.22 21.39 -25.71
N VAL B 200 -4.45 20.60 -26.45
CA VAL B 200 -4.30 20.85 -27.88
C VAL B 200 -5.67 20.83 -28.56
N ILE B 201 -6.47 19.80 -28.27
CA ILE B 201 -7.80 19.69 -28.87
C ILE B 201 -8.65 20.90 -28.50
N SER B 202 -8.69 21.24 -27.21
CA SER B 202 -9.52 22.35 -26.77
C SER B 202 -9.10 23.65 -27.43
N ALA B 203 -7.81 23.89 -27.55
CA ALA B 203 -7.32 25.11 -28.17
C ALA B 203 -7.69 25.16 -29.64
N SER B 204 -7.50 24.05 -30.36
CA SER B 204 -7.86 24.04 -31.76
C SER B 204 -9.35 24.25 -31.95
N ILE B 205 -10.17 23.65 -31.09
CA ILE B 205 -11.61 23.85 -31.18
C ILE B 205 -11.98 25.29 -30.84
N ILE B 206 -11.23 25.93 -29.95
CA ILE B 206 -11.47 27.34 -29.64
C ILE B 206 -11.18 28.20 -30.87
N VAL B 207 -10.07 27.93 -31.55
CA VAL B 207 -9.74 28.67 -32.77
C VAL B 207 -10.83 28.46 -33.82
N PHE B 208 -11.27 27.21 -33.99
CA PHE B 208 -12.33 26.91 -34.94
C PHE B 208 -13.61 27.67 -34.58
N ASN B 209 -13.96 27.67 -33.29
CA ASN B 209 -15.14 28.39 -32.84
C ASN B 209 -15.02 29.88 -33.15
N LEU B 210 -13.84 30.45 -32.94
CA LEU B 210 -13.66 31.87 -33.19
C LEU B 210 -13.78 32.19 -34.67
N VAL B 211 -13.11 31.40 -35.51
CA VAL B 211 -13.22 31.62 -36.96
C VAL B 211 -14.68 31.55 -37.39
N GLU B 212 -15.37 30.47 -37.04
CA GLU B 212 -16.78 30.32 -37.42
C GLU B 212 -17.70 31.26 -36.65
N LEU B 213 -17.19 31.99 -35.66
CA LEU B 213 -18.02 32.88 -34.86
C LEU B 213 -18.68 33.94 -35.74
N GLU B 214 -17.93 34.51 -36.68
CA GLU B 214 -18.47 35.52 -37.58
C GLU B 214 -19.27 34.92 -38.73
N GLY B 215 -19.24 33.61 -38.90
CA GLY B 215 -19.97 32.96 -39.97
C GLY B 215 -21.45 32.88 -39.68
N ASP B 216 -22.09 31.92 -40.35
CA ASP B 216 -23.53 31.76 -40.22
C ASP B 216 -23.92 31.27 -38.82
N CYS B 217 -23.27 30.20 -38.36
CA CYS B 217 -23.58 29.60 -37.06
C CYS B 217 -22.75 30.30 -35.99
N ARG B 218 -23.37 31.25 -35.27
CA ARG B 218 -22.69 31.96 -34.20
C ARG B 218 -23.10 31.48 -32.82
N ASP B 219 -24.37 31.10 -32.64
CA ASP B 219 -24.84 30.64 -31.33
C ASP B 219 -24.19 29.32 -30.94
N ASP B 220 -24.16 28.36 -31.87
CA ASP B 220 -23.53 27.07 -31.60
C ASP B 220 -22.06 27.26 -31.19
N HIS B 221 -21.33 28.09 -31.93
CA HIS B 221 -19.90 28.23 -31.66
C HIS B 221 -19.62 29.08 -30.43
N VAL B 222 -20.46 30.08 -30.13
CA VAL B 222 -20.26 30.80 -28.88
C VAL B 222 -20.56 29.89 -27.69
N PHE B 223 -21.54 28.98 -27.84
CA PHE B 223 -21.78 27.95 -26.82
C PHE B 223 -20.55 27.08 -26.63
N SER B 224 -19.99 26.60 -27.74
CA SER B 224 -18.75 25.83 -27.68
C SER B 224 -17.66 26.60 -26.94
N LEU B 225 -17.55 27.91 -27.20
CA LEU B 225 -16.56 28.72 -26.50
C LEU B 225 -16.85 28.76 -25.00
N TYR B 226 -18.10 29.03 -24.63
CA TYR B 226 -18.50 29.04 -23.23
C TYR B 226 -17.99 27.81 -22.50
N PHE B 227 -18.16 26.64 -23.12
CA PHE B 227 -17.76 25.40 -22.46
C PHE B 227 -16.29 25.04 -22.67
N MET B 228 -15.60 25.68 -23.62
CA MET B 228 -14.23 25.32 -23.95
C MET B 228 -13.19 26.16 -23.20
N ILE B 229 -13.37 27.47 -23.17
CA ILE B 229 -12.35 28.36 -22.60
C ILE B 229 -12.05 27.95 -21.17
N PRO B 230 -13.03 27.98 -20.26
CA PRO B 230 -12.72 27.56 -18.87
C PRO B 230 -12.16 26.16 -18.78
N PHE B 231 -12.64 25.24 -19.63
CA PHE B 231 -12.03 23.92 -19.67
C PHE B 231 -10.55 24.01 -19.99
N PHE B 232 -10.20 24.78 -21.03
CA PHE B 232 -8.79 24.91 -21.39
C PHE B 232 -7.98 25.42 -20.22
N PHE B 233 -8.45 26.46 -19.53
CA PHE B 233 -7.61 27.08 -18.50
C PHE B 233 -7.52 26.21 -17.25
N THR B 234 -8.63 25.58 -16.83
CA THR B 234 -8.55 24.67 -15.69
C THR B 234 -7.66 23.47 -15.99
N THR B 235 -7.82 22.86 -17.17
CA THR B 235 -6.94 21.78 -17.56
C THR B 235 -5.48 22.24 -17.64
N LEU B 236 -5.25 23.50 -17.97
CA LEU B 236 -3.90 24.05 -17.91
C LEU B 236 -3.38 24.07 -16.48
N GLY B 237 -4.21 24.51 -15.55
CA GLY B 237 -3.84 24.45 -14.15
C GLY B 237 -3.46 23.05 -13.72
N LEU B 238 -4.18 22.05 -14.24
CA LEU B 238 -3.87 20.66 -13.91
C LEU B 238 -2.56 20.22 -14.56
N LEU B 239 -2.34 20.61 -15.82
CA LEU B 239 -1.11 20.23 -16.51
C LEU B 239 0.12 20.83 -15.84
N TYR B 240 -0.03 22.00 -15.22
CA TYR B 240 1.12 22.60 -14.53
C TYR B 240 1.77 21.59 -13.60
N HIS B 241 0.97 20.87 -12.83
CA HIS B 241 1.49 19.86 -11.92
C HIS B 241 1.69 18.50 -12.60
N ASN B 242 0.89 18.19 -13.62
CA ASN B 242 0.98 16.87 -14.24
C ASN B 242 2.19 16.70 -15.15
N TRP B 243 2.85 17.79 -15.54
CA TRP B 243 3.94 17.70 -16.51
C TRP B 243 5.14 16.95 -15.93
N TYR B 244 5.92 16.37 -16.84
CA TYR B 244 7.10 15.60 -16.43
C TYR B 244 8.10 16.50 -15.73
N PRO B 245 8.63 16.11 -14.56
CA PRO B 245 8.27 14.92 -13.77
C PRO B 245 6.90 15.06 -13.10
N SER B 246 6.04 14.08 -13.30
CA SER B 246 4.67 14.16 -12.81
C SER B 246 4.64 14.27 -11.30
N ARG B 247 4.01 15.34 -10.80
CA ARG B 247 3.70 15.47 -9.39
C ARG B 247 2.28 15.01 -9.04
N VAL B 248 1.41 14.87 -10.05
CA VAL B 248 0.03 14.44 -9.86
C VAL B 248 -0.38 13.57 -11.03
N PHE B 249 -1.51 12.88 -10.87
CA PHE B 249 -2.13 12.10 -11.94
C PHE B 249 -3.56 12.56 -12.12
N VAL B 250 -4.00 12.64 -13.39
CA VAL B 250 -5.31 13.20 -13.69
C VAL B 250 -6.39 12.15 -13.51
N GLY B 251 -6.18 10.95 -14.05
CA GLY B 251 -7.08 9.84 -13.83
C GLY B 251 -8.35 9.87 -14.68
N ASP B 252 -9.16 8.84 -14.48
CA ASP B 252 -10.40 8.70 -15.21
C ASP B 252 -11.31 9.90 -15.01
N THR B 253 -11.22 10.55 -13.85
CA THR B 253 -11.99 11.78 -13.63
C THR B 253 -11.76 12.75 -14.77
N PHE B 254 -10.49 13.12 -15.01
CA PHE B 254 -10.19 14.07 -16.07
C PHE B 254 -10.44 13.49 -17.45
N CYS B 255 -10.10 12.22 -17.66
CA CYS B 255 -10.33 11.61 -18.97
C CYS B 255 -11.80 11.75 -19.38
N TYR B 256 -12.71 11.27 -18.53
CA TYR B 256 -14.13 11.32 -18.82
C TYR B 256 -14.64 12.75 -18.89
N PHE B 257 -14.23 13.59 -17.94
CA PHE B 257 -14.61 15.00 -17.95
C PHE B 257 -14.29 15.65 -19.30
N ALA B 258 -13.05 15.48 -19.77
CA ALA B 258 -12.62 16.11 -21.02
C ALA B 258 -13.37 15.52 -22.20
N GLY B 259 -13.39 14.20 -22.32
CA GLY B 259 -14.10 13.60 -23.44
C GLY B 259 -15.54 14.07 -23.52
N MET B 260 -16.22 14.13 -22.37
CA MET B 260 -17.63 14.48 -22.39
C MET B 260 -17.83 15.96 -22.69
N THR B 261 -16.97 16.84 -22.17
CA THR B 261 -17.05 18.25 -22.52
C THR B 261 -16.89 18.43 -24.02
N PHE B 262 -15.95 17.70 -24.63
CA PHE B 262 -15.76 17.78 -26.07
C PHE B 262 -16.99 17.28 -26.82
N ALA B 263 -17.50 16.11 -26.43
CA ALA B 263 -18.70 15.59 -27.08
C ALA B 263 -19.84 16.59 -26.97
N VAL B 264 -19.96 17.29 -25.83
CA VAL B 264 -21.02 18.27 -25.65
C VAL B 264 -20.87 19.42 -26.62
N VAL B 265 -19.70 20.06 -26.60
CA VAL B 265 -19.51 21.23 -27.46
C VAL B 265 -19.68 20.85 -28.92
N GLY B 266 -19.23 19.64 -29.30
CA GLY B 266 -19.35 19.23 -30.69
C GLY B 266 -20.78 18.91 -31.09
N ILE B 267 -21.47 18.13 -30.26
CA ILE B 267 -22.84 17.71 -30.57
C ILE B 267 -23.77 18.93 -30.59
N LEU B 268 -23.83 19.66 -29.47
CA LEU B 268 -24.70 20.83 -29.42
C LEU B 268 -24.18 21.97 -30.28
N GLY B 269 -22.91 21.91 -30.69
CA GLY B 269 -22.37 22.89 -31.61
C GLY B 269 -22.57 22.56 -33.07
N HIS B 270 -22.93 21.32 -33.37
CA HIS B 270 -23.24 20.86 -34.73
C HIS B 270 -22.00 20.82 -35.62
N PHE B 271 -20.84 20.48 -35.05
CA PHE B 271 -19.62 20.25 -35.83
C PHE B 271 -18.94 18.98 -35.31
N SER B 272 -19.72 17.91 -35.14
CA SER B 272 -19.15 16.65 -34.69
C SER B 272 -18.16 16.07 -35.70
N LYS B 273 -18.38 16.32 -36.99
CA LYS B 273 -17.43 15.84 -38.00
C LYS B 273 -16.08 16.53 -37.87
N THR B 274 -16.09 17.86 -37.80
CA THR B 274 -14.85 18.60 -37.60
C THR B 274 -14.16 18.18 -36.30
N MET B 275 -14.94 18.03 -35.23
CA MET B 275 -14.38 17.60 -33.96
C MET B 275 -13.68 16.24 -34.11
N LEU B 276 -14.40 15.25 -34.65
CA LEU B 276 -13.79 13.94 -34.86
C LEU B 276 -12.51 14.06 -35.66
N LEU B 277 -12.50 14.95 -36.66
CA LEU B 277 -11.27 15.20 -37.41
C LEU B 277 -10.17 15.72 -36.52
N PHE B 278 -10.53 16.47 -35.47
CA PHE B 278 -9.53 16.84 -34.47
C PHE B 278 -9.08 15.62 -33.65
N PHE B 279 -9.92 14.59 -33.56
CA PHE B 279 -9.61 13.36 -32.83
C PHE B 279 -8.89 12.36 -33.73
N MET B 280 -7.87 12.80 -34.45
CA MET B 280 -7.23 11.86 -35.37
C MET B 280 -6.27 10.94 -34.63
N PRO B 281 -5.34 11.47 -33.84
CA PRO B 281 -4.51 10.56 -33.04
C PRO B 281 -5.34 9.64 -32.16
N GLN B 282 -6.39 10.16 -31.54
CA GLN B 282 -7.18 9.34 -30.62
C GLN B 282 -8.00 8.30 -31.39
N VAL B 283 -8.55 8.65 -32.55
CA VAL B 283 -9.30 7.69 -33.35
C VAL B 283 -8.38 6.58 -33.86
N PHE B 284 -7.21 6.95 -34.40
CA PHE B 284 -6.27 5.95 -34.89
C PHE B 284 -5.79 5.05 -33.77
N ASN B 285 -5.48 5.63 -32.61
CA ASN B 285 -5.02 4.83 -31.48
C ASN B 285 -6.14 3.91 -30.97
N PHE B 286 -7.39 4.38 -31.03
CA PHE B 286 -8.51 3.55 -30.62
C PHE B 286 -8.66 2.35 -31.55
N LEU B 287 -8.74 2.59 -32.86
CA LEU B 287 -8.89 1.49 -33.80
C LEU B 287 -7.70 0.54 -33.72
N TYR B 288 -6.48 1.09 -33.66
CA TYR B 288 -5.28 0.26 -33.62
C TYR B 288 -5.24 -0.60 -32.36
N SER B 289 -5.91 -0.17 -31.29
CA SER B 289 -6.02 -0.96 -30.08
C SER B 289 -7.23 -1.88 -30.10
N LEU B 290 -8.09 -1.76 -31.11
CA LEU B 290 -9.36 -2.49 -31.08
C LEU B 290 -9.19 -3.99 -30.91
N PRO B 291 -8.21 -4.65 -31.52
CA PRO B 291 -8.11 -6.11 -31.34
C PRO B 291 -7.91 -6.52 -29.88
N GLN B 292 -7.15 -5.75 -29.11
CA GLN B 292 -6.94 -6.07 -27.71
C GLN B 292 -8.12 -5.68 -26.85
N LEU B 293 -8.77 -4.57 -27.16
CA LEU B 293 -9.95 -4.15 -26.40
C LEU B 293 -11.04 -5.21 -26.46
N LEU B 294 -11.21 -5.84 -27.63
CA LEU B 294 -12.20 -6.89 -27.80
C LEU B 294 -11.70 -8.25 -27.33
N HIS B 295 -10.49 -8.32 -26.76
CA HIS B 295 -9.94 -9.56 -26.22
C HIS B 295 -9.72 -10.61 -27.31
N ILE B 296 -9.56 -10.18 -28.56
CA ILE B 296 -9.13 -11.11 -29.60
C ILE B 296 -7.67 -11.49 -29.39
N ILE B 297 -6.80 -10.49 -29.29
CA ILE B 297 -5.42 -10.69 -28.86
C ILE B 297 -5.34 -10.37 -27.37
N PRO B 298 -4.72 -11.23 -26.55
CA PRO B 298 -4.70 -10.97 -25.10
C PRO B 298 -4.32 -9.53 -24.78
N CYS B 299 -5.05 -8.95 -23.83
CA CYS B 299 -4.92 -7.53 -23.50
C CYS B 299 -4.42 -7.36 -22.07
N PRO B 300 -3.18 -6.92 -21.87
CA PRO B 300 -2.71 -6.66 -20.49
C PRO B 300 -3.48 -5.53 -19.83
N ARG B 301 -3.37 -5.48 -18.49
CA ARG B 301 -4.04 -4.43 -17.74
C ARG B 301 -3.38 -3.08 -17.96
N HIS B 302 -2.08 -3.06 -18.23
CA HIS B 302 -1.35 -1.83 -18.55
C HIS B 302 -0.52 -2.09 -19.79
N ARG B 303 -0.75 -1.30 -20.83
CA ARG B 303 -0.06 -1.45 -22.11
C ARG B 303 0.82 -0.24 -22.40
N ILE B 304 1.54 0.23 -21.37
CA ILE B 304 2.38 1.41 -21.47
C ILE B 304 3.76 0.99 -21.97
N PRO B 305 4.60 1.93 -22.41
CA PRO B 305 5.98 1.56 -22.80
C PRO B 305 6.83 1.26 -21.57
N ARG B 306 7.49 0.11 -21.57
CA ARG B 306 8.34 -0.29 -20.46
C ARG B 306 9.63 0.51 -20.47
N LEU B 307 9.89 1.23 -19.38
CA LEU B 307 11.16 1.92 -19.23
C LEU B 307 12.31 0.93 -19.24
N ASN B 308 13.46 1.36 -19.76
CA ASN B 308 14.68 0.58 -19.70
C ASN B 308 15.58 1.20 -18.65
N ILE B 309 15.99 0.38 -17.67
CA ILE B 309 16.75 0.89 -16.53
C ILE B 309 18.12 1.39 -16.98
N LYS B 310 18.76 0.67 -17.90
CA LYS B 310 20.10 1.07 -18.35
C LYS B 310 20.03 2.37 -19.15
N THR B 311 19.22 2.38 -20.20
CA THR B 311 19.19 3.52 -21.11
C THR B 311 18.62 4.75 -20.42
N GLY B 312 17.49 4.59 -19.72
CA GLY B 312 16.74 5.72 -19.23
C GLY B 312 15.67 6.19 -20.18
N LYS B 313 15.46 5.50 -21.30
CA LYS B 313 14.46 5.86 -22.30
C LYS B 313 13.37 4.79 -22.34
N LEU B 314 12.24 5.15 -22.92
CA LEU B 314 11.10 4.25 -23.02
C LEU B 314 11.21 3.39 -24.26
N GLU B 315 10.99 2.09 -24.10
CA GLU B 315 10.96 1.15 -25.21
C GLU B 315 9.58 0.54 -25.32
N MET B 316 9.37 -0.21 -26.40
CA MET B 316 8.08 -0.83 -26.64
C MET B 316 7.74 -1.83 -25.54
N SER B 317 6.50 -2.31 -25.57
CA SER B 317 6.04 -3.38 -24.69
C SER B 317 5.30 -4.42 -25.54
N TYR B 318 5.38 -5.67 -25.12
CA TYR B 318 4.74 -6.76 -25.85
C TYR B 318 3.68 -7.43 -24.97
N SER B 319 2.95 -8.35 -25.59
CA SER B 319 1.97 -9.20 -24.92
C SER B 319 2.34 -10.65 -25.24
N LYS B 320 2.77 -11.40 -24.23
CA LYS B 320 3.19 -12.77 -24.40
C LYS B 320 2.03 -13.71 -24.13
N PHE B 321 1.87 -14.72 -24.98
CA PHE B 321 0.77 -15.65 -24.83
C PHE B 321 1.05 -16.92 -25.62
N LYS B 322 0.46 -18.02 -25.17
CA LYS B 322 0.59 -19.28 -25.90
C LYS B 322 -0.17 -19.20 -27.22
N THR B 323 0.47 -19.66 -28.29
CA THR B 323 -0.12 -19.54 -29.61
C THR B 323 -1.35 -20.42 -29.77
N LYS B 324 -1.32 -21.64 -29.19
CA LYS B 324 -2.43 -22.57 -29.34
C LYS B 324 -3.75 -21.94 -28.92
N SER B 325 -3.74 -21.27 -27.76
CA SER B 325 -4.97 -20.64 -27.26
C SER B 325 -5.51 -19.62 -28.25
N LEU B 326 -4.61 -18.86 -28.89
CA LEU B 326 -5.03 -17.83 -29.83
C LEU B 326 -5.91 -18.43 -30.92
N SER B 327 -7.07 -17.81 -31.13
CA SER B 327 -8.04 -18.32 -32.10
C SER B 327 -7.60 -17.99 -33.52
N PHE B 328 -8.29 -18.59 -34.49
CA PHE B 328 -7.93 -18.40 -35.90
C PHE B 328 -8.01 -16.93 -36.29
N LEU B 329 -9.10 -16.26 -35.92
CA LEU B 329 -9.26 -14.84 -36.25
C LEU B 329 -8.10 -14.01 -35.70
N GLY B 330 -7.68 -14.29 -34.47
CA GLY B 330 -6.56 -13.56 -33.90
C GLY B 330 -5.28 -13.76 -34.71
N THR B 331 -4.97 -15.02 -35.04
CA THR B 331 -3.79 -15.30 -35.85
C THR B 331 -3.86 -14.57 -37.19
N PHE B 332 -5.06 -14.51 -37.78
CA PHE B 332 -5.23 -13.83 -39.06
C PHE B 332 -4.94 -12.34 -38.94
N ILE B 333 -5.57 -11.69 -37.95
CA ILE B 333 -5.32 -10.26 -37.73
C ILE B 333 -3.84 -10.01 -37.50
N LEU B 334 -3.19 -10.86 -36.71
CA LEU B 334 -1.78 -10.67 -36.41
C LEU B 334 -0.93 -10.82 -37.67
N LYS B 335 -1.25 -11.80 -38.51
CA LYS B 335 -0.51 -11.98 -39.74
C LYS B 335 -0.67 -10.77 -40.66
N VAL B 336 -1.88 -10.25 -40.76
CA VAL B 336 -2.11 -9.06 -41.58
C VAL B 336 -1.30 -7.89 -41.06
N ALA B 337 -1.32 -7.68 -39.73
CA ALA B 337 -0.57 -6.58 -39.14
C ALA B 337 0.91 -6.72 -39.44
N GLU B 338 1.47 -7.92 -39.22
CA GLU B 338 2.88 -8.14 -39.54
C GLU B 338 3.15 -7.83 -41.02
N SER B 339 2.24 -8.24 -41.91
CA SER B 339 2.41 -7.95 -43.32
C SER B 339 2.51 -6.45 -43.57
N LEU B 340 1.66 -5.66 -42.92
CA LEU B 340 1.66 -4.22 -43.09
C LEU B 340 2.80 -3.54 -42.33
N GLN B 341 3.65 -4.30 -41.64
CA GLN B 341 4.77 -3.73 -40.89
C GLN B 341 4.29 -2.84 -39.75
N LEU B 342 3.11 -3.14 -39.21
CA LEU B 342 2.58 -2.39 -38.06
C LEU B 342 2.96 -3.01 -36.73
N VAL B 343 3.05 -4.33 -36.66
CA VAL B 343 3.28 -5.06 -35.41
C VAL B 343 4.58 -5.84 -35.54
N THR B 344 5.39 -5.80 -34.47
CA THR B 344 6.56 -6.66 -34.36
C THR B 344 6.18 -7.93 -33.60
N VAL B 345 6.60 -9.08 -34.12
CA VAL B 345 6.28 -10.37 -33.53
C VAL B 345 7.55 -11.21 -33.45
N HIS B 346 7.77 -11.81 -32.29
CA HIS B 346 8.86 -12.76 -32.08
C HIS B 346 8.26 -14.12 -31.73
N GLN B 347 9.12 -15.13 -31.71
CA GLN B 347 8.68 -16.48 -31.37
C GLN B 347 9.74 -17.21 -30.55
N PHE B 355 5.42 -20.53 -27.19
CA PHE B 355 4.68 -19.29 -26.97
C PHE B 355 5.10 -18.22 -27.98
N THR B 356 4.29 -17.16 -28.08
CA THR B 356 4.56 -16.05 -29.00
C THR B 356 4.19 -14.74 -28.32
N GLU B 357 4.97 -13.70 -28.61
CA GLU B 357 4.76 -12.38 -28.05
C GLU B 357 4.49 -11.40 -29.18
N CYS B 358 3.41 -10.62 -29.04
CA CYS B 358 2.97 -9.68 -30.06
C CYS B 358 3.07 -8.26 -29.51
N ASN B 359 3.66 -7.36 -30.29
CA ASN B 359 3.84 -5.98 -29.86
C ASN B 359 2.51 -5.38 -29.38
N ASN B 360 2.53 -4.78 -28.19
CA ASN B 360 1.34 -4.11 -27.68
C ASN B 360 0.92 -3.00 -28.63
N MET B 361 -0.39 -2.91 -28.85
CA MET B 361 -0.94 -2.06 -29.90
C MET B 361 -1.55 -0.80 -29.27
N THR B 362 -0.74 0.26 -29.20
CA THR B 362 -1.20 1.59 -28.84
C THR B 362 -0.27 2.59 -29.52
N LEU B 363 -0.82 3.75 -29.87
CA LEU B 363 -0.05 4.70 -30.66
C LEU B 363 1.30 5.01 -30.06
N ILE B 364 1.41 4.94 -28.72
CA ILE B 364 2.70 5.17 -28.06
C ILE B 364 3.70 4.10 -28.48
N ASN B 365 3.32 2.83 -28.31
CA ASN B 365 4.18 1.73 -28.73
C ASN B 365 4.45 1.79 -30.23
N LEU B 366 3.51 2.30 -31.02
CA LEU B 366 3.74 2.37 -32.46
C LEU B 366 4.77 3.43 -32.82
N LEU B 367 4.70 4.61 -32.18
CA LEU B 367 5.75 5.60 -32.38
C LEU B 367 7.10 5.07 -31.92
N LEU B 368 7.12 4.30 -30.83
CA LEU B 368 8.39 3.72 -30.40
C LEU B 368 8.89 2.67 -31.37
N LYS B 369 7.99 1.93 -32.02
CA LYS B 369 8.40 1.01 -33.08
C LYS B 369 8.99 1.76 -34.25
N VAL B 370 8.41 2.91 -34.60
CA VAL B 370 8.87 3.67 -35.76
C VAL B 370 10.18 4.39 -35.46
N LEU B 371 10.46 4.71 -34.19
CA LEU B 371 11.62 5.53 -33.84
C LEU B 371 12.48 4.94 -32.72
N GLY B 372 12.23 3.70 -32.30
CA GLY B 372 13.04 3.08 -31.30
C GLY B 372 12.93 3.77 -29.94
N PRO B 373 13.97 3.65 -29.11
CA PRO B 373 13.88 4.21 -27.75
C PRO B 373 13.77 5.72 -27.78
N ILE B 374 12.84 6.25 -26.98
CA ILE B 374 12.67 7.68 -26.81
C ILE B 374 12.44 7.95 -25.33
N HIS B 375 13.02 9.05 -24.83
CA HIS B 375 12.80 9.44 -23.46
C HIS B 375 11.33 9.78 -23.23
N GLU B 376 10.91 9.69 -21.97
CA GLU B 376 9.50 9.90 -21.64
C GLU B 376 9.02 11.28 -22.07
N ARG B 377 9.71 12.33 -21.60
CA ARG B 377 9.33 13.69 -21.95
C ARG B 377 9.34 13.91 -23.46
N ASN B 378 10.40 13.45 -24.13
CA ASN B 378 10.48 13.61 -25.57
C ASN B 378 9.33 12.91 -26.27
N LEU B 379 8.98 11.71 -25.80
CA LEU B 379 7.88 10.97 -26.42
C LEU B 379 6.56 11.71 -26.24
N THR B 380 6.30 12.20 -25.04
CA THR B 380 5.10 13.01 -24.80
C THR B 380 5.03 14.19 -25.74
N LEU B 381 6.11 14.98 -25.79
CA LEU B 381 6.14 16.15 -26.67
C LEU B 381 5.94 15.75 -28.12
N LEU B 382 6.49 14.60 -28.52
CA LEU B 382 6.29 14.11 -29.88
C LEU B 382 4.81 13.87 -30.16
N LEU B 383 4.11 13.24 -29.22
CA LEU B 383 2.68 12.98 -29.41
C LEU B 383 1.88 14.28 -29.45
N LEU B 384 2.26 15.25 -28.61
CA LEU B 384 1.58 16.56 -28.68
C LEU B 384 1.81 17.21 -30.05
N LEU B 385 3.03 17.12 -30.58
CA LEU B 385 3.34 17.68 -31.89
C LEU B 385 2.52 17.01 -32.98
N LEU B 386 2.43 15.68 -32.94
CA LEU B 386 1.60 14.96 -33.89
C LEU B 386 0.14 15.39 -33.79
N GLN B 387 -0.34 15.65 -32.57
CA GLN B 387 -1.69 16.18 -32.39
C GLN B 387 -1.86 17.53 -33.08
N ILE B 388 -0.85 18.40 -32.93
CA ILE B 388 -0.89 19.70 -33.60
C ILE B 388 -0.98 19.53 -35.11
N LEU B 389 -0.19 18.60 -35.65
CA LEU B 389 -0.24 18.32 -37.08
C LEU B 389 -1.63 17.85 -37.49
N GLY B 390 -2.24 16.96 -36.71
CA GLY B 390 -3.60 16.55 -36.98
C GLY B 390 -4.56 17.72 -37.04
N SER B 391 -4.44 18.64 -36.07
CA SER B 391 -5.29 19.82 -36.05
C SER B 391 -5.09 20.67 -37.30
N ALA B 392 -3.83 20.84 -37.71
CA ALA B 392 -3.54 21.63 -38.90
C ALA B 392 -4.16 20.99 -40.14
N ILE B 393 -4.05 19.66 -40.26
CA ILE B 393 -4.72 18.96 -41.36
C ILE B 393 -6.21 19.21 -41.32
N THR B 394 -6.81 19.17 -40.12
CA THR B 394 -8.24 19.39 -40.00
C THR B 394 -8.61 20.79 -40.50
N PHE B 395 -7.81 21.79 -40.15
CA PHE B 395 -8.09 23.14 -40.62
C PHE B 395 -7.94 23.25 -42.13
N SER B 396 -6.91 22.63 -42.70
CA SER B 396 -6.74 22.65 -44.14
C SER B 396 -7.95 22.04 -44.84
N ILE B 397 -8.38 20.87 -44.37
CA ILE B 397 -9.54 20.23 -45.00
C ILE B 397 -10.79 21.09 -44.84
N ARG B 398 -10.99 21.64 -43.65
CA ARG B 398 -12.18 22.45 -43.39
C ARG B 398 -12.23 23.67 -44.31
N TYR B 399 -11.09 24.35 -44.49
CA TYR B 399 -11.07 25.63 -45.20
C TYR B 399 -10.35 25.56 -46.55
N GLN B 400 -10.01 24.36 -47.02
CA GLN B 400 -9.41 24.19 -48.34
C GLN B 400 -8.15 25.05 -48.48
N LEU B 401 -7.19 24.80 -47.60
CA LEU B 401 -5.95 25.56 -47.57
C LEU B 401 -4.76 24.65 -47.81
N VAL B 402 -3.65 25.27 -48.22
CA VAL B 402 -2.43 24.50 -48.51
C VAL B 402 -1.93 23.84 -47.24
N ARG B 403 -1.39 22.64 -47.39
CA ARG B 403 -0.88 21.89 -46.25
C ARG B 403 0.55 22.30 -45.92
N PRO C 8 34.83 -42.53 4.74
CA PRO C 8 34.31 -42.42 6.10
C PRO C 8 32.79 -42.31 6.15
N MET C 9 32.18 -42.75 7.25
CA MET C 9 30.73 -42.61 7.40
C MET C 9 30.29 -41.16 7.37
N PRO C 10 30.96 -40.21 8.04
CA PRO C 10 30.50 -38.82 8.00
C PRO C 10 30.31 -38.27 6.59
N LEU C 11 31.21 -38.60 5.66
CA LEU C 11 31.06 -38.10 4.30
C LEU C 11 29.85 -38.71 3.62
N LEU C 12 29.56 -39.98 3.89
CA LEU C 12 28.37 -40.61 3.34
C LEU C 12 27.10 -39.93 3.85
N ILE C 13 27.02 -39.72 5.17
CA ILE C 13 25.89 -38.98 5.74
C ILE C 13 25.78 -37.61 5.10
N ASN C 14 26.93 -36.94 4.91
CA ASN C 14 26.94 -35.61 4.33
C ASN C 14 26.33 -35.62 2.93
N LEU C 15 26.74 -36.58 2.09
CA LEU C 15 26.20 -36.68 0.75
C LEU C 15 24.71 -36.95 0.77
N ILE C 16 24.26 -37.84 1.66
CA ILE C 16 22.83 -38.12 1.78
C ILE C 16 22.06 -36.85 2.07
N VAL C 17 22.41 -36.18 3.18
CA VAL C 17 21.69 -34.98 3.57
C VAL C 17 21.84 -33.88 2.53
N SER C 18 22.92 -33.89 1.75
CA SER C 18 23.10 -32.89 0.70
C SER C 18 22.12 -33.12 -0.45
N LEU C 19 21.92 -34.37 -0.85
CA LEU C 19 20.92 -34.66 -1.88
C LEU C 19 19.52 -34.35 -1.37
N LEU C 20 19.23 -34.72 -0.12
CA LEU C 20 17.94 -34.34 0.47
C LEU C 20 17.77 -32.84 0.50
N GLY C 21 18.85 -32.09 0.75
CA GLY C 21 18.76 -30.64 0.73
C GLY C 21 18.54 -30.09 -0.67
N PHE C 22 19.14 -30.72 -1.66
CA PHE C 22 18.84 -30.35 -3.05
C PHE C 22 17.36 -30.51 -3.34
N VAL C 23 16.79 -31.64 -2.94
CA VAL C 23 15.35 -31.85 -3.10
C VAL C 23 14.58 -30.76 -2.37
N ALA C 24 14.98 -30.46 -1.14
CA ALA C 24 14.29 -29.43 -0.35
C ALA C 24 14.33 -28.09 -1.07
N THR C 25 15.46 -27.75 -1.70
CA THR C 25 15.58 -26.49 -2.41
C THR C 25 14.67 -26.47 -3.64
N VAL C 26 14.81 -27.47 -4.51
CA VAL C 26 14.01 -27.51 -5.73
C VAL C 26 12.53 -27.49 -5.40
N THR C 27 12.13 -28.10 -4.27
CA THR C 27 10.72 -28.17 -3.93
C THR C 27 10.22 -26.88 -3.26
N LEU C 28 10.99 -26.33 -2.32
CA LEU C 28 10.54 -25.18 -1.54
C LEU C 28 10.68 -23.87 -2.28
N ILE C 29 11.57 -23.77 -3.26
CA ILE C 29 11.72 -22.53 -4.02
C ILE C 29 10.36 -22.14 -4.60
N PRO C 30 9.69 -23.01 -5.35
CA PRO C 30 8.37 -22.63 -5.88
C PRO C 30 7.30 -22.51 -4.82
N ALA C 31 7.43 -23.22 -3.69
CA ALA C 31 6.41 -23.16 -2.65
C ALA C 31 6.30 -21.79 -2.02
N PHE C 32 7.44 -21.10 -1.84
CA PHE C 32 7.48 -19.80 -1.18
C PHE C 32 7.41 -18.63 -2.16
N ARG C 33 7.13 -18.90 -3.45
CA ARG C 33 7.13 -17.82 -4.44
C ARG C 33 6.15 -16.72 -4.07
N GLY C 34 4.94 -17.10 -3.64
CA GLY C 34 3.94 -16.10 -3.30
C GLY C 34 4.40 -15.14 -2.21
N HIS C 35 5.05 -15.67 -1.17
CA HIS C 35 5.59 -14.83 -0.12
C HIS C 35 6.52 -13.77 -0.71
N PHE C 36 7.46 -14.20 -1.56
CA PHE C 36 8.40 -13.25 -2.17
C PHE C 36 7.67 -12.19 -2.98
N ILE C 37 6.74 -12.61 -3.85
CA ILE C 37 6.02 -11.65 -4.69
C ILE C 37 5.30 -10.62 -3.81
N ALA C 38 4.55 -11.09 -2.82
CA ALA C 38 3.81 -10.18 -1.96
C ALA C 38 4.73 -9.19 -1.26
N ALA C 39 5.94 -9.60 -0.91
CA ALA C 39 6.87 -8.75 -0.19
C ALA C 39 7.58 -7.75 -1.08
N ARG C 40 7.34 -7.77 -2.39
CA ARG C 40 7.97 -6.88 -3.35
C ARG C 40 9.45 -7.19 -3.55
N LEU C 41 9.89 -8.41 -3.19
CA LEU C 41 11.27 -8.82 -3.39
C LEU C 41 11.38 -9.45 -4.77
N CYS C 42 11.46 -8.57 -5.78
CA CYS C 42 11.51 -9.05 -7.16
C CYS C 42 12.16 -7.98 -8.03
N GLY C 43 12.61 -8.41 -9.21
CA GLY C 43 13.23 -7.52 -10.15
C GLY C 43 12.82 -7.86 -11.57
N GLN C 44 13.06 -6.90 -12.46
CA GLN C 44 12.73 -7.05 -13.87
C GLN C 44 13.93 -7.62 -14.63
N ASP C 45 13.66 -8.56 -15.52
CA ASP C 45 14.73 -9.19 -16.31
C ASP C 45 15.24 -8.18 -17.32
N LEU C 46 16.37 -7.54 -17.01
CA LEU C 46 16.87 -6.44 -17.82
C LEU C 46 17.28 -6.87 -19.22
N ASN C 47 17.53 -8.16 -19.44
CA ASN C 47 17.99 -8.65 -20.73
C ASN C 47 16.91 -9.46 -21.46
N LYS C 48 15.64 -9.13 -21.20
CA LYS C 48 14.52 -9.71 -21.93
C LYS C 48 13.45 -8.64 -22.12
N THR C 49 12.70 -8.74 -23.21
CA THR C 49 11.71 -7.74 -23.55
C THR C 49 10.51 -7.76 -22.61
N SER C 50 10.27 -8.87 -21.92
CA SER C 50 9.15 -8.95 -21.00
C SER C 50 9.30 -7.91 -19.89
N ARG C 51 8.18 -7.61 -19.23
CA ARG C 51 8.13 -6.62 -18.16
C ARG C 51 7.68 -7.21 -16.83
N GLN C 52 7.51 -8.53 -16.75
CA GLN C 52 7.07 -9.15 -15.51
C GLN C 52 8.16 -9.06 -14.44
N GLN C 53 7.74 -9.23 -13.19
CA GLN C 53 8.66 -9.27 -12.07
C GLN C 53 9.05 -10.72 -11.77
N ILE C 54 10.29 -10.90 -11.34
CA ILE C 54 10.85 -12.21 -11.04
C ILE C 54 11.34 -12.18 -9.61
N PRO C 55 11.03 -13.18 -8.78
CA PRO C 55 11.45 -13.14 -7.37
C PRO C 55 12.96 -12.94 -7.23
N GLU C 56 13.33 -12.12 -6.26
CA GLU C 56 14.71 -11.77 -5.99
C GLU C 56 15.17 -12.38 -4.67
N SER C 57 16.49 -12.46 -4.50
CA SER C 57 17.09 -12.93 -3.24
C SER C 57 16.60 -14.33 -2.89
N GLN C 58 16.40 -15.17 -3.91
CA GLN C 58 16.01 -16.56 -3.66
C GLN C 58 17.15 -17.36 -3.06
N GLY C 59 18.39 -16.88 -3.16
CA GLY C 59 19.48 -17.52 -2.47
C GLY C 59 19.27 -17.65 -0.98
N VAL C 60 18.34 -16.89 -0.42
CA VAL C 60 18.05 -17.00 1.00
C VAL C 60 17.43 -18.34 1.32
N ILE C 61 16.62 -18.89 0.41
CA ILE C 61 16.03 -20.21 0.64
C ILE C 61 17.11 -21.28 0.61
N SER C 62 17.78 -21.42 -0.54
CA SER C 62 18.91 -22.35 -0.63
C SER C 62 19.84 -22.17 0.56
N GLY C 63 20.33 -20.94 0.76
CA GLY C 63 21.15 -20.66 1.92
C GLY C 63 20.56 -21.23 3.19
N ALA C 64 19.31 -20.88 3.48
CA ALA C 64 18.64 -21.44 4.65
C ALA C 64 18.82 -22.96 4.69
N VAL C 65 18.38 -23.64 3.62
CA VAL C 65 18.56 -25.09 3.54
C VAL C 65 19.98 -25.46 3.92
N PHE C 66 20.96 -24.84 3.26
CA PHE C 66 22.36 -25.10 3.56
C PHE C 66 22.59 -25.13 5.05
N LEU C 67 22.28 -24.02 5.74
CA LEU C 67 22.48 -23.96 7.18
C LEU C 67 21.81 -25.15 7.86
N ILE C 68 20.53 -25.36 7.58
CA ILE C 68 19.78 -26.47 8.17
C ILE C 68 20.63 -27.72 8.09
N ILE C 69 21.07 -28.04 6.87
CA ILE C 69 21.83 -29.28 6.64
C ILE C 69 22.97 -29.36 7.65
N LEU C 70 23.84 -28.35 7.65
CA LEU C 70 25.01 -28.42 8.52
C LEU C 70 24.60 -28.45 9.98
N PHE C 71 23.56 -27.72 10.35
CA PHE C 71 23.09 -27.78 11.73
C PHE C 71 22.76 -29.21 12.13
N CYS C 72 22.18 -29.98 11.21
CA CYS C 72 21.88 -31.37 11.52
C CYS C 72 23.09 -32.27 11.38
N PHE C 73 24.10 -31.87 10.61
CA PHE C 73 25.26 -32.70 10.33
C PHE C 73 26.38 -32.55 11.35
N ILE C 74 26.30 -31.54 12.22
CA ILE C 74 27.38 -31.31 13.20
C ILE C 74 27.78 -32.58 13.95
N PRO C 75 26.85 -33.39 14.47
CA PRO C 75 27.25 -34.42 15.43
C PRO C 75 27.91 -35.64 14.81
N PHE C 76 27.48 -36.01 13.61
CA PHE C 76 27.91 -37.29 13.04
C PHE C 76 29.43 -37.43 12.93
N PRO C 77 30.21 -36.37 12.68
CA PRO C 77 31.67 -36.52 12.75
C PRO C 77 32.20 -36.82 14.14
N PHE C 78 31.45 -36.53 15.21
CA PHE C 78 31.93 -36.67 16.57
C PHE C 78 31.30 -37.84 17.32
N LEU C 79 30.79 -38.85 16.59
CA LEU C 79 30.26 -40.04 17.22
C LEU C 79 31.39 -40.80 17.92
N ASN C 80 31.30 -40.92 19.24
CA ASN C 80 32.35 -41.57 20.04
C ASN C 80 33.70 -40.90 19.82
N CYS C 81 33.70 -39.58 19.95
CA CYS C 81 34.93 -38.79 19.75
C CYS C 81 35.11 -37.81 20.90
N ALA C 89 37.46 -37.08 26.48
CA ALA C 89 37.71 -35.66 26.22
C ALA C 89 37.28 -35.28 24.80
N PHE C 90 36.16 -34.56 24.71
CA PHE C 90 35.65 -34.16 23.41
C PHE C 90 36.58 -33.12 22.79
N PRO C 91 36.84 -33.21 21.47
CA PRO C 91 37.67 -32.17 20.83
C PRO C 91 36.86 -30.92 20.55
N HIS C 92 37.06 -29.87 21.35
CA HIS C 92 36.31 -28.64 21.15
C HIS C 92 36.87 -27.79 20.02
N HIS C 93 38.10 -28.04 19.58
CA HIS C 93 38.73 -27.22 18.55
C HIS C 93 38.17 -27.51 17.16
N GLU C 94 38.03 -28.79 16.81
CA GLU C 94 37.38 -29.15 15.55
C GLU C 94 35.96 -28.56 15.52
N PHE C 95 35.23 -28.76 16.63
CA PHE C 95 33.86 -28.29 16.73
C PHE C 95 33.77 -26.77 16.60
N VAL C 96 34.73 -26.04 17.21
CA VAL C 96 34.68 -24.60 17.12
C VAL C 96 34.99 -24.14 15.70
N ALA C 97 35.90 -24.85 15.01
CA ALA C 97 36.11 -24.55 13.60
C ALA C 97 34.78 -24.61 12.85
N LEU C 98 34.06 -25.73 13.00
CA LEU C 98 32.78 -25.88 12.31
C LEU C 98 31.81 -24.76 12.67
N ILE C 99 31.59 -24.53 13.96
CA ILE C 99 30.58 -23.57 14.39
C ILE C 99 30.95 -22.16 13.95
N GLY C 100 32.24 -21.81 14.03
CA GLY C 100 32.67 -20.49 13.58
C GLY C 100 32.44 -20.29 12.10
N ALA C 101 32.78 -21.29 11.29
CA ALA C 101 32.49 -21.20 9.86
C ALA C 101 31.01 -21.00 9.61
N LEU C 102 30.16 -21.74 10.35
CA LEU C 102 28.72 -21.60 10.17
C LEU C 102 28.23 -20.22 10.60
N LEU C 103 28.83 -19.64 11.64
CA LEU C 103 28.49 -18.28 12.05
C LEU C 103 28.83 -17.28 10.96
N ALA C 104 30.03 -17.39 10.39
CA ALA C 104 30.40 -16.49 9.31
C ALA C 104 29.45 -16.62 8.13
N ILE C 105 29.15 -17.86 7.72
CA ILE C 105 28.29 -18.08 6.56
C ILE C 105 26.88 -17.57 6.81
N CYS C 106 26.32 -17.88 7.98
CA CYS C 106 24.98 -17.41 8.31
C CYS C 106 24.94 -15.89 8.33
N CYS C 107 25.94 -15.27 8.95
CA CYS C 107 26.03 -13.81 8.93
C CYS C 107 26.05 -13.31 7.50
N MET C 108 26.71 -14.03 6.60
CA MET C 108 26.82 -13.54 5.22
C MET C 108 25.49 -13.66 4.47
N ILE C 109 24.83 -14.82 4.59
CA ILE C 109 23.51 -14.98 3.96
C ILE C 109 22.57 -13.88 4.45
N PHE C 110 22.52 -13.71 5.78
CA PHE C 110 21.65 -12.70 6.38
C PHE C 110 22.02 -11.31 5.87
N LEU C 111 23.32 -11.01 5.79
CA LEU C 111 23.76 -9.71 5.30
C LEU C 111 23.29 -9.47 3.88
N GLY C 112 23.42 -10.48 3.02
CA GLY C 112 23.03 -10.30 1.63
C GLY C 112 21.53 -10.13 1.46
N PHE C 113 20.73 -10.92 2.19
CA PHE C 113 19.28 -10.78 2.14
C PHE C 113 18.85 -9.39 2.64
N ALA C 114 19.33 -9.01 3.82
CA ALA C 114 19.06 -7.68 4.33
C ALA C 114 19.51 -6.61 3.35
N ASP C 115 20.62 -6.86 2.65
CA ASP C 115 21.15 -5.88 1.71
C ASP C 115 20.23 -5.71 0.52
N ASP C 116 19.74 -6.82 -0.03
CA ASP C 116 18.86 -6.74 -1.18
C ASP C 116 17.56 -6.03 -0.82
N VAL C 117 16.93 -6.41 0.29
CA VAL C 117 15.68 -5.72 0.66
C VAL C 117 15.94 -4.26 0.99
N LEU C 118 17.02 -3.97 1.72
CA LEU C 118 17.33 -2.61 2.13
C LEU C 118 18.06 -1.83 1.04
N ASN C 119 18.80 -2.52 0.17
CA ASN C 119 19.59 -1.88 -0.87
C ASN C 119 20.59 -0.89 -0.24
N LEU C 120 21.52 -1.45 0.53
CA LEU C 120 22.49 -0.65 1.26
C LEU C 120 23.52 -0.06 0.31
N ARG C 121 24.21 0.98 0.79
CA ARG C 121 25.27 1.60 0.04
C ARG C 121 26.54 0.74 0.11
N TRP C 122 27.51 1.05 -0.74
CA TRP C 122 28.73 0.26 -0.83
C TRP C 122 29.48 0.25 0.50
N ARG C 123 29.56 1.40 1.16
CA ARG C 123 30.28 1.49 2.44
C ARG C 123 29.71 0.49 3.44
N HIS C 124 28.38 0.45 3.56
CA HIS C 124 27.74 -0.50 4.48
C HIS C 124 28.09 -1.94 4.09
N LYS C 125 27.95 -2.27 2.81
CA LYS C 125 28.31 -3.59 2.31
C LYS C 125 29.71 -3.98 2.80
N LEU C 126 30.71 -3.14 2.50
CA LEU C 126 32.10 -3.49 2.79
C LEU C 126 32.34 -3.61 4.29
N LEU C 127 31.83 -2.66 5.07
CA LEU C 127 32.02 -2.74 6.51
C LEU C 127 31.45 -4.02 7.07
N LEU C 128 30.21 -4.36 6.69
CA LEU C 128 29.59 -5.57 7.23
C LEU C 128 30.30 -6.82 6.71
N HIS C 129 30.86 -6.77 5.49
CA HIS C 129 31.68 -7.88 5.02
C HIS C 129 32.86 -8.11 5.96
N THR C 130 33.57 -7.05 6.32
CA THR C 130 34.72 -7.17 7.22
C THR C 130 34.29 -7.70 8.59
N ALA C 131 33.26 -7.07 9.17
CA ALA C 131 32.79 -7.48 10.49
C ALA C 131 32.39 -8.94 10.50
N ALA C 132 31.62 -9.37 9.49
CA ALA C 132 31.24 -10.78 9.38
C ALA C 132 32.43 -11.68 9.13
N SER C 133 33.50 -11.15 8.52
CA SER C 133 34.68 -11.94 8.26
C SER C 133 35.46 -12.24 9.54
N LEU C 134 35.37 -11.35 10.53
CA LEU C 134 36.09 -11.55 11.80
C LEU C 134 36.04 -12.98 12.36
N PRO C 135 34.89 -13.65 12.45
CA PRO C 135 34.88 -15.04 12.99
C PRO C 135 35.86 -15.99 12.31
N LEU C 136 36.05 -15.86 11.00
CA LEU C 136 37.06 -16.65 10.32
C LEU C 136 38.45 -16.41 10.92
N LEU C 137 38.80 -15.14 11.13
CA LEU C 137 40.07 -14.81 11.74
C LEU C 137 40.16 -15.39 13.15
N MET C 138 39.07 -15.32 13.90
CA MET C 138 39.04 -15.90 15.24
C MET C 138 39.41 -17.39 15.20
N VAL C 139 38.64 -18.16 14.41
CA VAL C 139 38.89 -19.60 14.30
C VAL C 139 40.32 -19.85 13.87
N TYR C 140 40.76 -19.18 12.80
CA TYR C 140 42.10 -19.41 12.29
C TYR C 140 43.15 -19.17 13.37
N PHE C 141 42.99 -18.10 14.15
CA PHE C 141 43.99 -17.79 15.17
C PHE C 141 44.01 -18.86 16.27
N THR C 142 42.83 -19.25 16.75
CA THR C 142 42.80 -20.18 17.88
C THR C 142 43.23 -21.59 17.46
N ASN C 143 42.91 -22.01 16.23
CA ASN C 143 43.20 -23.37 15.82
C ASN C 143 44.57 -23.51 15.18
N PHE C 144 44.87 -22.71 14.14
CA PHE C 144 46.13 -22.85 13.41
C PHE C 144 47.12 -21.72 13.72
N GLY C 145 46.74 -20.47 13.47
CA GLY C 145 47.60 -19.34 13.76
C GLY C 145 48.99 -19.42 13.13
N ASN C 146 49.06 -19.74 11.83
CA ASN C 146 50.32 -19.80 11.10
C ASN C 146 50.35 -18.68 10.08
N THR C 147 51.26 -17.72 10.25
CA THR C 147 51.35 -16.54 9.41
C THR C 147 52.67 -16.47 8.67
N THR C 148 53.24 -17.62 8.29
CA THR C 148 54.48 -17.68 7.54
C THR C 148 54.22 -18.43 6.24
N ILE C 149 54.54 -17.79 5.11
CA ILE C 149 54.36 -18.39 3.80
C ILE C 149 55.73 -18.70 3.21
N VAL C 150 55.76 -19.71 2.35
CA VAL C 150 57.00 -20.16 1.72
C VAL C 150 57.70 -19.01 1.01
N HIS C 162 61.65 -17.85 3.41
CA HIS C 162 60.48 -17.82 4.28
C HIS C 162 60.31 -16.46 4.95
N LEU C 163 59.10 -15.91 4.86
CA LEU C 163 58.76 -14.64 5.49
C LEU C 163 57.59 -14.83 6.44
N ASP C 164 57.72 -14.32 7.66
CA ASP C 164 56.65 -14.36 8.65
C ASP C 164 55.81 -13.09 8.48
N LEU C 165 54.65 -13.25 7.84
CA LEU C 165 53.80 -12.09 7.55
C LEU C 165 53.25 -11.45 8.81
N GLY C 166 53.02 -12.24 9.86
CA GLY C 166 52.49 -11.67 11.09
C GLY C 166 51.08 -11.16 10.90
N ILE C 167 50.77 -10.04 11.59
CA ILE C 167 49.43 -9.47 11.54
C ILE C 167 48.95 -9.30 10.11
N LEU C 168 49.85 -8.90 9.21
CA LEU C 168 49.45 -8.64 7.84
C LEU C 168 48.76 -9.85 7.22
N TYR C 169 49.24 -11.06 7.53
CA TYR C 169 48.59 -12.26 7.02
C TYR C 169 47.09 -12.21 7.26
N TYR C 170 46.69 -11.90 8.50
CA TYR C 170 45.26 -11.80 8.80
C TYR C 170 44.58 -10.82 7.87
N VAL C 171 45.14 -9.62 7.73
CA VAL C 171 44.59 -8.66 6.76
C VAL C 171 44.32 -9.36 5.44
N TYR C 172 45.34 -10.05 4.91
CA TYR C 172 45.17 -10.78 3.66
C TYR C 172 43.89 -11.61 3.69
N MET C 173 43.80 -12.54 4.64
CA MET C 173 42.59 -13.35 4.77
C MET C 173 41.36 -12.46 4.76
N GLY C 174 41.33 -11.46 5.63
CA GLY C 174 40.24 -10.50 5.64
C GLY C 174 39.90 -10.08 4.22
N LEU C 175 40.84 -9.41 3.55
CA LEU C 175 40.58 -8.95 2.20
C LEU C 175 40.11 -10.10 1.32
N LEU C 176 40.81 -11.23 1.38
CA LEU C 176 40.40 -12.39 0.60
C LEU C 176 38.91 -12.64 0.77
N ALA C 177 38.45 -12.77 2.02
CA ALA C 177 37.03 -12.91 2.28
C ALA C 177 36.24 -11.81 1.57
N VAL C 178 36.53 -10.55 1.94
CA VAL C 178 35.84 -9.41 1.35
C VAL C 178 35.86 -9.51 -0.18
N PHE C 179 36.95 -10.03 -0.73
CA PHE C 179 37.04 -10.17 -2.18
C PHE C 179 36.02 -11.18 -2.69
N CYS C 180 36.09 -12.42 -2.19
CA CYS C 180 35.25 -13.50 -2.71
C CYS C 180 33.78 -13.06 -2.74
N THR C 181 33.22 -12.77 -1.56
CA THR C 181 31.85 -12.29 -1.45
C THR C 181 31.51 -11.31 -2.56
N ASN C 182 32.35 -10.29 -2.75
CA ASN C 182 32.05 -9.23 -3.72
C ASN C 182 32.38 -9.66 -5.14
N ALA C 183 33.43 -10.46 -5.34
CA ALA C 183 33.87 -10.81 -6.69
C ALA C 183 32.73 -11.43 -7.48
N ILE C 184 32.23 -12.58 -7.03
CA ILE C 184 31.12 -13.23 -7.72
C ILE C 184 29.95 -12.27 -7.88
N ASN C 185 29.79 -11.33 -6.95
CA ASN C 185 28.65 -10.42 -7.00
C ASN C 185 28.72 -9.51 -8.22
N ILE C 186 29.92 -9.09 -8.61
CA ILE C 186 30.03 -8.16 -9.73
C ILE C 186 30.02 -8.89 -11.06
N LEU C 187 30.42 -10.16 -11.07
CA LEU C 187 30.39 -10.96 -12.30
C LEU C 187 29.02 -11.63 -12.40
N ALA C 188 28.04 -10.84 -12.80
CA ALA C 188 26.67 -11.31 -12.94
C ALA C 188 25.99 -10.50 -14.03
N GLY C 189 24.68 -10.64 -14.15
CA GLY C 189 23.87 -9.88 -15.09
C GLY C 189 23.13 -10.72 -16.10
N ILE C 190 23.59 -11.94 -16.37
CA ILE C 190 22.92 -12.82 -17.32
C ILE C 190 22.39 -14.04 -16.58
N ASN C 191 21.41 -14.70 -17.19
CA ASN C 191 20.67 -15.76 -16.53
C ASN C 191 21.57 -16.97 -16.30
N GLY C 192 21.80 -17.31 -15.04
CA GLY C 192 22.47 -18.54 -14.68
C GLY C 192 23.97 -18.43 -14.50
N LEU C 193 24.52 -17.22 -14.44
CA LEU C 193 25.97 -17.09 -14.33
C LEU C 193 26.44 -17.25 -12.88
N GLU C 194 25.76 -16.60 -11.94
CA GLU C 194 26.22 -16.61 -10.54
C GLU C 194 26.27 -18.03 -10.01
N ALA C 195 25.10 -18.68 -9.93
CA ALA C 195 25.04 -20.04 -9.41
C ALA C 195 25.88 -20.99 -10.26
N GLY C 196 25.93 -20.77 -11.57
CA GLY C 196 26.72 -21.62 -12.47
C GLY C 196 28.20 -21.61 -12.18
N GLN C 197 28.81 -20.43 -12.19
CA GLN C 197 30.23 -20.33 -11.88
C GLN C 197 30.51 -20.75 -10.44
N SER C 198 29.59 -20.47 -9.53
CA SER C 198 29.76 -20.96 -8.16
C SER C 198 29.79 -22.47 -8.12
N LEU C 199 28.97 -23.13 -8.97
CA LEU C 199 28.97 -24.58 -9.00
C LEU C 199 30.26 -25.12 -9.62
N VAL C 200 30.74 -24.48 -10.69
CA VAL C 200 32.01 -24.91 -11.28
C VAL C 200 33.13 -24.81 -10.25
N ILE C 201 33.18 -23.69 -9.54
CA ILE C 201 34.22 -23.50 -8.52
C ILE C 201 34.09 -24.53 -7.42
N SER C 202 32.88 -24.71 -6.88
CA SER C 202 32.67 -25.65 -5.80
C SER C 202 33.04 -27.07 -6.23
N ALA C 203 32.66 -27.46 -7.45
CA ALA C 203 32.95 -28.81 -7.94
C ALA C 203 34.44 -29.02 -8.14
N SER C 204 35.14 -28.01 -8.70
CA SER C 204 36.58 -28.14 -8.87
C SER C 204 37.28 -28.22 -7.53
N ILE C 205 36.84 -27.42 -6.56
CA ILE C 205 37.40 -27.51 -5.22
C ILE C 205 37.11 -28.87 -4.61
N ILE C 206 35.95 -29.46 -4.92
CA ILE C 206 35.61 -30.78 -4.41
C ILE C 206 36.56 -31.83 -4.95
N VAL C 207 36.77 -31.81 -6.27
CA VAL C 207 37.68 -32.79 -6.88
C VAL C 207 39.08 -32.62 -6.31
N PHE C 208 39.58 -31.38 -6.28
CA PHE C 208 40.89 -31.11 -5.70
C PHE C 208 40.98 -31.60 -4.26
N ASN C 209 39.93 -31.36 -3.46
CA ASN C 209 39.90 -31.89 -2.10
C ASN C 209 40.05 -33.39 -2.09
N LEU C 210 39.35 -34.08 -2.99
CA LEU C 210 39.41 -35.54 -3.00
C LEU C 210 40.81 -36.03 -3.37
N VAL C 211 41.42 -35.43 -4.37
CA VAL C 211 42.76 -35.87 -4.79
C VAL C 211 43.77 -35.65 -3.66
N GLU C 212 43.72 -34.48 -3.03
CA GLU C 212 44.59 -34.18 -1.89
C GLU C 212 44.15 -34.88 -0.61
N LEU C 213 43.00 -35.57 -0.62
CA LEU C 213 42.52 -36.22 0.58
C LEU C 213 43.48 -37.32 1.03
N GLU C 214 44.01 -38.09 0.08
CA GLU C 214 44.99 -39.13 0.40
C GLU C 214 46.37 -38.57 0.71
N GLY C 215 46.62 -37.30 0.41
CA GLY C 215 47.92 -36.71 0.62
C GLY C 215 48.25 -36.45 2.08
N ASP C 216 49.26 -35.61 2.31
CA ASP C 216 49.71 -35.35 3.67
C ASP C 216 48.60 -34.68 4.49
N CYS C 217 48.03 -33.59 3.98
CA CYS C 217 46.99 -32.85 4.68
C CYS C 217 45.64 -33.42 4.31
N ARG C 218 45.03 -34.16 5.23
CA ARG C 218 43.72 -34.78 5.02
C ARG C 218 42.60 -34.06 5.75
N ASP C 219 42.83 -33.63 6.99
CA ASP C 219 41.77 -33.03 7.78
C ASP C 219 41.27 -31.73 7.17
N ASP C 220 42.20 -30.89 6.68
CA ASP C 220 41.80 -29.64 6.05
C ASP C 220 40.89 -29.88 4.84
N HIS C 221 41.22 -30.89 4.03
CA HIS C 221 40.44 -31.14 2.82
C HIS C 221 39.12 -31.83 3.11
N VAL C 222 39.05 -32.67 4.15
CA VAL C 222 37.75 -33.22 4.52
C VAL C 222 36.86 -32.14 5.12
N PHE C 223 37.44 -31.16 5.81
CA PHE C 223 36.68 -29.99 6.25
C PHE C 223 36.12 -29.23 5.05
N SER C 224 36.98 -28.93 4.08
CA SER C 224 36.53 -28.28 2.85
C SER C 224 35.40 -29.05 2.20
N LEU C 225 35.49 -30.38 2.14
CA LEU C 225 34.42 -31.19 1.56
C LEU C 225 33.13 -31.08 2.37
N TYR C 226 33.25 -31.20 3.70
CA TYR C 226 32.10 -31.02 4.57
C TYR C 226 31.31 -29.77 4.19
N PHE C 227 32.03 -28.68 3.93
CA PHE C 227 31.33 -27.44 3.60
C PHE C 227 30.99 -27.30 2.11
N MET C 228 31.62 -28.08 1.24
CA MET C 228 31.44 -27.91 -0.21
C MET C 228 30.32 -28.78 -0.78
N ILE C 229 30.13 -29.99 -0.27
CA ILE C 229 29.11 -30.88 -0.82
C ILE C 229 27.73 -30.26 -0.66
N PRO C 230 27.29 -29.94 0.56
CA PRO C 230 25.95 -29.34 0.69
C PRO C 230 25.81 -28.03 -0.05
N PHE C 231 26.84 -27.20 -0.04
CA PHE C 231 26.80 -25.97 -0.84
C PHE C 231 26.59 -26.30 -2.31
N PHE C 232 27.37 -27.24 -2.84
CA PHE C 232 27.23 -27.62 -4.24
C PHE C 232 25.80 -28.04 -4.55
N PHE C 233 25.22 -28.93 -3.75
CA PHE C 233 23.92 -29.48 -4.10
C PHE C 233 22.78 -28.48 -3.89
N THR C 234 22.85 -27.68 -2.83
CA THR C 234 21.84 -26.64 -2.64
C THR C 234 21.92 -25.59 -3.75
N THR C 235 23.15 -25.16 -4.09
CA THR C 235 23.33 -24.27 -5.23
C THR C 235 22.81 -24.90 -6.51
N LEU C 236 22.89 -26.22 -6.63
CA LEU C 236 22.32 -26.90 -7.79
C LEU C 236 20.81 -26.77 -7.80
N GLY C 237 20.18 -27.01 -6.66
CA GLY C 237 18.75 -26.81 -6.57
C GLY C 237 18.34 -25.40 -6.94
N LEU C 238 19.18 -24.41 -6.59
CA LEU C 238 18.89 -23.04 -6.97
C LEU C 238 19.07 -22.81 -8.47
N LEU C 239 20.15 -23.35 -9.03
CA LEU C 239 20.41 -23.19 -10.46
C LEU C 239 19.35 -23.87 -11.31
N TYR C 240 18.70 -24.91 -10.77
CA TYR C 240 17.62 -25.55 -11.51
C TYR C 240 16.58 -24.54 -11.94
N HIS C 241 16.14 -23.69 -11.01
CA HIS C 241 15.17 -22.65 -11.34
C HIS C 241 15.81 -21.42 -11.96
N ASN C 242 17.09 -21.16 -11.66
CA ASN C 242 17.74 -19.94 -12.13
C ASN C 242 18.23 -20.03 -13.56
N TRP C 243 18.24 -21.21 -14.17
CA TRP C 243 18.83 -21.36 -15.50
C TRP C 243 17.95 -20.73 -16.56
N TYR C 244 18.58 -20.32 -17.67
CA TYR C 244 17.88 -19.63 -18.74
C TYR C 244 16.76 -20.50 -19.30
N PRO C 245 15.54 -19.96 -19.45
CA PRO C 245 15.08 -18.64 -19.01
C PRO C 245 14.93 -18.58 -17.48
N SER C 246 15.50 -17.55 -16.88
CA SER C 246 15.51 -17.46 -15.42
C SER C 246 14.11 -17.32 -14.86
N ARG C 247 13.72 -18.27 -14.01
CA ARG C 247 12.49 -18.16 -13.25
C ARG C 247 12.70 -17.47 -11.90
N VAL C 248 13.94 -17.39 -11.41
CA VAL C 248 14.26 -16.79 -10.12
C VAL C 248 15.58 -16.04 -10.25
N PHE C 249 15.87 -15.22 -9.23
CA PHE C 249 17.14 -14.51 -9.12
C PHE C 249 17.75 -14.79 -7.76
N VAL C 250 19.08 -14.87 -7.72
CA VAL C 250 19.76 -15.28 -6.50
C VAL C 250 20.13 -14.08 -5.64
N GLY C 251 20.67 -13.01 -6.25
CA GLY C 251 20.90 -11.77 -5.56
C GLY C 251 22.15 -11.74 -4.69
N ASP C 252 22.37 -10.58 -4.09
CA ASP C 252 23.49 -10.40 -3.16
C ASP C 252 23.50 -11.48 -2.09
N THR C 253 22.32 -11.98 -1.70
CA THR C 253 22.27 -13.09 -0.76
C THR C 253 23.19 -14.21 -1.19
N PHE C 254 22.90 -14.82 -2.35
CA PHE C 254 23.72 -15.92 -2.83
C PHE C 254 25.14 -15.49 -3.15
N CYS C 255 25.32 -14.31 -3.76
CA CYS C 255 26.67 -13.88 -4.10
C CYS C 255 27.56 -13.85 -2.86
N TYR C 256 27.16 -13.07 -1.85
CA TYR C 256 27.92 -13.00 -0.60
C TYR C 256 28.06 -14.37 0.04
N PHE C 257 26.98 -15.14 0.09
CA PHE C 257 26.99 -16.46 0.71
C PHE C 257 28.08 -17.35 0.10
N ALA C 258 28.01 -17.54 -1.22
CA ALA C 258 28.98 -18.39 -1.91
C ALA C 258 30.40 -17.86 -1.74
N GLY C 259 30.60 -16.55 -1.95
CA GLY C 259 31.93 -16.00 -1.80
C GLY C 259 32.53 -16.28 -0.43
N MET C 260 31.73 -16.08 0.62
CA MET C 260 32.25 -16.27 1.97
C MET C 260 32.50 -17.75 2.27
N THR C 261 31.62 -18.64 1.80
CA THR C 261 31.86 -20.07 1.99
C THR C 261 33.15 -20.51 1.32
N PHE C 262 33.39 -20.02 0.10
CA PHE C 262 34.64 -20.32 -0.58
C PHE C 262 35.83 -19.79 0.22
N ALA C 263 35.74 -18.54 0.67
CA ALA C 263 36.82 -17.97 1.48
C ALA C 263 37.08 -18.82 2.72
N VAL C 264 36.02 -19.36 3.32
CA VAL C 264 36.19 -20.19 4.52
C VAL C 264 36.94 -21.46 4.18
N VAL C 265 36.40 -22.24 3.24
CA VAL C 265 37.03 -23.52 2.94
C VAL C 265 38.47 -23.30 2.50
N GLY C 266 38.74 -22.22 1.77
CA GLY C 266 40.09 -21.98 1.29
C GLY C 266 41.03 -21.53 2.39
N ILE C 267 40.56 -20.66 3.28
CA ILE C 267 41.39 -20.13 4.35
C ILE C 267 41.68 -21.20 5.39
N LEU C 268 40.63 -21.74 6.01
CA LEU C 268 40.81 -22.77 7.02
C LEU C 268 41.28 -24.09 6.41
N GLY C 269 41.15 -24.27 5.09
CA GLY C 269 41.69 -25.43 4.43
C GLY C 269 43.15 -25.31 4.05
N HIS C 270 43.70 -24.11 4.08
CA HIS C 270 45.13 -23.87 3.85
C HIS C 270 45.51 -24.09 2.38
N PHE C 271 44.61 -23.73 1.47
CA PHE C 271 44.92 -23.69 0.05
C PHE C 271 44.34 -22.41 -0.56
N SER C 272 44.57 -21.29 0.10
CA SER C 272 44.06 -20.01 -0.39
C SER C 272 44.69 -19.63 -1.72
N LYS C 273 45.97 -19.98 -1.93
CA LYS C 273 46.61 -19.70 -3.22
C LYS C 273 45.96 -20.52 -4.33
N THR C 274 45.81 -21.83 -4.11
CA THR C 274 45.12 -22.68 -5.08
C THR C 274 43.67 -22.19 -5.29
N MET C 275 42.99 -21.85 -4.20
CA MET C 275 41.63 -21.35 -4.33
C MET C 275 41.58 -20.11 -5.21
N LEU C 276 42.52 -19.17 -5.01
CA LEU C 276 42.57 -18.00 -5.85
C LEU C 276 42.84 -18.38 -7.31
N LEU C 277 43.69 -19.39 -7.52
CA LEU C 277 43.91 -19.87 -8.87
C LEU C 277 42.62 -20.38 -9.49
N PHE C 278 41.70 -20.91 -8.67
CA PHE C 278 40.37 -21.25 -9.18
C PHE C 278 39.56 -20.01 -9.53
N PHE C 279 39.86 -18.86 -8.93
CA PHE C 279 39.17 -17.61 -9.19
C PHE C 279 39.84 -16.82 -10.33
N MET C 280 40.08 -17.46 -11.46
CA MET C 280 40.80 -16.76 -12.52
C MET C 280 39.87 -15.83 -13.30
N PRO C 281 38.71 -16.32 -13.76
CA PRO C 281 37.77 -15.39 -14.41
C PRO C 281 37.32 -14.27 -13.49
N GLN C 282 37.07 -14.57 -12.21
CA GLN C 282 36.59 -13.55 -11.29
C GLN C 282 37.68 -12.55 -10.95
N VAL C 283 38.91 -13.01 -10.73
CA VAL C 283 40.02 -12.08 -10.49
C VAL C 283 40.25 -11.20 -11.70
N PHE C 284 40.32 -11.81 -12.89
CA PHE C 284 40.54 -11.05 -14.11
C PHE C 284 39.45 -10.00 -14.30
N ASN C 285 38.19 -10.38 -14.08
CA ASN C 285 37.09 -9.44 -14.26
C ASN C 285 37.12 -8.32 -13.22
N PHE C 286 37.45 -8.66 -11.96
CA PHE C 286 37.50 -7.65 -10.92
C PHE C 286 38.60 -6.64 -11.19
N LEU C 287 39.78 -7.10 -11.62
CA LEU C 287 40.86 -6.18 -11.91
C LEU C 287 40.57 -5.36 -13.16
N TYR C 288 40.02 -6.01 -14.20
CA TYR C 288 39.69 -5.31 -15.43
C TYR C 288 38.62 -4.25 -15.20
N SER C 289 37.70 -4.50 -14.26
CA SER C 289 36.65 -3.55 -13.92
C SER C 289 37.07 -2.56 -12.84
N LEU C 290 38.30 -2.65 -12.35
CA LEU C 290 38.70 -1.83 -11.20
C LEU C 290 38.67 -0.34 -11.49
N PRO C 291 39.00 0.14 -12.70
CA PRO C 291 38.92 1.59 -12.94
C PRO C 291 37.51 2.14 -12.75
N GLN C 292 36.49 1.43 -13.24
CA GLN C 292 35.11 1.85 -13.04
C GLN C 292 34.72 1.76 -11.57
N LEU C 293 35.12 0.68 -10.90
CA LEU C 293 34.80 0.53 -9.47
C LEU C 293 35.35 1.70 -8.68
N LEU C 294 36.60 2.08 -8.93
CA LEU C 294 37.21 3.21 -8.23
C LEU C 294 36.61 4.55 -8.65
N HIS C 295 35.80 4.59 -9.70
CA HIS C 295 35.05 5.78 -10.12
C HIS C 295 35.94 6.85 -10.72
N ILE C 296 37.19 6.53 -11.09
CA ILE C 296 37.97 7.46 -11.89
C ILE C 296 37.34 7.62 -13.27
N ILE C 297 37.05 6.51 -13.92
CA ILE C 297 36.22 6.48 -15.13
C ILE C 297 34.78 6.25 -14.67
N PRO C 298 33.81 7.05 -15.13
CA PRO C 298 32.43 6.86 -14.67
C PRO C 298 31.97 5.41 -14.79
N CYS C 299 31.09 5.02 -13.87
CA CYS C 299 30.62 3.64 -13.76
C CYS C 299 29.10 3.62 -13.70
N PRO C 300 28.42 3.28 -14.79
CA PRO C 300 26.96 3.17 -14.74
C PRO C 300 26.51 2.15 -13.72
N ARG C 301 25.30 2.38 -13.17
CA ARG C 301 24.77 1.47 -12.17
C ARG C 301 24.67 0.05 -12.70
N HIS C 302 24.25 -0.10 -13.96
CA HIS C 302 24.17 -1.40 -14.62
C HIS C 302 25.14 -1.40 -15.79
N ARG C 303 26.18 -2.22 -15.70
CA ARG C 303 27.19 -2.37 -16.74
C ARG C 303 27.07 -3.71 -17.46
N ILE C 304 25.84 -4.15 -17.70
CA ILE C 304 25.59 -5.43 -18.35
C ILE C 304 25.38 -5.20 -19.84
N PRO C 305 25.51 -6.23 -20.68
CA PRO C 305 25.37 -6.01 -22.12
C PRO C 305 23.96 -5.57 -22.50
N ARG C 306 23.88 -4.69 -23.50
CA ARG C 306 22.60 -4.14 -23.96
C ARG C 306 22.05 -5.05 -25.05
N LEU C 307 20.91 -5.68 -24.77
CA LEU C 307 20.27 -6.54 -25.74
C LEU C 307 19.89 -5.75 -26.99
N ASN C 308 19.93 -6.43 -28.13
CA ASN C 308 19.44 -5.89 -29.39
C ASN C 308 18.21 -6.69 -29.81
N ILE C 309 17.06 -6.02 -29.85
CA ILE C 309 15.79 -6.71 -30.08
C ILE C 309 15.80 -7.42 -31.43
N LYS C 310 16.15 -6.69 -32.49
CA LYS C 310 16.13 -7.26 -33.83
C LYS C 310 17.02 -8.50 -33.90
N THR C 311 18.28 -8.37 -33.49
CA THR C 311 19.20 -9.50 -33.55
C THR C 311 18.74 -10.64 -32.65
N GLY C 312 18.42 -10.33 -31.39
CA GLY C 312 18.14 -11.33 -30.40
C GLY C 312 19.34 -11.75 -29.56
N LYS C 313 20.52 -11.18 -29.82
CA LYS C 313 21.72 -11.49 -29.09
C LYS C 313 22.21 -10.26 -28.33
N LEU C 314 23.07 -10.51 -27.35
CA LEU C 314 23.57 -9.44 -26.48
C LEU C 314 24.80 -8.80 -27.09
N GLU C 315 24.84 -7.47 -27.09
CA GLU C 315 25.96 -6.70 -27.58
C GLU C 315 26.58 -5.92 -26.43
N MET C 316 27.76 -5.36 -26.68
CA MET C 316 28.47 -4.62 -25.66
C MET C 316 27.64 -3.43 -25.18
N SER C 317 28.11 -2.82 -24.09
CA SER C 317 27.50 -1.62 -23.55
C SER C 317 28.59 -0.58 -23.31
N TYR C 318 28.25 0.69 -23.53
CA TYR C 318 29.21 1.78 -23.45
C TYR C 318 28.87 2.69 -22.27
N SER C 319 29.91 3.16 -21.58
CA SER C 319 29.77 4.16 -20.52
C SER C 319 30.07 5.53 -21.12
N LYS C 320 29.04 6.35 -21.26
CA LYS C 320 29.16 7.65 -21.91
C LYS C 320 29.37 8.74 -20.87
N PHE C 321 30.26 9.68 -21.19
CA PHE C 321 30.55 10.80 -20.30
C PHE C 321 31.24 11.90 -21.09
N LYS C 322 31.13 13.11 -20.59
CA LYS C 322 31.80 14.25 -21.22
C LYS C 322 33.30 14.02 -21.24
N THR C 323 33.90 14.18 -22.42
CA THR C 323 35.31 13.86 -22.59
C THR C 323 36.19 14.76 -21.73
N LYS C 324 35.87 16.06 -21.67
CA LYS C 324 36.70 16.99 -20.90
C LYS C 324 36.58 16.77 -19.40
N SER C 325 35.44 16.23 -18.94
CA SER C 325 35.23 16.06 -17.50
C SER C 325 36.17 15.03 -16.90
N LEU C 326 36.54 14.00 -17.66
CA LEU C 326 37.38 12.94 -17.13
C LEU C 326 38.72 13.50 -16.65
N SER C 327 39.18 12.99 -15.51
CA SER C 327 40.46 13.44 -14.96
C SER C 327 41.62 12.93 -15.81
N PHE C 328 42.79 13.52 -15.58
CA PHE C 328 43.97 13.16 -16.36
C PHE C 328 44.28 11.66 -16.23
N LEU C 329 44.31 11.16 -14.99
CA LEU C 329 44.60 9.74 -14.78
C LEU C 329 43.61 8.87 -15.53
N GLY C 330 42.33 9.24 -15.53
CA GLY C 330 41.34 8.48 -16.27
C GLY C 330 41.65 8.42 -17.76
N THR C 331 42.04 9.56 -18.33
CA THR C 331 42.38 9.60 -19.75
C THR C 331 43.60 8.73 -20.04
N PHE C 332 44.61 8.79 -19.17
CA PHE C 332 45.79 7.95 -19.34
C PHE C 332 45.41 6.47 -19.30
N ILE C 333 44.60 6.08 -18.31
CA ILE C 333 44.20 4.68 -18.19
C ILE C 333 43.45 4.23 -19.42
N LEU C 334 42.49 5.04 -19.88
CA LEU C 334 41.73 4.66 -21.06
C LEU C 334 42.62 4.60 -22.30
N LYS C 335 43.64 5.46 -22.36
CA LYS C 335 44.57 5.42 -23.49
C LYS C 335 45.39 4.14 -23.48
N VAL C 336 45.88 3.73 -22.31
CA VAL C 336 46.61 2.46 -22.22
C VAL C 336 45.71 1.31 -22.63
N ALA C 337 44.51 1.25 -22.05
CA ALA C 337 43.57 0.18 -22.37
C ALA C 337 43.26 0.15 -23.86
N GLU C 338 43.10 1.33 -24.49
CA GLU C 338 42.90 1.39 -25.94
C GLU C 338 44.12 0.88 -26.68
N SER C 339 45.31 1.11 -26.14
CA SER C 339 46.54 0.66 -26.80
C SER C 339 46.64 -0.86 -26.80
N LEU C 340 46.24 -1.50 -25.70
CA LEU C 340 46.35 -2.95 -25.57
C LEU C 340 45.18 -3.71 -26.18
N GLN C 341 44.23 -3.02 -26.81
CA GLN C 341 43.09 -3.64 -27.46
C GLN C 341 42.15 -4.30 -26.45
N LEU C 342 41.95 -3.64 -25.30
CA LEU C 342 41.02 -4.10 -24.28
C LEU C 342 39.72 -3.31 -24.28
N VAL C 343 39.78 -2.01 -24.53
CA VAL C 343 38.61 -1.14 -24.54
C VAL C 343 38.52 -0.46 -25.91
N THR C 344 37.30 -0.28 -26.39
CA THR C 344 37.04 0.35 -27.68
C THR C 344 36.47 1.75 -27.42
N VAL C 345 37.32 2.75 -27.54
CA VAL C 345 36.90 4.13 -27.38
C VAL C 345 36.33 4.62 -28.70
N HIS C 346 35.38 5.55 -28.63
CA HIS C 346 34.77 6.16 -29.80
C HIS C 346 34.67 7.66 -29.61
N GLN C 347 34.65 8.37 -30.74
CA GLN C 347 34.58 9.83 -30.73
C GLN C 347 33.38 10.30 -31.56
N CYS C 358 33.48 4.94 -25.01
CA CYS C 358 34.16 3.92 -24.21
C CYS C 358 33.37 2.61 -24.22
N ASN C 359 33.90 1.60 -23.53
CA ASN C 359 33.27 0.30 -23.42
C ASN C 359 33.20 -0.09 -21.95
N ASN C 360 32.02 -0.48 -21.49
CA ASN C 360 31.85 -0.91 -20.11
C ASN C 360 32.78 -2.09 -19.83
N MET C 361 33.75 -1.88 -18.96
CA MET C 361 34.86 -2.82 -18.76
C MET C 361 34.41 -3.94 -17.83
N THR C 362 33.84 -4.99 -18.41
CA THR C 362 33.49 -6.21 -17.69
C THR C 362 33.78 -7.39 -18.59
N LEU C 363 34.27 -8.48 -18.01
CA LEU C 363 34.64 -9.66 -18.81
C LEU C 363 33.50 -10.06 -19.74
N ILE C 364 32.27 -10.00 -19.26
CA ILE C 364 31.13 -10.41 -20.06
C ILE C 364 30.94 -9.52 -21.27
N ASN C 365 31.46 -8.28 -21.23
CA ASN C 365 31.48 -7.39 -22.39
C ASN C 365 32.73 -7.58 -23.23
N LEU C 366 33.84 -7.91 -22.58
CA LEU C 366 35.09 -8.16 -23.30
C LEU C 366 34.94 -9.36 -24.24
N LEU C 367 34.24 -10.40 -23.78
CA LEU C 367 33.97 -11.54 -24.66
C LEU C 367 33.18 -11.12 -25.89
N LEU C 368 32.29 -10.15 -25.76
CA LEU C 368 31.53 -9.66 -26.91
C LEU C 368 32.39 -8.78 -27.82
N LYS C 369 33.29 -7.99 -27.23
CA LYS C 369 34.25 -7.25 -28.03
C LYS C 369 35.09 -8.20 -28.88
N VAL C 370 35.50 -9.33 -28.30
CA VAL C 370 36.33 -10.29 -29.03
C VAL C 370 35.50 -11.02 -30.09
N LEU C 371 34.33 -11.54 -29.69
CA LEU C 371 33.56 -12.44 -30.54
C LEU C 371 32.26 -11.81 -31.04
N GLY C 372 32.05 -10.52 -30.83
CA GLY C 372 30.85 -9.86 -31.28
C GLY C 372 29.63 -10.29 -30.50
N PRO C 373 28.44 -10.05 -31.05
CA PRO C 373 27.21 -10.39 -30.32
C PRO C 373 27.06 -11.90 -30.14
N ILE C 374 26.56 -12.28 -28.97
CA ILE C 374 26.26 -13.67 -28.64
C ILE C 374 24.91 -13.70 -27.93
N HIS C 375 24.18 -14.80 -28.12
CA HIS C 375 22.95 -15.01 -27.37
C HIS C 375 23.25 -15.14 -25.89
N GLU C 376 22.27 -14.77 -25.06
CA GLU C 376 22.49 -14.77 -23.61
C GLU C 376 22.89 -16.15 -23.10
N ARG C 377 22.08 -17.16 -23.40
CA ARG C 377 22.39 -18.52 -22.96
C ARG C 377 23.76 -18.97 -23.47
N ASN C 378 24.03 -18.73 -24.75
CA ASN C 378 25.34 -19.08 -25.29
C ASN C 378 26.45 -18.35 -24.55
N LEU C 379 26.22 -17.09 -24.18
CA LEU C 379 27.22 -16.32 -23.46
C LEU C 379 27.48 -16.91 -22.07
N THR C 380 26.41 -17.31 -21.37
CA THR C 380 26.56 -17.98 -20.08
C THR C 380 27.37 -19.26 -20.21
N LEU C 381 27.00 -20.10 -21.17
CA LEU C 381 27.74 -21.34 -21.35
C LEU C 381 29.19 -21.09 -21.75
N LEU C 382 29.44 -20.03 -22.53
CA LEU C 382 30.81 -19.66 -22.86
C LEU C 382 31.59 -19.31 -21.60
N LEU C 383 30.97 -18.56 -20.69
CA LEU C 383 31.68 -18.18 -19.47
C LEU C 383 31.91 -19.38 -18.57
N LEU C 384 30.93 -20.28 -18.46
CA LEU C 384 31.14 -21.50 -17.67
C LEU C 384 32.25 -22.36 -18.27
N LEU C 385 32.27 -22.47 -19.60
CA LEU C 385 33.32 -23.25 -20.27
C LEU C 385 34.69 -22.63 -20.03
N LEU C 386 34.80 -21.32 -20.19
CA LEU C 386 36.04 -20.62 -19.90
C LEU C 386 36.49 -20.86 -18.45
N GLN C 387 35.55 -20.84 -17.51
CA GLN C 387 35.85 -21.13 -16.12
C GLN C 387 36.41 -22.55 -15.97
N ILE C 388 35.79 -23.52 -16.65
CA ILE C 388 36.28 -24.89 -16.60
C ILE C 388 37.72 -24.96 -17.12
N LEU C 389 38.00 -24.24 -18.20
CA LEU C 389 39.38 -24.17 -18.71
C LEU C 389 40.32 -23.64 -17.63
N GLY C 390 39.91 -22.58 -16.94
CA GLY C 390 40.73 -22.05 -15.86
C GLY C 390 41.01 -23.09 -14.78
N SER C 391 39.98 -23.81 -14.37
CA SER C 391 40.15 -24.86 -13.37
C SER C 391 41.12 -25.94 -13.86
N ALA C 392 41.01 -26.33 -15.13
CA ALA C 392 41.95 -27.28 -15.70
C ALA C 392 43.38 -26.77 -15.62
N ILE C 393 43.58 -25.48 -15.92
CA ILE C 393 44.90 -24.87 -15.79
C ILE C 393 45.40 -25.02 -14.37
N THR C 394 44.55 -24.71 -13.38
CA THR C 394 44.96 -24.80 -11.98
C THR C 394 45.39 -26.23 -11.63
N PHE C 395 44.56 -27.21 -11.99
CA PHE C 395 44.91 -28.61 -11.73
C PHE C 395 46.25 -28.97 -12.35
N SER C 396 46.42 -28.63 -13.64
CA SER C 396 47.67 -28.97 -14.32
C SER C 396 48.87 -28.34 -13.63
N ILE C 397 48.75 -27.07 -13.24
CA ILE C 397 49.86 -26.39 -12.57
C ILE C 397 50.20 -27.11 -11.27
N ARG C 398 49.21 -27.33 -10.42
CA ARG C 398 49.47 -27.99 -9.14
C ARG C 398 50.10 -29.37 -9.34
N TYR C 399 49.62 -30.12 -10.34
CA TYR C 399 50.04 -31.50 -10.55
C TYR C 399 51.02 -31.66 -11.71
N GLN C 400 51.32 -30.59 -12.42
CA GLN C 400 52.26 -30.66 -13.54
C GLN C 400 51.78 -31.68 -14.59
N PRO D 8 36.21 -7.05 36.73
CA PRO D 8 37.13 -7.69 35.79
C PRO D 8 37.29 -6.90 34.49
N MET D 9 38.48 -6.93 33.89
CA MET D 9 38.70 -6.23 32.63
C MET D 9 37.72 -6.64 31.54
N PRO D 10 37.45 -7.94 31.33
CA PRO D 10 36.49 -8.31 30.28
C PRO D 10 35.14 -7.64 30.44
N LEU D 11 34.58 -7.63 31.65
CA LEU D 11 33.28 -6.99 31.86
C LEU D 11 33.35 -5.49 31.59
N LEU D 12 34.47 -4.86 31.93
CA LEU D 12 34.64 -3.44 31.66
C LEU D 12 34.62 -3.15 30.17
N ILE D 13 35.45 -3.87 29.40
CA ILE D 13 35.45 -3.72 27.95
C ILE D 13 34.04 -3.97 27.40
N ASN D 14 33.37 -4.99 27.93
CA ASN D 14 32.01 -5.30 27.50
C ASN D 14 31.10 -4.10 27.70
N LEU D 15 31.16 -3.48 28.88
CA LEU D 15 30.30 -2.33 29.17
C LEU D 15 30.58 -1.18 28.22
N ILE D 16 31.87 -0.89 27.98
CA ILE D 16 32.24 0.20 27.08
C ILE D 16 31.65 -0.03 25.69
N VAL D 17 31.94 -1.20 25.11
CA VAL D 17 31.46 -1.48 23.76
C VAL D 17 29.93 -1.50 23.74
N SER D 18 29.30 -1.89 24.84
CA SER D 18 27.85 -1.92 24.89
C SER D 18 27.26 -0.51 24.81
N LEU D 19 27.84 0.45 25.55
CA LEU D 19 27.37 1.82 25.47
C LEU D 19 27.60 2.41 24.08
N LEU D 20 28.79 2.18 23.53
CA LEU D 20 29.04 2.64 22.17
C LEU D 20 28.04 2.05 21.19
N GLY D 21 27.66 0.79 21.39
CA GLY D 21 26.67 0.17 20.53
C GLY D 21 25.28 0.77 20.71
N PHE D 22 24.95 1.17 21.94
CA PHE D 22 23.71 1.91 22.16
C PHE D 22 23.67 3.18 21.33
N VAL D 23 24.76 3.96 21.38
CA VAL D 23 24.84 5.17 20.58
C VAL D 23 24.69 4.82 19.10
N ALA D 24 25.39 3.79 18.65
CA ALA D 24 25.32 3.38 17.25
C ALA D 24 23.88 3.05 16.85
N THR D 25 23.14 2.38 17.74
CA THR D 25 21.75 2.01 17.45
C THR D 25 20.88 3.25 17.33
N VAL D 26 20.92 4.13 18.34
CA VAL D 26 20.09 5.32 18.32
C VAL D 26 20.37 6.14 17.07
N THR D 27 21.64 6.15 16.64
CA THR D 27 22.00 6.93 15.45
C THR D 27 21.55 6.25 14.17
N LEU D 28 21.75 4.93 14.05
CA LEU D 28 21.52 4.22 12.80
C LEU D 28 20.04 3.99 12.52
N ILE D 29 19.23 3.78 13.56
CA ILE D 29 17.81 3.49 13.35
C ILE D 29 17.21 4.56 12.43
N PRO D 30 17.31 5.85 12.76
CA PRO D 30 16.77 6.86 11.84
C PRO D 30 17.58 7.00 10.56
N ALA D 31 18.88 6.74 10.62
CA ALA D 31 19.73 6.89 9.43
C ALA D 31 19.22 6.04 8.28
N PHE D 32 18.75 4.83 8.58
CA PHE D 32 18.34 3.88 7.55
C PHE D 32 16.85 3.96 7.24
N ARG D 33 16.14 4.97 7.74
CA ARG D 33 14.70 5.03 7.49
C ARG D 33 14.41 5.06 6.00
N GLY D 34 15.25 5.74 5.22
CA GLY D 34 15.02 5.82 3.78
C GLY D 34 14.96 4.44 3.13
N HIS D 35 15.92 3.58 3.48
CA HIS D 35 15.96 2.24 2.91
C HIS D 35 14.69 1.47 3.28
N PHE D 36 14.25 1.59 4.53
CA PHE D 36 13.07 0.85 4.97
C PHE D 36 11.81 1.34 4.26
N ILE D 37 11.64 2.66 4.15
CA ILE D 37 10.47 3.21 3.48
C ILE D 37 10.46 2.80 2.01
N ALA D 38 11.61 2.94 1.34
CA ALA D 38 11.67 2.55 -0.06
C ALA D 38 11.38 1.06 -0.23
N ALA D 39 11.87 0.23 0.69
CA ALA D 39 11.73 -1.21 0.58
C ALA D 39 10.33 -1.72 0.94
N ARG D 40 9.45 -0.84 1.43
CA ARG D 40 8.10 -1.22 1.82
C ARG D 40 8.05 -2.06 3.09
N LEU D 41 9.10 -1.97 3.93
CA LEU D 41 9.11 -2.67 5.22
C LEU D 41 8.51 -1.75 6.28
N CYS D 42 7.21 -1.49 6.12
CA CYS D 42 6.51 -0.56 6.99
C CYS D 42 5.10 -1.05 7.24
N GLY D 43 4.59 -0.73 8.43
CA GLY D 43 3.30 -1.22 8.86
C GLY D 43 2.47 -0.11 9.49
N GLN D 44 1.15 -0.29 9.42
CA GLN D 44 0.22 0.67 9.99
C GLN D 44 0.17 0.52 11.50
N ASP D 45 0.00 1.65 12.21
CA ASP D 45 -0.16 1.63 13.66
C ASP D 45 -1.62 1.34 13.98
N LEU D 46 -1.92 0.07 14.25
CA LEU D 46 -3.30 -0.37 14.36
C LEU D 46 -4.04 0.28 15.53
N ASN D 47 -3.31 0.81 16.52
CA ASN D 47 -3.92 1.36 17.72
C ASN D 47 -4.02 2.88 17.68
N LYS D 48 -4.11 3.46 16.48
CA LYS D 48 -4.23 4.91 16.34
C LYS D 48 -5.08 5.22 15.13
N THR D 49 -5.66 6.43 15.14
CA THR D 49 -6.49 6.87 14.02
C THR D 49 -5.64 7.19 12.79
N SER D 50 -4.39 7.59 12.99
CA SER D 50 -3.52 7.90 11.87
C SER D 50 -3.36 6.69 10.95
N ARG D 51 -3.12 6.97 9.67
CA ARG D 51 -2.97 5.93 8.66
C ARG D 51 -1.55 5.84 8.12
N GLN D 52 -0.62 6.65 8.63
CA GLN D 52 0.74 6.64 8.12
C GLN D 52 1.40 5.28 8.39
N GLN D 53 2.41 4.98 7.59
CA GLN D 53 3.18 3.75 7.75
C GLN D 53 4.39 4.03 8.63
N ILE D 54 4.78 3.02 9.39
CA ILE D 54 5.88 3.12 10.35
C ILE D 54 6.93 2.10 9.95
N PRO D 55 8.22 2.45 9.95
CA PRO D 55 9.25 1.46 9.65
C PRO D 55 9.08 0.17 10.44
N GLU D 56 9.07 -0.95 9.73
CA GLU D 56 8.90 -2.27 10.33
C GLU D 56 10.24 -2.97 10.48
N SER D 57 10.28 -3.97 11.35
CA SER D 57 11.47 -4.80 11.56
C SER D 57 12.71 -3.96 11.81
N GLN D 58 12.55 -2.89 12.59
CA GLN D 58 13.69 -2.08 12.97
C GLN D 58 14.56 -2.76 14.01
N GLY D 59 14.22 -3.97 14.43
CA GLY D 59 15.11 -4.77 15.25
C GLY D 59 16.29 -5.35 14.50
N VAL D 60 16.26 -5.32 13.16
CA VAL D 60 17.37 -5.86 12.38
C VAL D 60 18.62 -5.01 12.59
N ILE D 61 18.46 -3.69 12.68
CA ILE D 61 19.60 -2.80 12.92
C ILE D 61 20.20 -3.06 14.30
N SER D 62 19.36 -3.10 15.32
CA SER D 62 19.84 -3.35 16.68
C SER D 62 20.54 -4.70 16.79
N GLY D 63 19.93 -5.74 16.22
CA GLY D 63 20.56 -7.05 16.23
C GLY D 63 21.89 -7.06 15.50
N ALA D 64 21.97 -6.36 14.36
CA ALA D 64 23.24 -6.22 13.66
C ALA D 64 24.30 -5.61 14.55
N VAL D 65 23.96 -4.49 15.21
CA VAL D 65 24.92 -3.84 16.12
C VAL D 65 25.34 -4.82 17.21
N PHE D 66 24.38 -5.56 17.77
CA PHE D 66 24.67 -6.54 18.81
C PHE D 66 25.72 -7.55 18.35
N LEU D 67 25.51 -8.12 17.16
CA LEU D 67 26.46 -9.07 16.63
C LEU D 67 27.83 -8.43 16.42
N ILE D 68 27.86 -7.19 15.92
CA ILE D 68 29.13 -6.47 15.77
C ILE D 68 29.85 -6.42 17.12
N ILE D 69 29.12 -6.01 18.16
CA ILE D 69 29.72 -5.84 19.49
C ILE D 69 30.36 -7.14 19.95
N LEU D 70 29.57 -8.23 19.96
CA LEU D 70 30.10 -9.49 20.48
C LEU D 70 31.25 -10.00 19.62
N PHE D 71 31.15 -9.86 18.30
CA PHE D 71 32.27 -10.20 17.43
C PHE D 71 33.54 -9.50 17.89
N CYS D 72 33.44 -8.20 18.17
CA CYS D 72 34.62 -7.44 18.57
C CYS D 72 35.03 -7.69 20.01
N PHE D 73 34.16 -8.28 20.84
CA PHE D 73 34.48 -8.50 22.24
C PHE D 73 35.04 -9.90 22.53
N ILE D 74 34.78 -10.88 21.66
CA ILE D 74 35.23 -12.25 21.95
C ILE D 74 36.68 -12.31 22.45
N PRO D 75 37.64 -11.64 21.82
CA PRO D 75 39.04 -11.89 22.19
C PRO D 75 39.38 -11.51 23.63
N PHE D 76 38.84 -10.41 24.14
CA PHE D 76 39.32 -9.88 25.40
C PHE D 76 39.21 -10.87 26.56
N PRO D 77 38.14 -11.64 26.71
CA PRO D 77 38.17 -12.72 27.72
C PRO D 77 39.39 -13.61 27.61
N PHE D 78 39.88 -13.86 26.40
CA PHE D 78 41.07 -14.69 26.17
C PHE D 78 42.23 -13.76 25.80
N LEU D 79 42.90 -13.22 26.81
CA LEU D 79 44.14 -12.45 26.64
C LEU D 79 45.23 -13.16 27.42
N ASN D 80 46.12 -13.84 26.70
CA ASN D 80 47.13 -14.70 27.32
C ASN D 80 46.46 -15.69 28.26
N CYS D 81 45.44 -16.37 27.75
CA CYS D 81 44.62 -17.27 28.55
C CYS D 81 44.65 -18.69 27.98
N ALA D 89 47.89 -23.35 26.20
CA ALA D 89 46.76 -24.17 25.80
C ALA D 89 45.45 -23.36 25.84
N PHE D 90 45.01 -22.92 24.68
CA PHE D 90 43.83 -22.09 24.59
C PHE D 90 42.60 -22.86 25.07
N PRO D 91 41.68 -22.23 25.83
CA PRO D 91 40.47 -22.93 26.26
C PRO D 91 39.37 -22.93 25.21
N HIS D 92 39.40 -23.90 24.30
CA HIS D 92 38.46 -23.91 23.18
C HIS D 92 37.01 -24.06 23.62
N HIS D 93 36.73 -24.48 24.86
CA HIS D 93 35.36 -24.79 25.25
C HIS D 93 34.55 -23.53 25.56
N GLU D 94 35.12 -22.61 26.33
CA GLU D 94 34.45 -21.32 26.55
C GLU D 94 34.24 -20.59 25.23
N PHE D 95 35.26 -20.59 24.38
CA PHE D 95 35.16 -19.99 23.07
C PHE D 95 34.06 -20.66 22.24
N VAL D 96 33.93 -21.98 22.36
CA VAL D 96 32.85 -22.70 21.69
C VAL D 96 31.51 -22.18 22.18
N ALA D 97 31.36 -22.05 23.50
CA ALA D 97 30.10 -21.53 24.04
C ALA D 97 29.78 -20.18 23.41
N LEU D 98 30.76 -19.28 23.40
CA LEU D 98 30.54 -17.94 22.85
C LEU D 98 30.11 -18.00 21.39
N ILE D 99 30.88 -18.71 20.57
CA ILE D 99 30.61 -18.72 19.13
C ILE D 99 29.28 -19.41 18.83
N GLY D 100 28.98 -20.50 19.53
CA GLY D 100 27.73 -21.21 19.28
C GLY D 100 26.51 -20.40 19.67
N ALA D 101 26.57 -19.78 20.85
CA ALA D 101 25.50 -18.87 21.25
C ALA D 101 25.32 -17.76 20.22
N LEU D 102 26.44 -17.17 19.77
CA LEU D 102 26.37 -16.12 18.75
C LEU D 102 25.73 -16.64 17.47
N LEU D 103 26.02 -17.89 17.11
CA LEU D 103 25.42 -18.46 15.90
C LEU D 103 23.92 -18.59 16.06
N ALA D 104 23.46 -19.12 17.20
CA ALA D 104 22.03 -19.24 17.42
C ALA D 104 21.36 -17.87 17.37
N ILE D 105 21.97 -16.86 17.99
CA ILE D 105 21.37 -15.53 18.02
C ILE D 105 21.32 -14.91 16.63
N CYS D 106 22.44 -14.96 15.90
CA CYS D 106 22.49 -14.43 14.55
C CYS D 106 21.50 -15.14 13.64
N CYS D 107 21.43 -16.46 13.74
CA CYS D 107 20.48 -17.22 12.95
C CYS D 107 19.04 -16.82 13.30
N MET D 108 18.79 -16.49 14.57
CA MET D 108 17.43 -16.12 14.94
C MET D 108 17.07 -14.72 14.47
N ILE D 109 18.00 -13.77 14.55
CA ILE D 109 17.78 -12.45 13.96
C ILE D 109 17.47 -12.59 12.48
N PHE D 110 18.29 -13.37 11.78
CA PHE D 110 18.10 -13.60 10.35
C PHE D 110 16.74 -14.21 10.06
N LEU D 111 16.37 -15.26 10.81
CA LEU D 111 15.06 -15.88 10.64
C LEU D 111 13.94 -14.89 10.86
N GLY D 112 14.07 -14.02 11.86
CA GLY D 112 13.00 -13.09 12.18
C GLY D 112 12.84 -12.03 11.11
N PHE D 113 13.96 -11.47 10.63
CA PHE D 113 13.90 -10.51 9.53
C PHE D 113 13.29 -11.16 8.28
N ALA D 114 13.75 -12.36 7.95
CA ALA D 114 13.16 -13.12 6.85
C ALA D 114 11.66 -13.29 7.05
N ASP D 115 11.24 -13.72 8.23
CA ASP D 115 9.82 -13.92 8.51
C ASP D 115 9.03 -12.63 8.34
N ASP D 116 9.59 -11.50 8.78
CA ASP D 116 8.88 -10.24 8.68
C ASP D 116 8.66 -9.85 7.22
N VAL D 117 9.71 -9.95 6.40
CA VAL D 117 9.53 -9.60 4.99
C VAL D 117 8.65 -10.63 4.29
N LEU D 118 8.87 -11.91 4.57
CA LEU D 118 8.21 -13.00 3.86
C LEU D 118 6.80 -13.26 4.38
N ASN D 119 6.57 -13.09 5.68
CA ASN D 119 5.29 -13.42 6.31
C ASN D 119 4.97 -14.90 6.14
N LEU D 120 5.79 -15.72 6.79
CA LEU D 120 5.70 -17.16 6.70
C LEU D 120 4.61 -17.71 7.64
N ARG D 121 4.15 -18.91 7.32
CA ARG D 121 3.12 -19.57 8.12
C ARG D 121 3.71 -20.09 9.43
N TRP D 122 2.82 -20.43 10.36
CA TRP D 122 3.25 -20.84 11.70
C TRP D 122 4.18 -22.04 11.65
N ARG D 123 3.83 -23.04 10.84
CA ARG D 123 4.65 -24.24 10.74
C ARG D 123 6.09 -23.89 10.36
N HIS D 124 6.26 -23.05 9.35
CA HIS D 124 7.59 -22.62 8.93
C HIS D 124 8.34 -21.98 10.10
N LYS D 125 7.70 -21.01 10.76
CA LYS D 125 8.32 -20.35 11.92
C LYS D 125 8.83 -21.38 12.92
N LEU D 126 7.97 -22.31 13.32
CA LEU D 126 8.33 -23.24 14.39
C LEU D 126 9.46 -24.17 13.95
N LEU D 127 9.39 -24.68 12.72
CA LEU D 127 10.45 -25.55 12.23
C LEU D 127 11.79 -24.83 12.27
N LEU D 128 11.83 -23.60 11.76
CA LEU D 128 13.10 -22.88 11.73
C LEU D 128 13.56 -22.49 13.13
N HIS D 129 12.63 -22.23 14.05
CA HIS D 129 13.00 -22.03 15.45
C HIS D 129 13.73 -23.25 15.99
N THR D 130 13.16 -24.45 15.81
CA THR D 130 13.80 -25.67 16.27
C THR D 130 15.19 -25.84 15.67
N ALA D 131 15.27 -25.72 14.34
CA ALA D 131 16.56 -25.88 13.67
C ALA D 131 17.59 -24.89 14.22
N ALA D 132 17.20 -23.63 14.38
CA ALA D 132 18.09 -22.61 14.92
C ALA D 132 18.41 -22.84 16.39
N SER D 133 17.60 -23.64 17.09
CA SER D 133 17.89 -23.95 18.49
C SER D 133 18.89 -25.08 18.62
N LEU D 134 18.96 -25.96 17.62
CA LEU D 134 19.94 -27.07 17.66
C LEU D 134 21.33 -26.66 18.13
N PRO D 135 21.93 -25.56 17.67
CA PRO D 135 23.26 -25.17 18.17
C PRO D 135 23.35 -25.06 19.69
N LEU D 136 22.29 -24.58 20.34
CA LEU D 136 22.29 -24.53 21.80
C LEU D 136 22.46 -25.91 22.39
N LEU D 137 21.76 -26.91 21.84
CA LEU D 137 21.91 -28.28 22.31
C LEU D 137 23.31 -28.81 22.03
N MET D 138 23.87 -28.47 20.87
CA MET D 138 25.24 -28.84 20.57
C MET D 138 26.19 -28.35 21.67
N VAL D 139 26.15 -27.04 21.93
CA VAL D 139 27.07 -26.45 22.91
C VAL D 139 26.83 -27.04 24.29
N TYR D 140 25.56 -27.15 24.69
CA TYR D 140 25.25 -27.66 26.02
C TYR D 140 25.77 -29.08 26.21
N PHE D 141 25.59 -29.95 25.22
CA PHE D 141 26.08 -31.31 25.32
C PHE D 141 27.61 -31.33 25.38
N THR D 142 28.26 -30.62 24.45
CA THR D 142 29.71 -30.69 24.38
C THR D 142 30.36 -30.14 25.65
N ASN D 143 29.79 -29.09 26.23
CA ASN D 143 30.43 -28.43 27.35
C ASN D 143 29.96 -28.94 28.71
N PHE D 144 28.64 -29.08 28.90
CA PHE D 144 28.09 -29.46 30.21
C PHE D 144 27.44 -30.84 30.20
N GLY D 145 26.44 -31.04 29.35
CA GLY D 145 25.82 -32.35 29.22
C GLY D 145 25.24 -32.93 30.49
N ASN D 146 24.62 -32.09 31.32
CA ASN D 146 23.98 -32.53 32.55
C ASN D 146 22.49 -32.71 32.29
N THR D 147 22.02 -33.97 32.40
CA THR D 147 20.65 -34.31 32.05
C THR D 147 19.80 -34.72 33.25
N THR D 148 20.36 -34.70 34.46
CA THR D 148 19.64 -35.12 35.66
C THR D 148 19.16 -33.89 36.42
N ILE D 149 17.90 -33.94 36.85
CA ILE D 149 17.29 -32.86 37.62
C ILE D 149 16.69 -33.45 38.89
N VAL D 150 16.61 -32.64 39.94
CA VAL D 150 16.03 -33.08 41.19
C VAL D 150 14.52 -33.20 41.05
N VAL D 151 13.97 -34.30 41.55
CA VAL D 151 12.53 -34.55 41.46
C VAL D 151 12.12 -35.60 42.47
N HIS D 162 16.98 -39.35 42.67
CA HIS D 162 16.81 -38.31 41.67
C HIS D 162 16.44 -38.91 40.32
N LEU D 163 15.67 -38.17 39.53
CA LEU D 163 15.19 -38.64 38.23
C LEU D 163 16.17 -38.18 37.15
N ASP D 164 16.66 -39.14 36.37
CA ASP D 164 17.54 -38.84 35.24
C ASP D 164 16.69 -38.67 33.98
N LEU D 165 16.61 -37.43 33.48
CA LEU D 165 15.80 -37.15 32.31
C LEU D 165 16.48 -37.59 31.02
N GLY D 166 17.80 -37.50 30.95
CA GLY D 166 18.50 -37.96 29.76
C GLY D 166 18.07 -37.18 28.52
N ILE D 167 17.77 -37.93 27.45
CA ILE D 167 17.44 -37.30 26.17
C ILE D 167 16.35 -36.26 26.34
N LEU D 168 15.31 -36.57 27.12
CA LEU D 168 14.19 -35.66 27.26
C LEU D 168 14.65 -34.29 27.73
N TYR D 169 15.66 -34.24 28.61
CA TYR D 169 16.18 -32.95 29.04
C TYR D 169 16.47 -32.05 27.85
N TYR D 170 17.20 -32.57 26.87
CA TYR D 170 17.46 -31.78 25.66
C TYR D 170 16.16 -31.30 25.05
N VAL D 171 15.21 -32.19 24.82
CA VAL D 171 13.90 -31.79 24.33
C VAL D 171 13.42 -30.57 25.11
N TYR D 172 13.40 -30.68 26.44
CA TYR D 172 12.98 -29.54 27.26
C TYR D 172 13.67 -28.27 26.82
N MET D 173 15.01 -28.25 26.87
CA MET D 173 15.75 -27.07 26.46
C MET D 173 15.25 -26.59 25.11
N GLY D 174 15.21 -27.50 24.13
CA GLY D 174 14.69 -27.14 22.83
C GLY D 174 13.41 -26.36 22.96
N LEU D 175 12.38 -26.98 23.52
CA LEU D 175 11.09 -26.30 23.64
C LEU D 175 11.24 -24.98 24.38
N LEU D 176 12.02 -24.98 25.47
CA LEU D 176 12.25 -23.72 26.18
C LEU D 176 12.67 -22.64 25.20
N ALA D 177 13.70 -22.91 24.39
CA ALA D 177 14.09 -21.97 23.35
C ALA D 177 12.88 -21.58 22.49
N VAL D 178 12.26 -22.58 21.86
CA VAL D 178 11.09 -22.32 21.02
C VAL D 178 10.05 -21.53 21.78
N PHE D 179 9.94 -21.74 23.09
CA PHE D 179 9.00 -20.95 23.87
C PHE D 179 9.42 -19.49 23.90
N CYS D 180 10.64 -19.22 24.38
CA CYS D 180 11.08 -17.84 24.55
C CYS D 180 10.88 -17.04 23.26
N THR D 181 11.50 -17.51 22.17
CA THR D 181 11.39 -16.80 20.89
C THR D 181 9.95 -16.40 20.60
N ASN D 182 9.00 -17.29 20.86
CA ASN D 182 7.59 -17.01 20.57
C ASN D 182 6.87 -16.36 21.74
N ALA D 183 7.30 -16.63 22.98
CA ALA D 183 6.56 -16.14 24.14
C ALA D 183 6.49 -14.62 24.14
N ILE D 184 7.57 -13.95 23.74
CA ILE D 184 7.53 -12.50 23.63
C ILE D 184 6.78 -12.07 22.37
N ASN D 185 6.90 -12.85 21.29
CA ASN D 185 6.29 -12.47 20.02
C ASN D 185 4.78 -12.32 20.14
N ILE D 186 4.12 -13.28 20.81
CA ILE D 186 2.68 -13.21 20.94
C ILE D 186 2.26 -12.14 21.93
N LEU D 187 3.12 -11.81 22.89
CA LEU D 187 2.84 -10.73 23.85
C LEU D 187 3.37 -9.43 23.26
N ALA D 188 2.55 -8.81 22.43
CA ALA D 188 2.94 -7.61 21.70
C ALA D 188 1.66 -6.86 21.30
N GLY D 189 1.83 -5.74 20.61
CA GLY D 189 0.71 -5.05 20.01
C GLY D 189 0.60 -3.58 20.38
N ILE D 190 1.07 -3.22 21.58
CA ILE D 190 1.01 -1.84 22.04
C ILE D 190 2.42 -1.27 22.06
N ASN D 191 2.51 0.04 21.84
CA ASN D 191 3.78 0.68 21.55
C ASN D 191 4.75 0.55 22.73
N GLY D 192 5.91 -0.02 22.46
CA GLY D 192 6.97 -0.10 23.45
C GLY D 192 6.86 -1.26 24.41
N LEU D 193 6.03 -2.26 24.11
CA LEU D 193 5.85 -3.37 25.03
C LEU D 193 6.92 -4.44 24.84
N GLU D 194 7.18 -4.84 23.59
CA GLU D 194 8.16 -5.89 23.34
C GLU D 194 9.52 -5.54 23.94
N ALA D 195 10.11 -4.45 23.45
CA ALA D 195 11.43 -4.05 23.94
C ALA D 195 11.39 -3.72 25.43
N GLY D 196 10.28 -3.16 25.92
CA GLY D 196 10.16 -2.82 27.32
C GLY D 196 10.23 -4.02 28.26
N GLN D 197 9.34 -5.00 28.06
CA GLN D 197 9.39 -6.21 28.87
C GLN D 197 10.70 -6.94 28.68
N SER D 198 11.24 -6.96 27.45
CA SER D 198 12.54 -7.59 27.24
C SER D 198 13.61 -6.91 28.06
N LEU D 199 13.53 -5.59 28.20
CA LEU D 199 14.51 -4.86 29.01
C LEU D 199 14.35 -5.16 30.49
N VAL D 200 13.10 -5.25 30.96
CA VAL D 200 12.89 -5.64 32.35
C VAL D 200 13.52 -7.00 32.62
N ILE D 201 13.27 -7.95 31.71
CA ILE D 201 13.80 -9.30 31.89
C ILE D 201 15.33 -9.28 31.88
N SER D 202 15.91 -8.60 30.90
CA SER D 202 17.37 -8.54 30.79
C SER D 202 17.99 -7.91 32.03
N ALA D 203 17.40 -6.83 32.54
CA ALA D 203 17.94 -6.16 33.71
C ALA D 203 17.85 -7.07 34.93
N SER D 204 16.71 -7.74 35.12
CA SER D 204 16.56 -8.64 36.25
C SER D 204 17.57 -9.79 36.18
N ILE D 205 17.76 -10.36 34.99
CA ILE D 205 18.75 -11.42 34.83
C ILE D 205 20.15 -10.89 35.10
N ILE D 206 20.42 -9.63 34.75
CA ILE D 206 21.74 -9.05 35.02
C ILE D 206 21.97 -8.93 36.52
N VAL D 207 20.95 -8.46 37.25
CA VAL D 207 21.07 -8.35 38.70
C VAL D 207 21.32 -9.73 39.30
N PHE D 208 20.54 -10.72 38.87
CA PHE D 208 20.75 -12.08 39.36
C PHE D 208 22.16 -12.57 39.07
N ASN D 209 22.67 -12.29 37.86
CA ASN D 209 24.01 -12.72 37.49
C ASN D 209 25.06 -12.07 38.37
N LEU D 210 24.85 -10.79 38.72
CA LEU D 210 25.84 -10.09 39.55
C LEU D 210 25.79 -10.60 40.98
N VAL D 211 24.59 -10.83 41.53
CA VAL D 211 24.49 -11.41 42.86
C VAL D 211 25.18 -12.76 42.91
N GLU D 212 24.85 -13.65 41.96
CA GLU D 212 25.50 -14.96 41.90
C GLU D 212 26.94 -14.89 41.41
N LEU D 213 27.43 -13.72 41.01
CA LEU D 213 28.78 -13.61 40.48
C LEU D 213 29.82 -13.92 41.57
N GLU D 214 29.57 -13.49 42.80
CA GLU D 214 30.44 -13.80 43.92
C GLU D 214 30.17 -15.18 44.51
N GLY D 215 29.07 -15.82 44.13
CA GLY D 215 28.76 -17.14 44.62
C GLY D 215 29.64 -18.21 44.00
N ASP D 216 29.24 -19.46 44.24
CA ASP D 216 30.02 -20.59 43.75
C ASP D 216 30.15 -20.56 42.24
N CYS D 217 29.03 -20.46 41.53
CA CYS D 217 29.01 -20.45 40.07
C CYS D 217 29.21 -19.01 39.59
N ARG D 218 30.43 -18.71 39.14
CA ARG D 218 30.76 -17.39 38.60
C ARG D 218 30.94 -17.38 37.09
N ASP D 219 31.43 -18.48 36.50
CA ASP D 219 31.64 -18.51 35.06
C ASP D 219 30.32 -18.48 34.29
N ASP D 220 29.33 -19.25 34.75
CA ASP D 220 28.03 -19.28 34.08
C ASP D 220 27.38 -17.90 34.09
N HIS D 221 27.40 -17.23 35.24
CA HIS D 221 26.73 -15.94 35.35
C HIS D 221 27.53 -14.82 34.69
N VAL D 222 28.86 -14.88 34.71
CA VAL D 222 29.62 -13.89 33.96
C VAL D 222 29.40 -14.08 32.46
N PHE D 223 29.21 -15.32 32.01
CA PHE D 223 28.84 -15.59 30.62
C PHE D 223 27.49 -14.97 30.29
N SER D 224 26.50 -15.23 31.15
CA SER D 224 25.19 -14.60 30.97
C SER D 224 25.32 -13.09 30.90
N LEU D 225 26.22 -12.50 31.69
CA LEU D 225 26.44 -11.05 31.61
C LEU D 225 27.04 -10.66 30.26
N TYR D 226 28.07 -11.38 29.83
CA TYR D 226 28.66 -11.16 28.51
C TYR D 226 27.56 -11.00 27.46
N PHE D 227 26.57 -11.89 27.51
CA PHE D 227 25.51 -11.84 26.49
C PHE D 227 24.36 -10.90 26.85
N MET D 228 24.27 -10.45 28.09
CA MET D 228 23.13 -9.63 28.52
C MET D 228 23.39 -8.13 28.41
N ILE D 229 24.60 -7.67 28.74
CA ILE D 229 24.85 -6.22 28.76
C ILE D 229 24.62 -5.63 27.36
N PRO D 230 25.29 -6.13 26.32
CA PRO D 230 25.08 -5.53 24.99
C PRO D 230 23.64 -5.65 24.52
N PHE D 231 22.99 -6.78 24.79
CA PHE D 231 21.57 -6.92 24.46
C PHE D 231 20.75 -5.83 25.13
N PHE D 232 20.96 -5.64 26.44
CA PHE D 232 20.22 -4.60 27.15
C PHE D 232 20.39 -3.25 26.47
N PHE D 233 21.63 -2.83 26.24
CA PHE D 233 21.85 -1.47 25.76
C PHE D 233 21.35 -1.28 24.32
N THR D 234 21.55 -2.27 23.45
CA THR D 234 21.04 -2.15 22.08
C THR D 234 19.52 -2.12 22.07
N THR D 235 18.87 -3.00 22.85
CA THR D 235 17.43 -2.95 22.98
C THR D 235 16.97 -1.59 23.51
N LEU D 236 17.76 -0.96 24.37
CA LEU D 236 17.43 0.38 24.84
C LEU D 236 17.45 1.38 23.69
N GLY D 237 18.52 1.34 22.89
CA GLY D 237 18.56 2.19 21.71
C GLY D 237 17.35 1.99 20.81
N LEU D 238 16.85 0.76 20.73
CA LEU D 238 15.67 0.50 19.91
C LEU D 238 14.41 1.06 20.57
N LEU D 239 14.27 0.88 21.87
CA LEU D 239 13.09 1.37 22.58
C LEU D 239 13.01 2.88 22.55
N TYR D 240 14.15 3.57 22.46
CA TYR D 240 14.12 5.02 22.38
C TYR D 240 13.19 5.48 21.27
N HIS D 241 13.31 4.87 20.09
CA HIS D 241 12.41 5.21 18.98
C HIS D 241 11.09 4.47 19.07
N ASN D 242 11.08 3.27 19.65
CA ASN D 242 9.86 2.47 19.69
C ASN D 242 8.86 2.95 20.73
N TRP D 243 9.25 3.85 21.64
CA TRP D 243 8.36 4.27 22.71
C TRP D 243 7.25 5.17 22.18
N TYR D 244 6.11 5.12 22.86
CA TYR D 244 4.94 5.89 22.43
C TYR D 244 5.29 7.37 22.34
N PRO D 245 4.97 8.06 21.23
CA PRO D 245 4.40 7.52 20.00
C PRO D 245 5.43 6.72 19.20
N SER D 246 5.11 5.47 18.88
CA SER D 246 6.05 4.60 18.19
C SER D 246 6.45 5.17 16.84
N ARG D 247 7.72 5.55 16.71
CA ARG D 247 8.29 5.95 15.42
C ARG D 247 8.81 4.77 14.63
N VAL D 248 8.95 3.60 15.27
CA VAL D 248 9.44 2.38 14.62
C VAL D 248 8.76 1.18 15.24
N PHE D 249 8.84 0.04 14.55
CA PHE D 249 8.37 -1.22 15.07
C PHE D 249 9.49 -2.24 15.04
N VAL D 250 9.52 -3.13 16.04
CA VAL D 250 10.65 -4.05 16.21
C VAL D 250 10.42 -5.34 15.44
N GLY D 251 9.21 -5.91 15.51
CA GLY D 251 8.85 -7.02 14.68
C GLY D 251 9.39 -8.36 15.15
N ASP D 252 9.02 -9.39 14.38
CA ASP D 252 9.48 -10.74 14.66
C ASP D 252 11.00 -10.82 14.78
N THR D 253 11.72 -10.02 13.99
CA THR D 253 13.17 -9.95 14.11
C THR D 253 13.58 -9.83 15.57
N PHE D 254 13.19 -8.72 16.21
CA PHE D 254 13.56 -8.48 17.60
C PHE D 254 12.95 -9.52 18.53
N CYS D 255 11.66 -9.84 18.35
CA CYS D 255 11.03 -10.79 19.26
C CYS D 255 11.83 -12.09 19.34
N TYR D 256 12.02 -12.74 18.19
CA TYR D 256 12.79 -13.99 18.15
C TYR D 256 14.22 -13.80 18.66
N PHE D 257 14.86 -12.70 18.28
CA PHE D 257 16.22 -12.42 18.73
C PHE D 257 16.32 -12.44 20.25
N ALA D 258 15.47 -11.63 20.91
CA ALA D 258 15.50 -11.53 22.36
C ALA D 258 15.17 -12.87 23.01
N GLY D 259 14.09 -13.52 22.55
CA GLY D 259 13.75 -14.81 23.10
C GLY D 259 14.92 -15.77 23.07
N MET D 260 15.64 -15.81 21.94
CA MET D 260 16.71 -16.79 21.81
C MET D 260 17.92 -16.40 22.66
N THR D 261 18.24 -15.11 22.75
CA THR D 261 19.32 -14.68 23.63
C THR D 261 19.05 -15.08 25.08
N PHE D 262 17.82 -14.85 25.53
CA PHE D 262 17.44 -15.24 26.89
C PHE D 262 17.56 -16.75 27.06
N ALA D 263 16.98 -17.52 26.14
CA ALA D 263 17.09 -18.97 26.24
C ALA D 263 18.54 -19.41 26.35
N VAL D 264 19.42 -18.77 25.58
CA VAL D 264 20.84 -19.13 25.60
C VAL D 264 21.43 -18.88 26.98
N VAL D 265 21.31 -17.64 27.47
CA VAL D 265 21.96 -17.33 28.74
C VAL D 265 21.37 -18.17 29.86
N GLY D 266 20.09 -18.53 29.75
CA GLY D 266 19.48 -19.36 30.79
C GLY D 266 19.97 -20.79 30.75
N ILE D 267 19.97 -21.39 29.56
CA ILE D 267 20.39 -22.78 29.41
C ILE D 267 21.87 -22.92 29.75
N LEU D 268 22.73 -22.22 29.01
CA LEU D 268 24.17 -22.34 29.25
C LEU D 268 24.58 -21.72 30.58
N GLY D 269 23.72 -20.91 31.20
CA GLY D 269 23.99 -20.37 32.52
C GLY D 269 23.50 -21.22 33.67
N HIS D 270 22.65 -22.22 33.39
CA HIS D 270 22.18 -23.18 34.37
C HIS D 270 21.27 -22.53 35.41
N PHE D 271 20.42 -21.61 34.95
CA PHE D 271 19.36 -21.06 35.79
C PHE D 271 18.07 -20.92 34.98
N SER D 272 17.74 -21.93 34.19
CA SER D 272 16.54 -21.88 33.35
C SER D 272 15.26 -21.80 34.19
N LYS D 273 15.26 -22.41 35.37
CA LYS D 273 14.08 -22.32 36.24
C LYS D 273 13.92 -20.89 36.76
N THR D 274 15.01 -20.29 37.22
CA THR D 274 14.98 -18.88 37.64
C THR D 274 14.55 -17.98 36.50
N MET D 275 15.09 -18.21 35.30
CA MET D 275 14.67 -17.43 34.13
C MET D 275 13.17 -17.55 33.91
N LEU D 276 12.66 -18.79 33.85
CA LEU D 276 11.22 -18.98 33.68
C LEU D 276 10.44 -18.26 34.76
N LEU D 277 10.98 -18.19 35.98
CA LEU D 277 10.34 -17.39 37.02
C LEU D 277 10.33 -15.91 36.63
N PHE D 278 11.38 -15.44 35.95
CA PHE D 278 11.34 -14.09 35.40
C PHE D 278 10.32 -13.97 34.27
N PHE D 279 9.95 -15.08 33.64
CA PHE D 279 8.98 -15.12 32.53
C PHE D 279 7.56 -15.34 33.05
N MET D 280 7.14 -14.60 34.06
CA MET D 280 5.83 -14.88 34.63
C MET D 280 4.71 -14.28 33.78
N PRO D 281 4.74 -12.97 33.47
CA PRO D 281 3.71 -12.43 32.58
C PRO D 281 3.66 -13.13 31.24
N GLN D 282 4.81 -13.45 30.66
CA GLN D 282 4.83 -14.09 29.35
C GLN D 282 4.25 -15.50 29.41
N VAL D 283 4.62 -16.29 30.43
CA VAL D 283 4.06 -17.63 30.58
C VAL D 283 2.55 -17.55 30.78
N PHE D 284 2.11 -16.63 31.64
CA PHE D 284 0.67 -16.51 31.91
C PHE D 284 -0.08 -16.14 30.64
N ASN D 285 0.46 -15.20 29.85
CA ASN D 285 -0.21 -14.80 28.63
C ASN D 285 -0.19 -15.91 27.59
N PHE D 286 0.88 -16.71 27.54
CA PHE D 286 0.94 -17.82 26.60
C PHE D 286 -0.11 -18.87 26.94
N LEU D 287 -0.17 -19.28 28.21
CA LEU D 287 -1.15 -20.27 28.62
C LEU D 287 -2.57 -19.74 28.43
N TYR D 288 -2.82 -18.52 28.89
CA TYR D 288 -4.14 -17.93 28.74
C TYR D 288 -4.55 -17.82 27.27
N SER D 289 -3.58 -17.71 26.37
CA SER D 289 -3.83 -17.64 24.94
C SER D 289 -3.79 -19.02 24.27
N LEU D 290 -3.53 -20.08 25.04
CA LEU D 290 -3.32 -21.39 24.44
C LEU D 290 -4.56 -21.93 23.71
N PRO D 291 -5.79 -21.72 24.21
CA PRO D 291 -6.95 -22.26 23.46
C PRO D 291 -7.08 -21.68 22.07
N GLN D 292 -6.81 -20.38 21.90
CA GLN D 292 -6.89 -19.77 20.57
C GLN D 292 -5.70 -20.17 19.71
N LEU D 293 -4.49 -20.24 20.32
CA LEU D 293 -3.31 -20.64 19.57
C LEU D 293 -3.48 -22.02 18.97
N LEU D 294 -4.25 -22.90 19.61
CA LEU D 294 -4.51 -24.23 19.10
C LEU D 294 -5.76 -24.28 18.21
N HIS D 295 -6.35 -23.13 17.89
CA HIS D 295 -7.53 -23.05 17.03
C HIS D 295 -8.73 -23.80 17.60
N ILE D 296 -8.73 -24.05 18.91
CA ILE D 296 -9.92 -24.60 19.56
C ILE D 296 -11.03 -23.56 19.56
N ILE D 297 -10.71 -22.36 20.02
CA ILE D 297 -11.58 -21.19 19.88
C ILE D 297 -11.06 -20.38 18.69
N PRO D 298 -11.92 -19.93 17.77
CA PRO D 298 -11.44 -19.17 16.62
C PRO D 298 -10.47 -18.06 17.01
N CYS D 299 -9.37 -17.97 16.28
CA CYS D 299 -8.27 -17.06 16.62
C CYS D 299 -8.15 -15.99 15.54
N PRO D 300 -8.47 -14.72 15.83
CA PRO D 300 -8.30 -13.68 14.81
C PRO D 300 -6.83 -13.44 14.48
N ARG D 301 -6.61 -12.83 13.32
CA ARG D 301 -5.24 -12.51 12.90
C ARG D 301 -4.60 -11.53 13.87
N HIS D 302 -5.36 -10.53 14.33
CA HIS D 302 -4.90 -9.58 15.33
C HIS D 302 -5.78 -9.69 16.57
N ARG D 303 -5.15 -9.85 17.73
CA ARG D 303 -5.86 -9.95 18.99
C ARG D 303 -5.42 -8.84 19.93
N ILE D 304 -5.35 -7.62 19.40
CA ILE D 304 -4.88 -6.46 20.15
C ILE D 304 -6.09 -5.70 20.66
N PRO D 305 -5.94 -4.83 21.67
CA PRO D 305 -7.08 -4.06 22.14
C PRO D 305 -7.55 -3.06 21.09
N ARG D 306 -8.85 -3.07 20.82
CA ARG D 306 -9.45 -2.20 19.82
C ARG D 306 -9.60 -0.79 20.38
N LEU D 307 -8.88 0.16 19.80
CA LEU D 307 -9.01 1.55 20.21
C LEU D 307 -10.44 2.03 20.02
N ASN D 308 -10.94 2.79 20.99
CA ASN D 308 -12.24 3.45 20.89
C ASN D 308 -12.00 4.90 20.49
N ILE D 309 -12.49 5.27 19.30
CA ILE D 309 -12.14 6.56 18.72
C ILE D 309 -12.69 7.70 19.58
N LYS D 310 -13.94 7.57 20.04
CA LYS D 310 -14.51 8.58 20.91
C LYS D 310 -13.63 8.82 22.13
N THR D 311 -13.39 7.76 22.90
CA THR D 311 -12.70 7.91 24.18
C THR D 311 -11.25 8.33 23.98
N GLY D 312 -10.52 7.59 23.15
CA GLY D 312 -9.08 7.73 23.05
C GLY D 312 -8.30 6.73 23.87
N LYS D 313 -9.00 5.79 24.52
CA LYS D 313 -8.38 4.74 25.31
C LYS D 313 -8.59 3.40 24.61
N LEU D 314 -7.86 2.39 25.08
CA LEU D 314 -7.94 1.05 24.52
C LEU D 314 -8.96 0.22 25.29
N GLU D 315 -9.90 -0.36 24.57
CA GLU D 315 -10.90 -1.24 25.13
C GLU D 315 -10.62 -2.68 24.70
N MET D 316 -11.34 -3.62 25.32
CA MET D 316 -11.21 -5.02 24.95
C MET D 316 -11.63 -5.23 23.50
N SER D 317 -11.36 -6.44 23.00
CA SER D 317 -11.71 -6.80 21.64
C SER D 317 -12.21 -8.24 21.64
N TYR D 318 -13.37 -8.47 21.03
CA TYR D 318 -13.98 -9.79 21.03
C TYR D 318 -13.68 -10.50 19.71
N SER D 319 -13.89 -11.82 19.71
CA SER D 319 -13.80 -12.65 18.51
C SER D 319 -15.11 -13.40 18.39
N LYS D 320 -15.99 -12.92 17.51
CA LYS D 320 -17.32 -13.50 17.36
C LYS D 320 -17.31 -14.61 16.31
N PHE D 321 -18.15 -15.61 16.53
CA PHE D 321 -18.24 -16.76 15.63
C PHE D 321 -19.59 -17.44 15.83
N LYS D 322 -19.94 -18.30 14.87
CA LYS D 322 -21.17 -19.07 14.97
C LYS D 322 -21.05 -20.10 16.09
N THR D 323 -22.18 -20.38 16.73
CA THR D 323 -22.19 -21.28 17.88
C THR D 323 -22.07 -22.74 17.46
N LYS D 324 -22.84 -23.14 16.44
CA LYS D 324 -22.88 -24.56 16.06
C LYS D 324 -21.53 -25.05 15.59
N SER D 325 -20.78 -24.22 14.86
CA SER D 325 -19.51 -24.65 14.31
C SER D 325 -18.51 -25.04 15.40
N LEU D 326 -18.60 -24.40 16.57
CA LEU D 326 -17.66 -24.67 17.63
C LEU D 326 -17.73 -26.12 18.08
N SER D 327 -16.57 -26.69 18.42
CA SER D 327 -16.51 -28.06 18.89
C SER D 327 -16.88 -28.14 20.37
N PHE D 328 -17.31 -29.33 20.78
CA PHE D 328 -17.79 -29.53 22.15
C PHE D 328 -16.71 -29.15 23.16
N LEU D 329 -15.49 -29.65 22.97
CA LEU D 329 -14.38 -29.30 23.85
C LEU D 329 -14.27 -27.79 24.02
N GLY D 330 -14.38 -27.06 22.91
CA GLY D 330 -14.33 -25.60 23.00
C GLY D 330 -15.44 -25.03 23.85
N THR D 331 -16.66 -25.54 23.69
CA THR D 331 -17.78 -25.06 24.51
C THR D 331 -17.51 -25.30 25.99
N PHE D 332 -17.02 -26.50 26.33
CA PHE D 332 -16.73 -26.81 27.72
C PHE D 332 -15.67 -25.86 28.29
N ILE D 333 -14.57 -25.67 27.55
CA ILE D 333 -13.52 -24.76 28.01
C ILE D 333 -14.07 -23.35 28.20
N LEU D 334 -14.90 -22.90 27.26
CA LEU D 334 -15.48 -21.56 27.37
C LEU D 334 -16.34 -21.44 28.62
N LYS D 335 -17.14 -22.48 28.91
CA LYS D 335 -17.95 -22.46 30.12
C LYS D 335 -17.09 -22.40 31.37
N VAL D 336 -15.99 -23.15 31.39
CA VAL D 336 -15.08 -23.10 32.54
C VAL D 336 -14.52 -21.71 32.73
N ALA D 337 -14.06 -21.10 31.63
CA ALA D 337 -13.50 -19.76 31.70
C ALA D 337 -14.53 -18.75 32.22
N GLU D 338 -15.75 -18.80 31.67
CA GLU D 338 -16.81 -17.93 32.14
C GLU D 338 -17.05 -18.12 33.63
N SER D 339 -17.08 -19.37 34.09
CA SER D 339 -17.25 -19.63 35.52
C SER D 339 -16.14 -18.98 36.33
N LEU D 340 -14.89 -19.09 35.85
CA LEU D 340 -13.75 -18.52 36.58
C LEU D 340 -13.72 -17.00 36.52
N GLN D 341 -14.56 -16.37 35.69
CA GLN D 341 -14.58 -14.92 35.56
C GLN D 341 -13.35 -14.38 34.84
N LEU D 342 -12.73 -15.20 34.00
CA LEU D 342 -11.57 -14.76 33.22
C LEU D 342 -11.98 -14.18 31.86
N VAL D 343 -12.98 -14.78 31.22
CA VAL D 343 -13.42 -14.40 29.88
C VAL D 343 -14.83 -13.84 29.96
N THR D 344 -15.01 -12.66 29.38
CA THR D 344 -16.35 -12.10 29.18
C THR D 344 -17.02 -12.83 28.03
N VAL D 345 -18.26 -13.27 28.23
CA VAL D 345 -19.02 -14.00 27.23
C VAL D 345 -20.34 -13.26 27.01
N HIS D 346 -20.68 -13.02 25.74
CA HIS D 346 -21.90 -12.32 25.37
C HIS D 346 -22.73 -13.18 24.42
N GLN D 347 -24.03 -12.92 24.39
CA GLN D 347 -24.95 -13.63 23.51
C GLN D 347 -26.09 -12.72 23.11
N THR D 356 -21.99 -15.29 19.11
CA THR D 356 -21.17 -15.94 20.13
C THR D 356 -19.90 -15.14 20.39
N GLU D 357 -20.06 -13.88 20.77
CA GLU D 357 -18.92 -13.02 21.04
C GLU D 357 -18.13 -13.53 22.24
N CYS D 358 -16.81 -13.44 22.15
CA CYS D 358 -15.91 -13.90 23.20
C CYS D 358 -14.73 -12.95 23.32
N ASN D 359 -14.29 -12.73 24.55
CA ASN D 359 -13.18 -11.81 24.80
C ASN D 359 -11.88 -12.42 24.29
N ASN D 360 -11.14 -11.66 23.49
CA ASN D 360 -9.82 -12.11 23.03
C ASN D 360 -8.95 -12.44 24.23
N MET D 361 -8.44 -13.67 24.27
CA MET D 361 -7.74 -14.17 25.45
C MET D 361 -6.26 -13.84 25.34
N THR D 362 -5.89 -12.67 25.84
CA THR D 362 -4.50 -12.29 26.02
C THR D 362 -4.41 -11.39 27.25
N LEU D 363 -3.25 -11.42 27.91
CA LEU D 363 -3.08 -10.68 29.15
C LEU D 363 -3.49 -9.22 29.02
N ILE D 364 -3.36 -8.65 27.81
CA ILE D 364 -3.77 -7.27 27.60
C ILE D 364 -5.28 -7.13 27.72
N ASN D 365 -6.02 -7.96 26.97
CA ASN D 365 -7.47 -7.94 27.08
C ASN D 365 -7.94 -8.30 28.49
N LEU D 366 -7.16 -9.10 29.23
CA LEU D 366 -7.55 -9.45 30.58
C LEU D 366 -7.37 -8.28 31.54
N LEU D 367 -6.25 -7.56 31.44
CA LEU D 367 -6.10 -6.34 32.23
C LEU D 367 -7.18 -5.32 31.87
N LEU D 368 -7.61 -5.27 30.61
CA LEU D 368 -8.68 -4.36 30.24
C LEU D 368 -10.04 -4.85 30.76
N LYS D 369 -10.23 -6.15 30.87
CA LYS D 369 -11.43 -6.70 31.50
C LYS D 369 -11.46 -6.38 32.99
N VAL D 370 -10.30 -6.34 33.63
CA VAL D 370 -10.24 -6.07 35.07
C VAL D 370 -10.39 -4.57 35.34
N LEU D 371 -9.82 -3.72 34.49
CA LEU D 371 -9.75 -2.29 34.77
C LEU D 371 -10.42 -1.45 33.69
N GLY D 372 -11.16 -2.05 32.77
CA GLY D 372 -11.87 -1.31 31.76
C GLY D 372 -10.93 -0.59 30.80
N PRO D 373 -11.40 0.51 30.21
CA PRO D 373 -10.58 1.21 29.21
C PRO D 373 -9.34 1.83 29.83
N ILE D 374 -8.22 1.68 29.12
CA ILE D 374 -6.94 2.27 29.52
C ILE D 374 -6.27 2.84 28.28
N HIS D 375 -5.55 3.94 28.46
CA HIS D 375 -4.79 4.53 27.37
C HIS D 375 -3.64 3.59 26.98
N GLU D 376 -3.17 3.74 25.73
CA GLU D 376 -2.11 2.86 25.23
C GLU D 376 -0.86 2.97 26.09
N ARG D 377 -0.36 4.18 26.28
CA ARG D 377 0.88 4.38 27.05
C ARG D 377 0.72 3.88 28.48
N ASN D 378 -0.39 4.26 29.13
CA ASN D 378 -0.60 3.81 30.51
C ASN D 378 -0.71 2.30 30.58
N LEU D 379 -1.30 1.66 29.57
CA LEU D 379 -1.43 0.20 29.60
C LEU D 379 -0.07 -0.46 29.45
N THR D 380 0.75 0.03 28.52
CA THR D 380 2.10 -0.49 28.38
C THR D 380 2.89 -0.34 29.67
N LEU D 381 2.86 0.85 30.27
CA LEU D 381 3.55 1.07 31.53
C LEU D 381 3.01 0.14 32.62
N LEU D 382 1.71 -0.12 32.61
CA LEU D 382 1.11 -1.02 33.60
C LEU D 382 1.65 -2.43 33.44
N LEU D 383 1.78 -2.91 32.20
CA LEU D 383 2.32 -4.25 31.97
C LEU D 383 3.79 -4.32 32.36
N LEU D 384 4.55 -3.25 32.10
CA LEU D 384 5.93 -3.20 32.59
C LEU D 384 5.98 -3.28 34.11
N LEU D 385 5.07 -2.56 34.78
CA LEU D 385 5.01 -2.60 36.24
C LEU D 385 4.73 -4.01 36.74
N LEU D 386 3.72 -4.66 36.17
CA LEU D 386 3.43 -6.04 36.55
C LEU D 386 4.63 -6.94 36.34
N GLN D 387 5.36 -6.75 35.23
CA GLN D 387 6.59 -7.51 35.00
C GLN D 387 7.59 -7.29 36.13
N ILE D 388 7.76 -6.04 36.56
CA ILE D 388 8.67 -5.76 37.66
C ILE D 388 8.24 -6.48 38.93
N LEU D 389 6.93 -6.49 39.20
CA LEU D 389 6.42 -7.21 40.36
C LEU D 389 6.78 -8.69 40.26
N GLY D 390 6.62 -9.27 39.07
CA GLY D 390 7.04 -10.66 38.88
C GLY D 390 8.50 -10.87 39.19
N SER D 391 9.36 -9.95 38.73
CA SER D 391 10.79 -10.06 39.00
C SER D 391 11.08 -9.97 40.49
N ALA D 392 10.38 -9.08 41.19
CA ALA D 392 10.57 -8.98 42.64
C ALA D 392 10.15 -10.24 43.36
N ILE D 393 9.03 -10.84 42.92
CA ILE D 393 8.62 -12.13 43.48
C ILE D 393 9.70 -13.17 43.24
N THR D 394 10.29 -13.18 42.05
CA THR D 394 11.35 -14.15 41.75
C THR D 394 12.53 -13.94 42.68
N PHE D 395 12.95 -12.69 42.87
CA PHE D 395 14.09 -12.42 43.76
C PHE D 395 13.79 -12.84 45.18
N SER D 396 12.59 -12.54 45.67
CA SER D 396 12.24 -12.88 47.06
C SER D 396 12.18 -14.38 47.25
N ILE D 397 11.60 -15.11 46.30
CA ILE D 397 11.55 -16.58 46.41
C ILE D 397 12.96 -17.15 46.36
N ARG D 398 13.78 -16.68 45.41
CA ARG D 398 15.13 -17.23 45.24
C ARG D 398 15.99 -16.97 46.47
N TYR D 399 15.93 -15.77 47.03
CA TYR D 399 16.88 -15.33 48.05
C TYR D 399 16.26 -15.18 49.43
N GLN D 400 14.97 -15.45 49.59
CA GLN D 400 14.30 -15.33 50.89
C GLN D 400 14.47 -13.92 51.46
N LEU D 401 14.09 -12.93 50.66
CA LEU D 401 14.23 -11.54 51.08
C LEU D 401 13.35 -10.64 50.22
#